data_3GKQ
#
_entry.id   3GKQ
#
_cell.length_a   117.147
_cell.length_b   159.019
_cell.length_c   167.774
_cell.angle_alpha   90.00
_cell.angle_beta   94.45
_cell.angle_gamma   90.00
#
_symmetry.space_group_name_H-M   'P 1 21 1'
#
loop_
_entity.id
_entity.type
_entity.pdbx_description
1 polymer 'Terminal oxygenase component of carbazole 1,9a-dioxygenase'
2 non-polymer 'FE (II) ION'
3 non-polymer 'FE2/S2 (INORGANIC) CLUSTER'
4 water water
#
_entity_poly.entity_id   1
_entity_poly.type   'polypeptide(L)'
_entity_poly.pdbx_seq_one_letter_code
;MQTASVPAGIAERRTRAWAPYIDAKLGFRNHWYPVRLSAEVAEASPVPVQLLGEKVLLNRVDGVVHAIADRCLHRGVTLS
DKVECYSKATISCWYHGWTYRWDNGKLVDILTNPTSVQIGRHALKTYPVREEKGLVFLFVGDQEPHDLAEDVPPGFLDAD
LAVHGQHRVVDANWRMGVENGFDAGHVFIHKSSILLDGNDIALPLGFAPGDPEQLTRSVTGEGAPKGVFDLLGEHSVPIF
EATIEGQPAIQGHMGSKMVAISISVWLPGVLKVDPFPDPTLTQFEWYVPIDEGHHLYLQMLGRRVGSEEEARSFEAEFRE
KWVELALNGFNDDDILARRSMEPFYADDRGWREEVLFESDRAIIEWRRLASQYNRGIQTRDVRHHHHHH
;
_entity_poly.pdbx_strand_id   A,B,C,D,E,F
#
# COMPACT_ATOMS: atom_id res chain seq x y z
N ALA A 8 5.64 9.39 17.43
CA ALA A 8 5.69 10.44 18.49
C ALA A 8 6.72 11.51 18.13
N GLY A 9 6.37 12.77 18.36
CA GLY A 9 7.27 13.86 18.05
C GLY A 9 8.46 13.82 18.98
N ILE A 10 8.24 13.24 20.16
CA ILE A 10 9.31 13.12 21.15
C ILE A 10 10.37 12.16 20.64
N ALA A 11 9.94 11.11 19.95
CA ALA A 11 10.84 10.11 19.40
C ALA A 11 11.62 10.68 18.21
N GLU A 12 10.91 11.39 17.34
CA GLU A 12 11.55 12.00 16.17
C GLU A 12 12.67 12.93 16.64
N ARG A 13 12.36 13.80 17.58
CA ARG A 13 13.35 14.74 18.10
C ARG A 13 14.52 14.04 18.76
N ARG A 14 14.23 12.96 19.46
CA ARG A 14 15.27 12.21 20.14
C ARG A 14 16.22 11.45 19.21
N THR A 15 15.68 10.85 18.15
CA THR A 15 16.50 10.07 17.23
C THR A 15 17.00 10.85 16.01
N ARG A 16 16.57 12.09 15.88
CA ARG A 16 16.94 12.96 14.77
C ARG A 16 18.41 12.92 14.37
N ALA A 17 19.30 13.16 15.32
CA ALA A 17 20.74 13.17 15.05
C ALA A 17 21.33 11.87 14.53
N TRP A 18 20.61 10.75 14.65
CA TRP A 18 21.14 9.50 14.13
C TRP A 18 20.17 8.72 13.27
N ALA A 19 19.30 9.44 12.55
CA ALA A 19 18.33 8.81 11.66
C ALA A 19 19.01 7.97 10.57
N PRO A 20 20.13 8.47 10.00
CA PRO A 20 20.81 7.70 8.95
C PRO A 20 21.27 6.34 9.47
N TYR A 21 21.77 6.32 10.71
CA TYR A 21 22.24 5.09 11.34
C TYR A 21 21.07 4.12 11.44
N ILE A 22 19.91 4.64 11.78
CA ILE A 22 18.71 3.81 11.88
C ILE A 22 18.38 3.15 10.54
N ASP A 23 18.64 3.86 9.45
CA ASP A 23 18.36 3.32 8.12
C ASP A 23 19.45 2.41 7.57
N ALA A 24 20.64 2.46 8.18
CA ALA A 24 21.79 1.67 7.72
C ALA A 24 21.78 0.19 8.11
N LYS A 25 20.67 -0.49 7.82
CA LYS A 25 20.55 -1.90 8.16
C LYS A 25 21.56 -2.77 7.41
N LEU A 26 21.97 -2.33 6.23
CA LEU A 26 22.92 -3.10 5.43
C LEU A 26 24.34 -2.54 5.50
N GLY A 27 24.56 -1.57 6.39
CA GLY A 27 25.88 -1.00 6.53
C GLY A 27 26.13 0.26 5.74
N PHE A 28 27.38 0.72 5.76
CA PHE A 28 27.76 1.92 5.06
C PHE A 28 28.52 1.65 3.76
N ARG A 29 28.05 2.26 2.68
CA ARG A 29 28.67 2.09 1.37
C ARG A 29 29.85 3.06 1.24
N ASN A 30 30.79 2.69 0.37
CA ASN A 30 31.99 3.48 0.11
C ASN A 30 33.02 3.43 1.25
N HIS A 31 33.22 2.23 1.79
CA HIS A 31 34.18 2.00 2.86
C HIS A 31 34.84 0.64 2.65
N TRP A 32 36.00 0.44 3.27
CA TRP A 32 36.73 -0.82 3.17
C TRP A 32 36.22 -1.76 4.27
N TYR A 33 36.13 -3.04 3.93
CA TYR A 33 35.67 -4.05 4.87
C TYR A 33 36.50 -5.32 4.71
N PRO A 34 36.94 -5.93 5.82
CA PRO A 34 37.72 -7.17 5.73
C PRO A 34 36.70 -8.29 5.55
N VAL A 35 36.99 -9.27 4.70
CA VAL A 35 36.03 -10.35 4.48
C VAL A 35 36.54 -11.75 4.74
N ARG A 36 37.86 -11.92 4.70
CA ARG A 36 38.44 -13.24 4.91
C ARG A 36 39.91 -13.14 5.34
N LEU A 37 40.44 -14.20 5.93
CA LEU A 37 41.83 -14.22 6.34
C LEU A 37 42.63 -14.58 5.09
N SER A 38 43.82 -13.99 4.94
CA SER A 38 44.65 -14.25 3.77
C SER A 38 44.80 -15.74 3.45
N ALA A 39 45.01 -16.53 4.49
CA ALA A 39 45.18 -17.98 4.33
C ALA A 39 43.97 -18.68 3.71
N GLU A 40 42.80 -18.08 3.82
CA GLU A 40 41.58 -18.67 3.28
C GLU A 40 41.41 -18.38 1.79
N VAL A 41 42.23 -17.47 1.28
CA VAL A 41 42.17 -17.11 -0.14
C VAL A 41 43.49 -17.57 -0.77
N ALA A 42 43.52 -18.85 -1.15
CA ALA A 42 44.72 -19.44 -1.73
C ALA A 42 44.84 -19.28 -3.25
N GLU A 43 46.06 -19.49 -3.74
CA GLU A 43 46.36 -19.39 -5.17
C GLU A 43 45.44 -20.31 -5.97
N ALA A 44 44.87 -19.77 -7.05
CA ALA A 44 43.98 -20.54 -7.91
C ALA A 44 42.92 -21.35 -7.18
N SER A 45 42.37 -20.79 -6.11
CA SER A 45 41.33 -21.50 -5.35
C SER A 45 40.20 -20.51 -5.00
N PRO A 46 39.33 -20.18 -5.97
CA PRO A 46 38.21 -19.25 -5.82
C PRO A 46 37.36 -19.49 -4.57
N VAL A 47 37.06 -18.39 -3.86
CA VAL A 47 36.26 -18.45 -2.65
C VAL A 47 35.12 -17.42 -2.67
N PRO A 48 33.87 -17.86 -2.54
CA PRO A 48 32.77 -16.90 -2.54
C PRO A 48 32.53 -16.29 -1.16
N VAL A 49 32.13 -15.02 -1.13
CA VAL A 49 31.83 -14.33 0.11
C VAL A 49 30.65 -13.39 -0.15
N GLN A 50 30.05 -12.91 0.93
CA GLN A 50 28.94 -11.96 0.80
C GLN A 50 29.10 -10.90 1.86
N LEU A 51 29.07 -9.64 1.46
CA LEU A 51 29.17 -8.54 2.41
C LEU A 51 28.25 -7.42 1.93
N LEU A 52 27.57 -6.80 2.88
CA LEU A 52 26.63 -5.73 2.57
C LEU A 52 25.59 -6.15 1.53
N GLY A 53 25.20 -7.42 1.58
CA GLY A 53 24.20 -7.95 0.67
C GLY A 53 24.70 -8.27 -0.74
N GLU A 54 25.97 -8.02 -1.01
CA GLU A 54 26.53 -8.28 -2.34
C GLU A 54 27.35 -9.57 -2.38
N LYS A 55 27.11 -10.39 -3.39
CA LYS A 55 27.83 -11.65 -3.53
C LYS A 55 29.09 -11.44 -4.38
N VAL A 56 30.24 -11.76 -3.79
CA VAL A 56 31.52 -11.57 -4.44
C VAL A 56 32.32 -12.87 -4.53
N LEU A 57 33.14 -12.99 -5.57
CA LEU A 57 33.96 -14.18 -5.76
C LEU A 57 35.43 -13.75 -5.70
N LEU A 58 36.19 -14.36 -4.80
CA LEU A 58 37.61 -14.03 -4.65
C LEU A 58 38.51 -15.12 -5.22
N ASN A 59 39.70 -14.72 -5.64
CA ASN A 59 40.69 -15.67 -6.15
C ASN A 59 42.05 -15.03 -6.11
N ARG A 60 43.07 -15.86 -5.94
CA ARG A 60 44.45 -15.39 -5.88
C ARG A 60 45.17 -15.91 -7.13
N VAL A 61 45.62 -14.97 -7.95
CA VAL A 61 46.33 -15.30 -9.19
C VAL A 61 47.71 -14.68 -9.14
N ASP A 62 48.74 -15.53 -9.19
CA ASP A 62 50.12 -15.07 -9.12
C ASP A 62 50.30 -14.25 -7.85
N GLY A 63 49.79 -14.79 -6.75
CA GLY A 63 49.92 -14.13 -5.46
C GLY A 63 49.04 -12.91 -5.23
N VAL A 64 48.33 -12.44 -6.26
CA VAL A 64 47.49 -11.26 -6.11
C VAL A 64 46.00 -11.60 -6.00
N VAL A 65 45.35 -11.05 -4.97
CA VAL A 65 43.92 -11.30 -4.74
C VAL A 65 43.04 -10.42 -5.63
N HIS A 66 42.09 -11.05 -6.30
CA HIS A 66 41.15 -10.32 -7.15
C HIS A 66 39.74 -10.61 -6.66
N ALA A 67 38.82 -9.68 -6.91
CA ALA A 67 37.44 -9.83 -6.49
C ALA A 67 36.48 -9.36 -7.57
N ILE A 68 35.53 -10.22 -7.93
CA ILE A 68 34.54 -9.91 -8.95
C ILE A 68 33.14 -10.26 -8.45
N ALA A 69 32.13 -9.66 -9.07
CA ALA A 69 30.75 -9.94 -8.72
C ALA A 69 30.52 -11.43 -8.99
N ASP A 70 29.91 -12.13 -8.04
CA ASP A 70 29.66 -13.56 -8.18
C ASP A 70 28.34 -13.87 -8.89
N ARG A 71 28.20 -13.35 -10.10
CA ARG A 71 27.00 -13.56 -10.90
C ARG A 71 27.27 -13.34 -12.37
N CYS A 72 26.90 -14.31 -13.19
CA CYS A 72 27.11 -14.22 -14.64
C CYS A 72 26.17 -13.19 -15.25
N LEU A 73 26.68 -12.42 -16.20
CA LEU A 73 25.90 -11.39 -16.87
C LEU A 73 24.85 -11.96 -17.81
N HIS A 74 25.04 -13.20 -18.22
CA HIS A 74 24.13 -13.87 -19.16
C HIS A 74 22.74 -14.18 -18.60
N ARG A 75 22.64 -15.21 -17.78
CA ARG A 75 21.36 -15.62 -17.21
C ARG A 75 21.33 -15.42 -15.69
N GLY A 76 22.30 -14.68 -15.19
CA GLY A 76 22.36 -14.38 -13.77
C GLY A 76 22.66 -15.49 -12.79
N VAL A 77 23.26 -16.60 -13.23
CA VAL A 77 23.57 -17.67 -12.31
C VAL A 77 24.75 -17.26 -11.42
N THR A 78 24.91 -17.97 -10.32
CA THR A 78 26.01 -17.70 -9.40
C THR A 78 27.22 -18.48 -9.92
N LEU A 79 28.27 -17.77 -10.30
CA LEU A 79 29.47 -18.43 -10.83
C LEU A 79 30.05 -19.47 -9.89
N SER A 80 30.15 -19.13 -8.60
CA SER A 80 30.71 -20.03 -7.60
C SER A 80 29.92 -21.31 -7.34
N ASP A 81 28.74 -21.45 -7.96
CA ASP A 81 27.97 -22.67 -7.79
C ASP A 81 28.73 -23.85 -8.41
N LYS A 82 29.62 -23.55 -9.35
CA LYS A 82 30.46 -24.56 -10.01
C LYS A 82 31.63 -23.88 -10.70
N VAL A 83 32.67 -23.61 -9.93
CA VAL A 83 33.85 -22.92 -10.44
C VAL A 83 34.57 -23.71 -11.53
N GLU A 84 34.79 -23.07 -12.66
CA GLU A 84 35.49 -23.66 -13.80
C GLU A 84 36.44 -22.61 -14.38
N CYS A 85 37.74 -22.89 -14.33
CA CYS A 85 38.75 -21.97 -14.86
C CYS A 85 39.58 -22.73 -15.90
N TYR A 86 39.64 -22.20 -17.12
CA TYR A 86 40.38 -22.86 -18.19
C TYR A 86 41.63 -22.12 -18.67
N SER A 87 41.95 -21.03 -17.97
CA SER A 87 43.13 -20.23 -18.24
C SER A 87 43.43 -19.59 -16.90
N LYS A 88 44.71 -19.36 -16.62
CA LYS A 88 45.15 -18.77 -15.37
C LYS A 88 44.47 -17.47 -14.98
N ALA A 89 44.27 -16.60 -15.97
CA ALA A 89 43.68 -15.28 -15.72
C ALA A 89 42.16 -15.17 -15.78
N THR A 90 41.47 -16.28 -16.05
CA THR A 90 40.02 -16.19 -16.17
C THR A 90 39.21 -17.28 -15.49
N ILE A 91 37.90 -17.06 -15.49
CA ILE A 91 36.93 -18.00 -14.95
C ILE A 91 35.86 -18.08 -16.03
N SER A 92 35.36 -19.28 -16.30
CA SER A 92 34.33 -19.46 -17.31
C SER A 92 33.06 -19.95 -16.62
N CYS A 93 31.94 -19.29 -16.92
CA CYS A 93 30.67 -19.68 -16.33
C CYS A 93 30.38 -21.12 -16.71
N TRP A 94 29.92 -21.89 -15.73
CA TRP A 94 29.60 -23.29 -15.91
C TRP A 94 28.39 -23.57 -16.78
N TYR A 95 27.60 -22.54 -17.09
CA TYR A 95 26.40 -22.75 -17.88
C TYR A 95 26.63 -22.65 -19.40
N HIS A 96 27.05 -21.48 -19.88
CA HIS A 96 27.29 -21.30 -21.31
C HIS A 96 28.72 -20.83 -21.62
N GLY A 97 29.62 -21.02 -20.66
CA GLY A 97 31.01 -20.66 -20.85
C GLY A 97 31.42 -19.22 -21.07
N TRP A 98 30.60 -18.24 -20.65
CA TRP A 98 31.02 -16.85 -20.82
C TRP A 98 32.26 -16.78 -19.93
N THR A 99 33.35 -16.24 -20.48
CA THR A 99 34.63 -16.17 -19.78
C THR A 99 35.10 -14.77 -19.42
N TYR A 100 35.40 -14.58 -18.13
CA TYR A 100 35.82 -13.28 -17.62
C TYR A 100 37.20 -13.29 -16.97
N ARG A 101 37.92 -12.18 -17.08
CA ARG A 101 39.23 -12.07 -16.45
C ARG A 101 39.05 -11.64 -15.00
N TRP A 102 39.85 -12.21 -14.11
CA TRP A 102 39.78 -11.87 -12.70
C TRP A 102 40.21 -10.44 -12.40
N ASP A 103 41.25 -9.97 -13.09
CA ASP A 103 41.75 -8.63 -12.82
C ASP A 103 40.85 -7.46 -13.22
N ASN A 104 40.06 -7.62 -14.28
CA ASN A 104 39.19 -6.53 -14.70
C ASN A 104 37.75 -6.93 -14.99
N GLY A 105 37.41 -8.19 -14.73
CA GLY A 105 36.06 -8.67 -14.96
C GLY A 105 35.57 -8.68 -16.40
N LYS A 106 36.43 -8.30 -17.34
CA LYS A 106 36.03 -8.24 -18.76
C LYS A 106 35.64 -9.58 -19.40
N LEU A 107 34.56 -9.54 -20.17
CA LEU A 107 34.09 -10.72 -20.90
C LEU A 107 35.00 -10.80 -22.12
N VAL A 108 36.04 -11.62 -22.02
CA VAL A 108 37.03 -11.76 -23.08
C VAL A 108 36.77 -12.88 -24.09
N ASP A 109 35.93 -13.84 -23.72
CA ASP A 109 35.62 -14.95 -24.61
C ASP A 109 34.30 -15.60 -24.21
N ILE A 110 33.73 -16.36 -25.15
CA ILE A 110 32.51 -17.11 -24.90
C ILE A 110 32.75 -18.47 -25.57
N LEU A 111 33.19 -19.41 -24.76
CA LEU A 111 33.51 -20.77 -25.21
C LEU A 111 32.47 -21.45 -26.10
N THR A 112 31.19 -21.19 -25.82
CA THR A 112 30.11 -21.81 -26.59
C THR A 112 29.73 -21.08 -27.88
N ASN A 113 30.39 -19.95 -28.15
CA ASN A 113 30.12 -19.19 -29.37
C ASN A 113 31.18 -18.11 -29.53
N PRO A 114 32.37 -18.49 -30.04
CA PRO A 114 33.50 -17.59 -30.26
C PRO A 114 33.22 -16.43 -31.21
N THR A 115 32.10 -16.50 -31.93
CA THR A 115 31.75 -15.42 -32.87
C THR A 115 30.71 -14.45 -32.32
N SER A 116 30.27 -14.67 -31.08
CA SER A 116 29.26 -13.79 -30.49
C SER A 116 29.67 -12.33 -30.44
N VAL A 117 28.73 -11.47 -30.79
CA VAL A 117 28.94 -10.03 -30.78
C VAL A 117 29.04 -9.47 -29.35
N GLN A 118 28.61 -10.26 -28.38
CA GLN A 118 28.64 -9.83 -26.98
C GLN A 118 30.06 -9.83 -26.42
N ILE A 119 30.94 -10.62 -27.02
CA ILE A 119 32.32 -10.70 -26.55
C ILE A 119 32.99 -9.33 -26.56
N GLY A 120 33.66 -9.01 -25.45
CA GLY A 120 34.34 -7.73 -25.36
C GLY A 120 33.46 -6.52 -25.10
N ARG A 121 32.15 -6.73 -25.00
CA ARG A 121 31.23 -5.60 -24.78
C ARG A 121 30.71 -5.50 -23.36
N HIS A 122 31.19 -6.37 -22.46
CA HIS A 122 30.70 -6.35 -21.10
C HIS A 122 31.81 -6.67 -20.11
N ALA A 123 31.54 -6.37 -18.84
CA ALA A 123 32.50 -6.64 -17.78
C ALA A 123 31.77 -6.77 -16.45
N LEU A 124 32.17 -7.77 -15.68
CA LEU A 124 31.62 -8.02 -14.36
C LEU A 124 32.15 -6.87 -13.51
N LYS A 125 31.43 -6.54 -12.44
CA LYS A 125 31.91 -5.47 -11.56
C LYS A 125 33.08 -6.05 -10.77
N THR A 126 34.11 -5.24 -10.56
CA THR A 126 35.26 -5.68 -9.79
C THR A 126 35.30 -4.85 -8.51
N TYR A 127 35.89 -5.40 -7.46
CA TYR A 127 36.00 -4.69 -6.18
C TYR A 127 37.45 -4.42 -5.84
N PRO A 128 37.78 -3.17 -5.50
CA PRO A 128 39.18 -2.88 -5.15
C PRO A 128 39.55 -3.78 -3.97
N VAL A 129 40.80 -4.23 -3.96
CA VAL A 129 41.28 -5.11 -2.89
C VAL A 129 42.54 -4.57 -2.23
N ARG A 130 42.66 -4.83 -0.94
CA ARG A 130 43.82 -4.45 -0.14
C ARG A 130 44.04 -5.62 0.79
N GLU A 131 45.28 -6.05 0.93
CA GLU A 131 45.59 -7.17 1.79
C GLU A 131 46.63 -6.73 2.80
N GLU A 132 46.23 -6.64 4.06
CA GLU A 132 47.13 -6.20 5.12
C GLU A 132 46.85 -6.96 6.41
N LYS A 133 47.88 -7.13 7.23
CA LYS A 133 47.75 -7.80 8.51
C LYS A 133 47.02 -9.14 8.45
N GLY A 134 47.25 -9.89 7.38
CA GLY A 134 46.62 -11.19 7.25
C GLY A 134 45.14 -11.15 6.90
N LEU A 135 44.67 -10.00 6.44
CA LEU A 135 43.26 -9.86 6.08
C LEU A 135 43.07 -9.33 4.66
N VAL A 136 42.02 -9.78 4.00
CA VAL A 136 41.71 -9.31 2.66
C VAL A 136 40.55 -8.32 2.79
N PHE A 137 40.82 -7.05 2.47
CA PHE A 137 39.80 -6.01 2.54
C PHE A 137 39.25 -5.72 1.15
N LEU A 138 37.94 -5.47 1.08
CA LEU A 138 37.29 -5.13 -0.18
C LEU A 138 36.67 -3.76 -0.03
N PHE A 139 36.69 -2.96 -1.10
CA PHE A 139 36.06 -1.65 -1.05
C PHE A 139 34.70 -1.80 -1.71
N VAL A 140 33.64 -1.48 -0.99
CA VAL A 140 32.29 -1.59 -1.52
C VAL A 140 31.75 -0.19 -1.73
N GLY A 141 31.65 0.21 -2.99
CA GLY A 141 31.17 1.55 -3.30
C GLY A 141 31.31 1.89 -4.76
N ASP A 142 30.97 3.13 -5.12
CA ASP A 142 31.03 3.58 -6.50
C ASP A 142 32.09 4.66 -6.73
N GLN A 143 32.63 5.21 -5.64
CA GLN A 143 33.63 6.25 -5.78
C GLN A 143 35.04 5.68 -5.61
N GLU A 144 36.03 6.48 -5.99
CA GLU A 144 37.42 6.08 -5.87
C GLU A 144 37.73 5.83 -4.40
N PRO A 145 38.43 4.72 -4.12
CA PRO A 145 38.79 4.36 -2.75
C PRO A 145 39.75 5.33 -2.08
N HIS A 146 39.49 5.63 -0.81
CA HIS A 146 40.36 6.49 -0.03
C HIS A 146 41.35 5.51 0.59
N ASP A 147 42.29 5.99 1.39
CA ASP A 147 43.28 5.12 2.03
C ASP A 147 42.61 4.15 2.99
N LEU A 148 43.10 2.91 3.00
CA LEU A 148 42.57 1.89 3.89
C LEU A 148 42.71 2.33 5.34
N ALA A 149 43.76 3.09 5.62
CA ALA A 149 44.04 3.59 6.96
C ALA A 149 42.89 4.41 7.54
N GLU A 150 42.07 5.00 6.68
CA GLU A 150 40.94 5.80 7.14
C GLU A 150 39.78 4.93 7.65
N ASP A 151 39.78 3.66 7.29
CA ASP A 151 38.71 2.74 7.70
C ASP A 151 39.08 1.67 8.72
N VAL A 152 40.22 1.83 9.39
CA VAL A 152 40.64 0.88 10.42
C VAL A 152 41.08 1.68 11.64
N PRO A 153 41.06 1.07 12.84
CA PRO A 153 41.47 1.80 14.04
C PRO A 153 42.91 2.31 14.00
N PRO A 154 43.21 3.38 14.74
CA PRO A 154 44.56 3.94 14.77
C PRO A 154 45.55 2.87 15.21
N GLY A 155 46.67 2.77 14.48
CA GLY A 155 47.70 1.81 14.83
C GLY A 155 47.54 0.39 14.32
N PHE A 156 46.40 0.08 13.72
CA PHE A 156 46.19 -1.28 13.22
C PHE A 156 47.20 -1.64 12.12
N LEU A 157 47.57 -0.66 11.31
CA LEU A 157 48.50 -0.90 10.22
C LEU A 157 49.97 -0.61 10.55
N ASP A 158 50.28 -0.43 11.84
CA ASP A 158 51.67 -0.18 12.21
C ASP A 158 52.56 -1.32 11.73
N ALA A 159 53.72 -0.96 11.19
CA ALA A 159 54.66 -1.94 10.66
C ALA A 159 55.05 -3.05 11.64
N ASP A 160 55.27 -2.68 12.90
CA ASP A 160 55.69 -3.65 13.92
C ASP A 160 54.57 -4.38 14.64
N LEU A 161 53.34 -4.23 14.16
CA LEU A 161 52.20 -4.89 14.80
C LEU A 161 51.91 -6.26 14.19
N ALA A 162 52.16 -7.31 14.96
CA ALA A 162 51.88 -8.67 14.51
C ALA A 162 50.40 -8.90 14.77
N VAL A 163 49.68 -9.39 13.77
CA VAL A 163 48.24 -9.60 13.92
C VAL A 163 47.76 -11.00 13.53
N HIS A 164 46.84 -11.53 14.33
CA HIS A 164 46.22 -12.83 14.10
C HIS A 164 44.75 -12.70 14.51
N GLY A 165 43.90 -13.55 13.95
CA GLY A 165 42.49 -13.46 14.30
C GLY A 165 41.64 -14.60 13.80
N GLN A 166 40.34 -14.47 14.03
CA GLN A 166 39.36 -15.46 13.60
C GLN A 166 38.02 -14.76 13.36
N HIS A 167 37.13 -15.41 12.63
CA HIS A 167 35.82 -14.83 12.37
C HIS A 167 34.73 -15.88 12.45
N ARG A 168 33.50 -15.42 12.68
CA ARG A 168 32.35 -16.31 12.78
C ARG A 168 31.13 -15.50 12.32
N VAL A 169 30.12 -16.19 11.81
CA VAL A 169 28.92 -15.50 11.39
C VAL A 169 28.01 -15.43 12.60
N VAL A 170 27.45 -14.25 12.86
CA VAL A 170 26.56 -14.06 13.98
C VAL A 170 25.14 -13.80 13.48
N ASP A 171 24.15 -14.43 14.10
CA ASP A 171 22.76 -14.26 13.70
C ASP A 171 22.13 -12.97 14.21
N ALA A 172 22.69 -11.84 13.80
CA ALA A 172 22.15 -10.56 14.20
C ALA A 172 22.66 -9.49 13.25
N ASN A 173 21.94 -8.38 13.19
CA ASN A 173 22.33 -7.25 12.36
C ASN A 173 23.68 -6.76 12.86
N TRP A 174 24.49 -6.24 11.95
CA TRP A 174 25.82 -5.75 12.30
C TRP A 174 25.81 -4.70 13.40
N ARG A 175 24.78 -3.87 13.44
CA ARG A 175 24.71 -2.83 14.46
C ARG A 175 24.63 -3.37 15.87
N MET A 176 24.04 -4.55 16.04
CA MET A 176 23.96 -5.15 17.36
C MET A 176 25.38 -5.46 17.84
N GLY A 177 26.25 -5.79 16.89
CA GLY A 177 27.63 -6.08 17.20
C GLY A 177 28.37 -4.84 17.65
N VAL A 178 28.20 -3.75 16.90
CA VAL A 178 28.87 -2.49 17.23
C VAL A 178 28.31 -1.92 18.53
N GLU A 179 26.98 -1.95 18.67
CA GLU A 179 26.33 -1.45 19.87
C GLU A 179 26.91 -2.19 21.08
N ASN A 180 26.90 -3.53 21.02
CA ASN A 180 27.43 -4.36 22.09
C ASN A 180 28.93 -4.12 22.33
N GLY A 181 29.69 -4.02 21.25
CA GLY A 181 31.12 -3.79 21.39
C GLY A 181 31.52 -2.50 22.08
N PHE A 182 30.89 -1.39 21.70
CA PHE A 182 31.20 -0.09 22.27
C PHE A 182 30.30 0.31 23.46
N ASP A 183 29.86 -0.68 24.22
CA ASP A 183 29.01 -0.46 25.40
C ASP A 183 29.84 -0.66 26.67
N ALA A 184 29.89 0.35 27.54
CA ALA A 184 30.69 0.26 28.78
C ALA A 184 30.07 -0.49 29.96
N GLY A 185 28.75 -0.51 30.04
CA GLY A 185 28.11 -1.22 31.14
C GLY A 185 27.91 -2.68 30.84
N HIS A 186 28.33 -3.13 29.66
CA HIS A 186 28.11 -4.52 29.33
C HIS A 186 29.05 -5.52 29.99
N VAL A 187 30.13 -5.04 30.61
CA VAL A 187 31.07 -5.96 31.25
C VAL A 187 30.38 -6.90 32.26
N PHE A 188 29.19 -6.52 32.69
CA PHE A 188 28.39 -7.32 33.63
C PHE A 188 28.19 -8.74 33.07
N ILE A 189 28.00 -8.84 31.75
CA ILE A 189 27.79 -10.15 31.13
C ILE A 189 29.05 -11.01 31.14
N HIS A 190 30.20 -10.38 31.36
CA HIS A 190 31.46 -11.11 31.38
C HIS A 190 31.94 -11.48 32.79
N LYS A 191 31.14 -11.20 33.82
CA LYS A 191 31.54 -11.48 35.19
C LYS A 191 31.90 -12.92 35.54
N SER A 192 31.49 -13.87 34.70
CA SER A 192 31.80 -15.29 34.95
C SER A 192 32.81 -15.87 33.97
N SER A 193 33.44 -15.00 33.17
CA SER A 193 34.40 -15.45 32.16
C SER A 193 35.63 -16.15 32.74
N ILE A 194 36.05 -17.23 32.09
CA ILE A 194 37.22 -17.98 32.53
C ILE A 194 38.49 -17.15 32.38
N LEU A 195 38.42 -16.08 31.58
CA LEU A 195 39.56 -15.21 31.38
C LEU A 195 39.96 -14.45 32.64
N LEU A 196 38.98 -14.17 33.50
CA LEU A 196 39.21 -13.42 34.73
C LEU A 196 40.24 -14.08 35.65
N ASP A 197 39.94 -15.27 36.13
CA ASP A 197 40.89 -15.98 37.00
C ASP A 197 42.04 -16.44 36.12
N GLY A 198 41.71 -16.85 34.90
CA GLY A 198 42.70 -17.33 33.96
C GLY A 198 43.84 -16.37 33.64
N ASN A 199 43.65 -15.08 33.85
CA ASN A 199 44.71 -14.13 33.55
C ASN A 199 44.78 -12.99 34.55
N ASP A 200 44.28 -13.23 35.76
CA ASP A 200 44.30 -12.24 36.83
C ASP A 200 43.86 -10.86 36.36
N ILE A 201 42.75 -10.82 35.63
CA ILE A 201 42.21 -9.57 35.10
C ILE A 201 41.30 -8.86 36.09
N ALA A 202 41.44 -7.54 36.19
CA ALA A 202 40.57 -6.78 37.06
C ALA A 202 39.37 -6.35 36.22
N LEU A 203 38.20 -6.91 36.53
CA LEU A 203 36.98 -6.58 35.79
C LEU A 203 35.86 -6.20 36.75
N PRO A 204 35.47 -4.93 36.73
CA PRO A 204 34.39 -4.46 37.62
C PRO A 204 33.03 -4.90 37.10
N LEU A 205 31.99 -4.59 37.88
CA LEU A 205 30.62 -4.93 37.49
C LEU A 205 30.13 -3.85 36.54
N GLY A 206 30.47 -2.60 36.86
CA GLY A 206 30.06 -1.45 36.05
C GLY A 206 30.82 -0.18 36.39
N PHE A 207 30.17 0.97 36.22
CA PHE A 207 30.80 2.27 36.48
C PHE A 207 29.81 3.36 36.93
N ALA A 208 30.30 4.31 37.73
CA ALA A 208 29.48 5.44 38.20
C ALA A 208 30.09 6.68 37.53
N PRO A 209 29.70 6.93 36.27
CA PRO A 209 30.16 8.06 35.43
C PRO A 209 30.13 9.47 36.01
N GLY A 210 31.03 10.31 35.50
CA GLY A 210 31.09 11.69 35.94
C GLY A 210 30.29 12.54 34.98
N ASP A 211 30.80 13.74 34.70
CA ASP A 211 30.13 14.66 33.78
C ASP A 211 29.92 14.00 32.43
N PRO A 212 28.66 13.96 31.95
CA PRO A 212 28.37 13.35 30.65
C PRO A 212 29.18 13.94 29.50
N GLU A 213 29.69 15.16 29.72
CA GLU A 213 30.47 15.84 28.69
C GLU A 213 31.93 15.42 28.53
N GLN A 214 32.51 14.75 29.53
CA GLN A 214 33.90 14.30 29.37
C GLN A 214 33.99 12.78 29.35
N LEU A 215 32.85 12.14 29.10
CA LEU A 215 32.79 10.68 29.04
C LEU A 215 33.26 10.19 27.68
N THR A 216 33.29 11.07 26.70
CA THR A 216 33.71 10.69 25.36
C THR A 216 34.49 11.81 24.69
N ARG A 217 35.18 11.43 23.61
CA ARG A 217 35.95 12.36 22.80
C ARG A 217 35.79 11.88 21.36
N SER A 218 35.42 12.78 20.47
CA SER A 218 35.24 12.42 19.07
C SER A 218 36.40 12.92 18.22
N VAL A 219 36.68 12.18 17.15
CA VAL A 219 37.75 12.51 16.21
C VAL A 219 37.07 12.55 14.85
N THR A 220 37.04 13.72 14.23
CA THR A 220 36.37 13.86 12.94
C THR A 220 37.16 14.57 11.84
N GLY A 221 38.47 14.68 12.03
CA GLY A 221 39.30 15.33 11.03
C GLY A 221 39.37 14.54 9.73
N GLU A 222 39.72 15.21 8.64
CA GLU A 222 39.84 14.53 7.35
C GLU A 222 41.23 13.95 7.19
N GLY A 223 41.34 12.87 6.40
CA GLY A 223 42.63 12.25 6.18
C GLY A 223 42.97 11.09 7.10
N ALA A 224 42.25 10.98 8.22
CA ALA A 224 42.48 9.91 9.19
C ALA A 224 41.15 9.28 9.60
N PRO A 225 41.19 8.12 10.27
CA PRO A 225 39.94 7.46 10.68
C PRO A 225 39.10 8.32 11.63
N LYS A 226 37.79 8.18 11.55
CA LYS A 226 36.88 8.94 12.39
C LYS A 226 36.20 8.00 13.38
N GLY A 227 36.18 8.39 14.64
CA GLY A 227 35.58 7.53 15.64
C GLY A 227 35.35 8.21 16.97
N VAL A 228 35.02 7.40 17.98
CA VAL A 228 34.75 7.90 19.32
C VAL A 228 35.57 7.15 20.36
N PHE A 229 36.11 7.89 21.32
CA PHE A 229 36.90 7.32 22.40
C PHE A 229 35.99 7.25 23.63
N ASP A 230 35.97 6.09 24.27
CA ASP A 230 35.17 5.93 25.47
C ASP A 230 36.00 6.35 26.66
N LEU A 231 35.62 7.48 27.25
CA LEU A 231 36.33 8.06 28.39
C LEU A 231 35.60 7.90 29.73
N LEU A 232 34.80 6.85 29.86
CA LEU A 232 34.07 6.61 31.10
C LEU A 232 35.07 6.11 32.15
N GLY A 233 36.02 5.30 31.71
CA GLY A 233 37.03 4.77 32.60
C GLY A 233 37.74 5.87 33.38
N GLU A 234 38.58 6.61 32.69
CA GLU A 234 39.34 7.70 33.28
C GLU A 234 38.45 8.81 33.83
N HIS A 235 37.13 8.58 33.87
CA HIS A 235 36.21 9.59 34.36
C HIS A 235 35.02 9.01 35.13
N SER A 236 35.30 8.14 36.09
CA SER A 236 34.25 7.53 36.89
C SER A 236 34.82 6.78 38.08
N VAL A 237 33.93 6.06 38.77
CA VAL A 237 34.30 5.23 39.92
C VAL A 237 33.83 3.83 39.55
N PRO A 238 34.78 2.91 39.24
CA PRO A 238 34.44 1.53 38.87
C PRO A 238 33.70 0.77 39.98
N ILE A 239 32.68 0.01 39.60
CA ILE A 239 31.86 -0.74 40.54
C ILE A 239 32.34 -2.18 40.72
N PHE A 240 32.97 -2.47 41.87
CA PHE A 240 33.47 -3.81 42.16
C PHE A 240 32.58 -4.60 43.10
N GLU A 241 31.55 -3.93 43.61
CA GLU A 241 30.58 -4.58 44.49
C GLU A 241 29.31 -3.74 44.45
N ALA A 242 28.16 -4.40 44.48
CA ALA A 242 26.91 -3.67 44.43
C ALA A 242 25.84 -4.31 45.31
N THR A 243 24.92 -3.48 45.79
CA THR A 243 23.85 -3.93 46.66
C THR A 243 22.48 -3.85 45.99
N ILE A 244 21.51 -4.52 46.60
CA ILE A 244 20.14 -4.50 46.13
C ILE A 244 19.29 -4.11 47.33
N GLU A 245 18.62 -2.97 47.21
CA GLU A 245 17.79 -2.46 48.28
C GLU A 245 18.56 -2.44 49.61
N GLY A 246 19.76 -1.88 49.55
CA GLY A 246 20.61 -1.75 50.72
C GLY A 246 21.36 -2.98 51.21
N GLN A 247 21.04 -4.15 50.67
CA GLN A 247 21.68 -5.39 51.09
C GLN A 247 22.74 -5.94 50.14
N PRO A 248 23.72 -6.68 50.68
CA PRO A 248 24.79 -7.28 49.88
C PRO A 248 24.20 -8.15 48.77
N ALA A 249 24.65 -7.95 47.55
CA ALA A 249 24.11 -8.73 46.45
C ALA A 249 25.15 -9.40 45.57
N ILE A 250 26.08 -8.62 45.04
CA ILE A 250 27.08 -9.17 44.14
C ILE A 250 28.42 -8.41 44.17
N GLN A 251 29.48 -9.09 43.74
CA GLN A 251 30.81 -8.50 43.71
C GLN A 251 31.45 -8.70 42.35
N GLY A 252 32.34 -7.78 41.99
CA GLY A 252 33.04 -7.89 40.72
C GLY A 252 34.23 -8.84 40.85
N HIS A 253 35.26 -8.60 40.04
CA HIS A 253 36.44 -9.46 40.05
C HIS A 253 37.74 -8.64 40.02
N MET A 254 38.29 -8.36 41.20
CA MET A 254 39.53 -7.61 41.29
C MET A 254 40.67 -8.45 40.71
N GLY A 255 41.72 -7.78 40.27
CA GLY A 255 42.88 -8.46 39.71
C GLY A 255 44.02 -7.46 39.62
N SER A 256 45.18 -7.91 39.16
CA SER A 256 46.31 -7.01 39.04
C SER A 256 46.58 -6.56 37.61
N LYS A 257 46.08 -7.31 36.63
CA LYS A 257 46.28 -6.93 35.23
C LYS A 257 45.16 -6.00 34.78
N MET A 258 45.53 -4.77 34.44
CA MET A 258 44.57 -3.75 34.01
C MET A 258 44.43 -3.75 32.49
N VAL A 259 43.22 -4.03 32.01
CA VAL A 259 42.94 -4.04 30.58
C VAL A 259 41.77 -3.14 30.25
N ALA A 260 41.46 -3.01 28.95
CA ALA A 260 40.36 -2.17 28.50
C ALA A 260 40.49 -0.79 29.14
N ILE A 261 41.66 -0.19 28.98
CA ILE A 261 41.94 1.13 29.51
C ILE A 261 41.45 2.17 28.51
N SER A 262 41.58 1.84 27.23
CA SER A 262 41.15 2.73 26.16
C SER A 262 40.33 1.98 25.12
N ILE A 263 39.03 2.29 25.08
CA ILE A 263 38.13 1.66 24.12
C ILE A 263 37.66 2.72 23.13
N SER A 264 37.57 2.34 21.86
CA SER A 264 37.13 3.28 20.83
C SER A 264 36.49 2.55 19.65
N VAL A 265 35.59 3.22 18.96
CA VAL A 265 34.91 2.63 17.81
C VAL A 265 35.13 3.56 16.62
N TRP A 266 35.34 2.98 15.44
CA TRP A 266 35.61 3.77 14.24
C TRP A 266 34.79 3.35 13.02
N LEU A 267 34.48 4.32 12.16
CA LEU A 267 33.75 4.03 10.94
C LEU A 267 34.68 3.12 10.13
N PRO A 268 34.12 2.17 9.36
CA PRO A 268 32.69 1.88 9.14
C PRO A 268 32.00 1.11 10.27
N GLY A 269 32.74 0.79 11.33
CA GLY A 269 32.17 0.07 12.45
C GLY A 269 33.15 -0.96 12.98
N VAL A 270 34.28 -0.49 13.50
CA VAL A 270 35.31 -1.38 14.03
C VAL A 270 35.76 -0.92 15.41
N LEU A 271 35.85 -1.88 16.33
CA LEU A 271 36.23 -1.61 17.70
C LEU A 271 37.71 -1.83 18.00
N LYS A 272 38.22 -1.06 18.95
CA LYS A 272 39.60 -1.17 19.39
C LYS A 272 39.62 -1.13 20.92
N VAL A 273 40.04 -2.23 21.54
CA VAL A 273 40.11 -2.32 23.00
C VAL A 273 41.60 -2.43 23.34
N ASP A 274 42.11 -1.43 24.06
CA ASP A 274 43.52 -1.40 24.39
C ASP A 274 43.83 -1.09 25.85
N PRO A 275 44.53 -2.01 26.55
CA PRO A 275 45.02 -3.30 26.04
C PRO A 275 44.01 -4.38 26.38
N PHE A 276 44.04 -5.49 25.64
CA PHE A 276 43.11 -6.59 25.89
C PHE A 276 43.39 -7.72 24.91
N PRO A 277 43.24 -8.98 25.35
CA PRO A 277 42.81 -9.46 26.67
C PRO A 277 43.96 -9.52 27.68
N ASP A 278 45.05 -8.85 27.37
CA ASP A 278 46.22 -8.83 28.24
C ASP A 278 46.94 -7.52 28.02
N PRO A 279 47.67 -7.02 29.04
CA PRO A 279 48.40 -5.76 28.91
C PRO A 279 49.36 -5.73 27.73
N THR A 280 49.72 -6.91 27.22
CA THR A 280 50.65 -6.99 26.10
C THR A 280 49.93 -7.16 24.75
N LEU A 281 48.62 -7.07 24.76
CA LEU A 281 47.84 -7.24 23.54
C LEU A 281 46.81 -6.15 23.30
N THR A 282 46.37 -6.04 22.05
CA THR A 282 45.36 -5.07 21.67
C THR A 282 44.35 -5.81 20.81
N GLN A 283 43.07 -5.65 21.13
CA GLN A 283 42.04 -6.33 20.38
C GLN A 283 41.28 -5.41 19.43
N PHE A 284 41.07 -5.88 18.20
CA PHE A 284 40.36 -5.14 17.16
C PHE A 284 39.20 -6.01 16.70
N GLU A 285 38.01 -5.43 16.60
CA GLU A 285 36.84 -6.20 16.17
C GLU A 285 36.05 -5.52 15.05
N TRP A 286 35.64 -6.32 14.06
CA TRP A 286 34.83 -5.84 12.94
C TRP A 286 33.48 -6.57 13.03
N TYR A 287 32.43 -5.91 12.56
CA TYR A 287 31.08 -6.46 12.54
C TYR A 287 30.62 -6.16 11.12
N VAL A 288 31.11 -6.96 10.18
CA VAL A 288 30.81 -6.78 8.77
C VAL A 288 29.45 -7.29 8.37
N PRO A 289 28.59 -6.40 7.85
CA PRO A 289 27.25 -6.80 7.42
C PRO A 289 27.34 -7.89 6.35
N ILE A 290 26.54 -8.94 6.48
CA ILE A 290 26.49 -9.99 5.48
C ILE A 290 25.18 -9.71 4.74
N ASP A 291 24.09 -9.66 5.50
CA ASP A 291 22.78 -9.30 4.96
C ASP A 291 22.09 -8.64 6.14
N GLU A 292 20.81 -8.35 6.03
CA GLU A 292 20.12 -7.67 7.13
C GLU A 292 20.11 -8.38 8.48
N GLY A 293 20.16 -9.71 8.47
CA GLY A 293 20.10 -10.44 9.74
C GLY A 293 21.37 -11.11 10.21
N HIS A 294 22.48 -10.91 9.51
CA HIS A 294 23.74 -11.54 9.89
C HIS A 294 24.94 -10.64 9.69
N HIS A 295 25.97 -10.87 10.48
CA HIS A 295 27.21 -10.14 10.31
C HIS A 295 28.39 -11.06 10.57
N LEU A 296 29.53 -10.70 10.00
CA LEU A 296 30.75 -11.48 10.17
C LEU A 296 31.48 -10.82 11.34
N TYR A 297 31.59 -11.54 12.44
CA TYR A 297 32.28 -11.04 13.63
C TYR A 297 33.75 -11.44 13.50
N LEU A 298 34.59 -10.46 13.20
CA LEU A 298 36.03 -10.66 13.02
C LEU A 298 36.78 -10.19 14.27
N GLN A 299 37.52 -11.09 14.89
CA GLN A 299 38.28 -10.77 16.11
C GLN A 299 39.78 -10.83 15.83
N MET A 300 40.45 -9.69 15.93
CA MET A 300 41.89 -9.64 15.68
C MET A 300 42.64 -9.26 16.95
N LEU A 301 43.77 -9.92 17.19
CA LEU A 301 44.61 -9.63 18.34
C LEU A 301 45.97 -9.17 17.79
N GLY A 302 46.44 -8.04 18.28
CA GLY A 302 47.72 -7.54 17.81
C GLY A 302 48.72 -7.37 18.93
N ARG A 303 50.00 -7.53 18.59
CA ARG A 303 51.09 -7.37 19.55
C ARG A 303 52.29 -6.76 18.86
N ARG A 304 52.82 -5.70 19.44
CA ARG A 304 54.00 -5.02 18.90
C ARG A 304 55.16 -6.02 18.98
N VAL A 305 55.80 -6.28 17.85
CA VAL A 305 56.93 -7.22 17.80
C VAL A 305 58.19 -6.60 17.19
N GLY A 306 59.35 -7.02 17.71
CA GLY A 306 60.61 -6.50 17.21
C GLY A 306 61.52 -7.52 16.56
N SER A 307 61.10 -8.78 16.53
CA SER A 307 61.91 -9.83 15.92
C SER A 307 61.03 -10.97 15.42
N GLU A 308 61.52 -11.68 14.41
CA GLU A 308 60.78 -12.79 13.84
C GLU A 308 60.62 -13.91 14.87
N GLU A 309 61.34 -13.82 15.98
CA GLU A 309 61.25 -14.83 17.02
C GLU A 309 60.05 -14.59 17.92
N GLU A 310 59.87 -13.35 18.39
CA GLU A 310 58.73 -13.07 19.24
C GLU A 310 57.46 -13.01 18.39
N ALA A 311 57.63 -12.94 17.08
CA ALA A 311 56.51 -12.93 16.15
C ALA A 311 55.97 -14.36 16.13
N ARG A 312 56.88 -15.32 15.99
CA ARG A 312 56.49 -16.73 15.97
C ARG A 312 56.01 -17.13 17.36
N SER A 313 56.50 -16.42 18.37
CA SER A 313 56.11 -16.69 19.75
C SER A 313 54.66 -16.25 19.98
N PHE A 314 54.32 -15.05 19.51
CA PHE A 314 52.96 -14.55 19.65
C PHE A 314 51.99 -15.45 18.89
N GLU A 315 52.35 -15.78 17.65
CA GLU A 315 51.53 -16.63 16.82
C GLU A 315 51.18 -17.91 17.57
N ALA A 316 52.17 -18.47 18.26
CA ALA A 316 51.97 -19.70 19.03
C ALA A 316 51.07 -19.47 20.24
N GLU A 317 51.30 -18.35 20.93
CA GLU A 317 50.50 -18.02 22.11
C GLU A 317 49.05 -17.74 21.70
N PHE A 318 48.87 -17.12 20.54
CA PHE A 318 47.54 -16.80 20.02
C PHE A 318 46.73 -18.09 19.88
N ARG A 319 47.31 -19.06 19.16
CA ARG A 319 46.66 -20.34 18.93
C ARG A 319 46.47 -21.18 20.18
N GLU A 320 47.54 -21.32 20.95
CA GLU A 320 47.52 -22.14 22.15
C GLU A 320 46.84 -21.59 23.39
N LYS A 321 46.74 -20.27 23.50
CA LYS A 321 46.14 -19.69 24.70
C LYS A 321 44.96 -18.74 24.52
N TRP A 322 45.23 -17.60 23.89
CA TRP A 322 44.23 -16.55 23.70
C TRP A 322 42.95 -16.88 22.95
N VAL A 323 43.01 -17.77 21.96
CA VAL A 323 41.81 -18.11 21.21
C VAL A 323 40.72 -18.68 22.12
N GLU A 324 41.06 -19.69 22.91
CA GLU A 324 40.09 -20.32 23.79
C GLU A 324 39.83 -19.57 25.11
N LEU A 325 40.85 -18.90 25.63
CA LEU A 325 40.71 -18.19 26.90
C LEU A 325 39.98 -16.85 26.78
N ALA A 326 40.23 -16.13 25.69
CA ALA A 326 39.63 -14.81 25.51
C ALA A 326 38.64 -14.70 24.34
N LEU A 327 39.13 -14.87 23.13
CA LEU A 327 38.28 -14.76 21.94
C LEU A 327 36.98 -15.54 22.08
N ASN A 328 37.05 -16.73 22.68
CA ASN A 328 35.86 -17.53 22.90
C ASN A 328 35.46 -17.46 24.38
N GLY A 329 36.43 -17.68 25.26
CA GLY A 329 36.18 -17.67 26.69
C GLY A 329 35.60 -16.39 27.25
N PHE A 330 35.91 -15.27 26.61
CA PHE A 330 35.41 -13.97 27.05
C PHE A 330 34.30 -13.42 26.14
N ASN A 331 34.52 -13.43 24.82
CA ASN A 331 33.54 -12.89 23.90
C ASN A 331 32.32 -13.75 23.54
N ASP A 332 32.37 -15.05 23.80
CA ASP A 332 31.22 -15.88 23.48
C ASP A 332 29.95 -15.32 24.14
N ASP A 333 30.12 -14.71 25.31
CA ASP A 333 28.98 -14.13 26.03
C ASP A 333 28.39 -12.91 25.34
N ASP A 334 29.18 -12.24 24.51
CA ASP A 334 28.69 -11.05 23.79
C ASP A 334 27.68 -11.46 22.72
N ILE A 335 27.78 -12.69 22.23
CA ILE A 335 26.89 -13.19 21.19
C ILE A 335 25.43 -13.23 21.62
N LEU A 336 25.17 -13.75 22.83
CA LEU A 336 23.79 -13.82 23.35
C LEU A 336 23.22 -12.42 23.37
N ALA A 337 24.04 -11.48 23.84
CA ALA A 337 23.59 -10.09 23.92
C ALA A 337 23.12 -9.57 22.57
N ARG A 338 23.90 -9.84 21.52
CA ARG A 338 23.54 -9.39 20.17
C ARG A 338 22.27 -10.05 19.68
N ARG A 339 22.14 -11.36 19.91
CA ARG A 339 20.96 -12.08 19.48
C ARG A 339 19.71 -11.69 20.25
N SER A 340 19.85 -11.39 21.53
CA SER A 340 18.68 -11.01 22.32
C SER A 340 18.21 -9.60 22.01
N MET A 341 19.12 -8.71 21.64
CA MET A 341 18.72 -7.34 21.29
C MET A 341 18.14 -7.31 19.87
N GLU A 342 18.64 -8.20 19.02
CA GLU A 342 18.23 -8.27 17.62
C GLU A 342 16.75 -8.01 17.30
N PRO A 343 15.84 -8.85 17.82
CA PRO A 343 14.42 -8.61 17.52
C PRO A 343 13.86 -7.26 17.96
N PHE A 344 14.39 -6.70 19.04
CA PHE A 344 13.93 -5.42 19.54
C PHE A 344 14.25 -4.30 18.55
N TYR A 345 15.38 -4.43 17.86
CA TYR A 345 15.81 -3.41 16.91
C TYR A 345 15.57 -3.74 15.43
N ALA A 346 15.31 -5.01 15.14
CA ALA A 346 15.10 -5.43 13.75
C ALA A 346 14.00 -4.68 13.00
N ASP A 347 12.95 -4.29 13.71
CA ASP A 347 11.84 -3.57 13.08
C ASP A 347 11.88 -2.07 13.36
N ASP A 348 13.02 -1.58 13.81
CA ASP A 348 13.22 -0.15 14.11
C ASP A 348 12.54 0.36 15.37
N ARG A 349 11.67 -0.45 15.98
CA ARG A 349 10.98 -0.02 17.19
C ARG A 349 11.95 0.24 18.35
N GLY A 350 12.99 -0.56 18.42
CA GLY A 350 13.97 -0.41 19.49
C GLY A 350 14.60 0.96 19.62
N TRP A 351 14.93 1.59 18.50
CA TRP A 351 15.56 2.90 18.54
C TRP A 351 14.71 3.95 19.24
N ARG A 352 13.39 3.74 19.22
CA ARG A 352 12.47 4.68 19.85
C ARG A 352 12.06 4.27 21.26
N GLU A 353 11.95 2.96 21.49
CA GLU A 353 11.50 2.45 22.78
C GLU A 353 12.56 2.16 23.83
N GLU A 354 13.82 2.08 23.43
CA GLU A 354 14.90 1.82 24.38
C GLU A 354 14.90 2.89 25.46
N VAL A 355 15.34 2.54 26.67
CA VAL A 355 15.43 3.49 27.77
C VAL A 355 16.91 3.47 28.18
N LEU A 356 17.66 4.45 27.70
CA LEU A 356 19.09 4.52 27.97
C LEU A 356 19.48 5.18 29.29
N PHE A 357 20.67 4.85 29.78
CA PHE A 357 21.14 5.49 31.01
C PHE A 357 22.53 6.09 30.79
N GLU A 358 23.07 6.72 31.82
CA GLU A 358 24.37 7.40 31.75
C GLU A 358 25.50 6.80 30.91
N SER A 359 25.79 5.52 31.08
CA SER A 359 26.88 4.93 30.31
C SER A 359 26.60 4.79 28.82
N ASP A 360 25.37 5.06 28.41
CA ASP A 360 25.01 4.96 27.01
C ASP A 360 25.36 6.22 26.22
N ARG A 361 25.91 7.21 26.89
CA ARG A 361 26.31 8.45 26.22
C ARG A 361 27.31 8.13 25.12
N ALA A 362 28.16 7.14 25.36
CA ALA A 362 29.17 6.74 24.38
C ALA A 362 28.56 6.19 23.09
N ILE A 363 27.62 5.26 23.20
CA ILE A 363 27.00 4.69 22.00
C ILE A 363 26.24 5.78 21.23
N ILE A 364 25.64 6.70 21.96
CA ILE A 364 24.91 7.80 21.34
C ILE A 364 25.87 8.65 20.51
N GLU A 365 27.06 8.87 21.03
CA GLU A 365 28.06 9.67 20.30
C GLU A 365 28.48 8.94 19.04
N TRP A 366 28.53 7.61 19.11
CA TRP A 366 28.90 6.81 17.94
C TRP A 366 27.81 6.90 16.87
N ARG A 367 26.55 6.77 17.28
CA ARG A 367 25.43 6.84 16.35
C ARG A 367 25.40 8.19 15.64
N ARG A 368 25.71 9.26 16.37
CA ARG A 368 25.73 10.61 15.78
C ARG A 368 26.88 10.75 14.80
N LEU A 369 28.07 10.32 15.22
CA LEU A 369 29.25 10.40 14.36
C LEU A 369 29.07 9.53 13.12
N ALA A 370 28.62 8.30 13.31
CA ALA A 370 28.42 7.40 12.20
C ALA A 370 27.39 7.97 11.21
N SER A 371 26.33 8.56 11.74
CA SER A 371 25.27 9.15 10.92
C SER A 371 25.79 10.32 10.08
N GLN A 372 26.59 11.16 10.71
CA GLN A 372 27.12 12.33 10.02
C GLN A 372 28.28 12.07 9.06
N TYR A 373 29.19 11.15 9.41
CA TYR A 373 30.35 10.91 8.56
C TYR A 373 30.45 9.68 7.67
N ASN A 374 29.49 8.77 7.73
CA ASN A 374 29.55 7.60 6.87
C ASN A 374 29.50 8.11 5.42
N ARG A 375 30.12 7.38 4.50
CA ARG A 375 30.17 7.80 3.10
C ARG A 375 29.03 7.27 2.25
N GLY A 376 27.92 6.90 2.87
CA GLY A 376 26.78 6.40 2.12
C GLY A 376 26.05 5.27 2.79
N ILE A 377 24.73 5.22 2.59
CA ILE A 377 23.90 4.17 3.16
C ILE A 377 23.70 3.07 2.12
N GLN A 378 24.19 1.87 2.43
CA GLN A 378 24.02 0.75 1.52
C GLN A 378 22.54 0.42 1.43
N THR A 379 22.01 0.23 0.23
CA THR A 379 20.61 -0.11 0.06
C THR A 379 20.45 -1.21 -0.98
N ARG A 380 19.41 -2.02 -0.83
CA ARG A 380 19.15 -3.09 -1.79
C ARG A 380 17.74 -2.92 -2.36
N ASP A 381 17.68 -2.76 -3.68
CA ASP A 381 16.41 -2.56 -4.39
C ASP A 381 15.36 -3.62 -4.07
N ALA B 8 -20.44 -11.20 -2.16
CA ALA B 8 -19.69 -10.44 -1.11
C ALA B 8 -20.66 -9.79 -0.13
N GLY B 9 -21.71 -9.17 -0.67
CA GLY B 9 -22.70 -8.52 0.18
C GLY B 9 -23.45 -9.55 1.00
N ILE B 10 -23.64 -10.73 0.43
CA ILE B 10 -24.34 -11.81 1.10
C ILE B 10 -23.45 -12.36 2.22
N ALA B 11 -22.14 -12.30 2.01
CA ALA B 11 -21.18 -12.78 3.00
C ALA B 11 -21.18 -11.83 4.20
N GLU B 12 -21.14 -10.54 3.92
CA GLU B 12 -21.13 -9.52 4.96
C GLU B 12 -22.35 -9.67 5.87
N ARG B 13 -23.53 -9.84 5.25
CA ARG B 13 -24.76 -9.99 6.01
C ARG B 13 -24.76 -11.25 6.87
N ARG B 14 -24.13 -12.31 6.35
CA ARG B 14 -24.08 -13.57 7.08
C ARG B 14 -23.08 -13.55 8.24
N THR B 15 -21.95 -12.89 8.05
CA THR B 15 -20.92 -12.84 9.09
C THR B 15 -21.02 -11.61 10.00
N ARG B 16 -21.94 -10.71 9.68
CA ARG B 16 -22.13 -9.48 10.43
C ARG B 16 -22.14 -9.63 11.95
N ALA B 17 -23.01 -10.49 12.46
CA ALA B 17 -23.12 -10.68 13.91
C ALA B 17 -21.87 -11.23 14.59
N TRP B 18 -20.88 -11.71 13.83
CA TRP B 18 -19.66 -12.18 14.47
C TRP B 18 -18.35 -11.64 13.90
N ALA B 19 -18.39 -10.43 13.35
CA ALA B 19 -17.21 -9.79 12.78
C ALA B 19 -16.08 -9.64 13.82
N PRO B 20 -16.42 -9.31 15.09
CA PRO B 20 -15.37 -9.16 16.10
C PRO B 20 -14.60 -10.47 16.30
N TYR B 21 -15.32 -11.58 16.30
CA TYR B 21 -14.72 -12.91 16.47
C TYR B 21 -13.75 -13.20 15.33
N ILE B 22 -14.14 -12.81 14.12
CA ILE B 22 -13.30 -12.99 12.94
C ILE B 22 -11.99 -12.22 13.10
N ASP B 23 -12.06 -11.07 13.77
CA ASP B 23 -10.85 -10.27 13.97
C ASP B 23 -10.01 -10.70 15.18
N ALA B 24 -10.60 -11.47 16.09
CA ALA B 24 -9.90 -11.90 17.31
C ALA B 24 -8.87 -13.02 17.13
N LYS B 25 -7.97 -12.83 16.18
CA LYS B 25 -6.94 -13.84 15.93
C LYS B 25 -6.04 -14.06 17.14
N LEU B 26 -5.85 -13.02 17.95
CA LEU B 26 -4.97 -13.13 19.11
C LEU B 26 -5.74 -13.35 20.42
N GLY B 27 -7.05 -13.56 20.32
CA GLY B 27 -7.83 -13.78 21.52
C GLY B 27 -8.51 -12.53 22.06
N PHE B 28 -9.16 -12.68 23.21
CA PHE B 28 -9.87 -11.58 23.84
C PHE B 28 -9.11 -10.97 25.01
N ARG B 29 -8.95 -9.66 24.97
CA ARG B 29 -8.25 -8.92 26.01
C ARG B 29 -9.19 -8.65 27.19
N ASN B 30 -8.61 -8.45 28.37
CA ASN B 30 -9.35 -8.18 29.60
C ASN B 30 -10.08 -9.41 30.15
N HIS B 31 -9.40 -10.56 30.09
CA HIS B 31 -9.93 -11.81 30.59
C HIS B 31 -8.82 -12.59 31.28
N TRP B 32 -9.21 -13.56 32.11
CA TRP B 32 -8.28 -14.42 32.82
C TRP B 32 -7.96 -15.63 31.95
N TYR B 33 -6.69 -16.05 31.94
CA TYR B 33 -6.25 -17.20 31.16
C TYR B 33 -5.26 -18.04 31.94
N PRO B 34 -5.44 -19.36 31.92
CA PRO B 34 -4.51 -20.24 32.64
C PRO B 34 -3.28 -20.41 31.74
N VAL B 35 -2.08 -20.41 32.31
CA VAL B 35 -0.88 -20.53 31.48
C VAL B 35 0.04 -21.68 31.84
N ARG B 36 -0.06 -22.17 33.07
CA ARG B 36 0.82 -23.25 33.51
C ARG B 36 0.19 -23.99 34.69
N LEU B 37 0.64 -25.22 34.92
CA LEU B 37 0.16 -26.01 36.05
C LEU B 37 0.94 -25.48 37.26
N SER B 38 0.32 -25.47 38.43
CA SER B 38 0.99 -24.98 39.64
C SER B 38 2.39 -25.57 39.85
N ALA B 39 2.52 -26.88 39.66
CA ALA B 39 3.80 -27.55 39.87
C ALA B 39 4.91 -27.10 38.93
N GLU B 40 4.54 -26.49 37.81
CA GLU B 40 5.54 -26.02 36.86
C GLU B 40 6.13 -24.68 37.25
N VAL B 41 5.51 -24.04 38.25
CA VAL B 41 5.98 -22.75 38.74
C VAL B 41 6.44 -22.94 40.18
N ALA B 42 7.67 -23.44 40.33
CA ALA B 42 8.27 -23.72 41.63
C ALA B 42 8.95 -22.52 42.28
N GLU B 43 9.10 -22.58 43.60
CA GLU B 43 9.73 -21.52 44.38
C GLU B 43 11.09 -21.15 43.80
N ALA B 44 11.31 -19.86 43.62
CA ALA B 44 12.59 -19.35 43.09
C ALA B 44 13.07 -20.09 41.84
N SER B 45 12.16 -20.35 40.91
CA SER B 45 12.51 -21.02 39.67
C SER B 45 11.71 -20.38 38.55
N PRO B 46 12.09 -19.16 38.14
CA PRO B 46 11.41 -18.41 37.07
C PRO B 46 11.12 -19.23 35.82
N VAL B 47 9.91 -19.07 35.29
CA VAL B 47 9.49 -19.78 34.09
C VAL B 47 8.84 -18.81 33.09
N PRO B 48 9.35 -18.77 31.85
CA PRO B 48 8.76 -17.86 30.87
C PRO B 48 7.59 -18.49 30.13
N VAL B 49 6.57 -17.68 29.83
CA VAL B 49 5.41 -18.15 29.07
C VAL B 49 5.01 -17.07 28.07
N GLN B 50 4.16 -17.43 27.12
CA GLN B 50 3.68 -16.49 26.12
C GLN B 50 2.19 -16.74 25.94
N LEU B 51 1.39 -15.70 26.08
CA LEU B 51 -0.04 -15.83 25.87
C LEU B 51 -0.53 -14.56 25.20
N LEU B 52 -1.44 -14.73 24.24
CA LEU B 52 -1.99 -13.61 23.50
C LEU B 52 -0.89 -12.73 22.90
N GLY B 53 0.19 -13.37 22.48
CA GLY B 53 1.30 -12.65 21.87
C GLY B 53 2.20 -11.90 22.84
N GLU B 54 1.91 -11.96 24.13
CA GLU B 54 2.73 -11.26 25.12
C GLU B 54 3.65 -12.23 25.87
N LYS B 55 4.92 -11.86 25.97
CA LYS B 55 5.91 -12.68 26.66
C LYS B 55 5.98 -12.33 28.14
N VAL B 56 5.69 -13.30 28.98
CA VAL B 56 5.67 -13.10 30.43
C VAL B 56 6.66 -14.02 31.15
N LEU B 57 7.13 -13.57 32.32
CA LEU B 57 8.06 -14.35 33.13
C LEU B 57 7.43 -14.56 34.50
N LEU B 58 7.28 -15.83 34.88
CA LEU B 58 6.66 -16.19 36.15
C LEU B 58 7.70 -16.64 37.18
N ASN B 59 7.36 -16.51 38.46
CA ASN B 59 8.23 -16.96 39.53
C ASN B 59 7.39 -17.02 40.80
N ARG B 60 7.75 -17.93 41.70
CA ARG B 60 7.04 -18.06 42.97
C ARG B 60 7.99 -17.59 44.06
N VAL B 61 7.58 -16.58 44.81
CA VAL B 61 8.40 -16.01 45.89
C VAL B 61 7.64 -16.16 47.20
N ASP B 62 8.18 -16.97 48.09
CA ASP B 62 7.55 -17.24 49.38
C ASP B 62 6.14 -17.78 49.16
N GLY B 63 6.01 -18.73 48.24
CA GLY B 63 4.73 -19.34 47.96
C GLY B 63 3.81 -18.57 47.02
N VAL B 64 4.09 -17.29 46.80
CA VAL B 64 3.26 -16.46 45.92
C VAL B 64 3.80 -16.34 44.50
N VAL B 65 2.94 -16.62 43.52
CA VAL B 65 3.32 -16.53 42.11
C VAL B 65 3.19 -15.10 41.63
N HIS B 66 4.23 -14.62 40.95
CA HIS B 66 4.25 -13.26 40.41
C HIS B 66 4.52 -13.35 38.91
N ALA B 67 4.03 -12.37 38.16
CA ALA B 67 4.20 -12.36 36.71
C ALA B 67 4.60 -10.97 36.23
N ILE B 68 5.70 -10.89 35.48
CA ILE B 68 6.18 -9.64 34.95
C ILE B 68 6.45 -9.76 33.44
N ALA B 69 6.50 -8.63 32.75
CA ALA B 69 6.79 -8.65 31.33
C ALA B 69 8.18 -9.23 31.18
N ASP B 70 8.35 -10.17 30.24
CA ASP B 70 9.65 -10.81 30.05
C ASP B 70 10.52 -10.02 29.08
N ARG B 71 10.77 -8.76 29.42
CA ARG B 71 11.60 -7.89 28.58
C ARG B 71 12.16 -6.72 29.38
N CYS B 72 13.48 -6.53 29.31
CA CYS B 72 14.13 -5.44 30.02
C CYS B 72 13.81 -4.10 29.36
N LEU B 73 13.60 -3.08 30.19
CA LEU B 73 13.29 -1.74 29.69
C LEU B 73 14.49 -1.04 29.06
N HIS B 74 15.70 -1.51 29.39
CA HIS B 74 16.92 -0.89 28.89
C HIS B 74 17.15 -1.09 27.39
N ARG B 75 17.64 -2.26 26.99
CA ARG B 75 17.90 -2.54 25.57
C ARG B 75 16.91 -3.56 24.97
N GLY B 76 15.81 -3.78 25.67
CA GLY B 76 14.78 -4.69 25.19
C GLY B 76 15.09 -6.19 25.10
N VAL B 77 16.11 -6.66 25.81
CA VAL B 77 16.43 -8.09 25.76
C VAL B 77 15.40 -8.89 26.55
N THR B 78 15.34 -10.18 26.28
CA THR B 78 14.42 -11.06 26.97
C THR B 78 15.11 -11.50 28.27
N LEU B 79 14.55 -11.08 29.40
CA LEU B 79 15.12 -11.41 30.71
C LEU B 79 15.39 -12.90 30.88
N SER B 80 14.42 -13.72 30.47
CA SER B 80 14.54 -15.17 30.62
C SER B 80 15.60 -15.84 29.75
N ASP B 81 16.30 -15.08 28.91
CA ASP B 81 17.38 -15.70 28.11
C ASP B 81 18.49 -16.14 29.06
N LYS B 82 18.58 -15.49 30.21
CA LYS B 82 19.57 -15.85 31.23
C LYS B 82 19.10 -15.28 32.56
N VAL B 83 18.31 -16.08 33.27
CA VAL B 83 17.75 -15.67 34.55
C VAL B 83 18.81 -15.50 35.63
N GLU B 84 18.84 -14.33 36.26
CA GLU B 84 19.80 -14.05 37.34
C GLU B 84 19.06 -13.30 38.46
N CYS B 85 19.03 -13.90 39.64
CA CYS B 85 18.38 -13.31 40.79
C CYS B 85 19.40 -13.21 41.93
N TYR B 86 19.60 -12.00 42.45
CA TYR B 86 20.58 -11.77 43.51
C TYR B 86 19.99 -11.36 44.86
N SER B 87 18.66 -11.37 44.95
CA SER B 87 17.95 -11.08 46.18
C SER B 87 16.63 -11.84 46.00
N LYS B 88 16.06 -12.29 47.11
CA LYS B 88 14.82 -13.06 47.06
C LYS B 88 13.68 -12.40 46.27
N ALA B 89 13.52 -11.10 46.45
CA ALA B 89 12.43 -10.37 45.81
C ALA B 89 12.69 -9.77 44.43
N THR B 90 13.89 -9.92 43.90
CA THR B 90 14.20 -9.31 42.61
C THR B 90 14.83 -10.21 41.57
N ILE B 91 14.84 -9.73 40.33
CA ILE B 91 15.49 -10.42 39.23
C ILE B 91 16.38 -9.34 38.63
N SER B 92 17.57 -9.70 38.22
CA SER B 92 18.49 -8.73 37.63
C SER B 92 18.75 -9.09 36.17
N CYS B 93 18.53 -8.15 35.26
CA CYS B 93 18.78 -8.42 33.85
C CYS B 93 20.24 -8.83 33.69
N TRP B 94 20.45 -9.86 32.89
CA TRP B 94 21.78 -10.40 32.64
C TRP B 94 22.74 -9.53 31.83
N TYR B 95 22.22 -8.47 31.23
CA TYR B 95 23.05 -7.60 30.39
C TYR B 95 23.74 -6.48 31.15
N HIS B 96 22.96 -5.57 31.75
CA HIS B 96 23.54 -4.46 32.50
C HIS B 96 23.06 -4.40 33.96
N GLY B 97 22.49 -5.50 34.44
CA GLY B 97 22.04 -5.54 35.82
C GLY B 97 20.88 -4.69 36.29
N TRP B 98 20.02 -4.21 35.39
CA TRP B 98 18.86 -3.43 35.86
C TRP B 98 18.08 -4.44 36.71
N THR B 99 17.74 -4.04 37.93
CA THR B 99 17.09 -4.94 38.87
C THR B 99 15.66 -4.55 39.22
N TYR B 100 14.75 -5.50 39.01
CA TYR B 100 13.33 -5.26 39.25
C TYR B 100 12.74 -6.20 40.29
N ARG B 101 11.73 -5.70 41.01
CA ARG B 101 11.05 -6.50 42.02
C ARG B 101 9.98 -7.33 41.31
N TRP B 102 9.80 -8.57 41.75
CA TRP B 102 8.79 -9.44 41.17
C TRP B 102 7.38 -8.97 41.51
N ASP B 103 7.18 -8.49 42.72
CA ASP B 103 5.84 -8.10 43.13
C ASP B 103 5.25 -6.85 42.48
N ASN B 104 6.07 -5.86 42.15
CA ASN B 104 5.52 -4.67 41.52
C ASN B 104 6.26 -4.23 40.26
N GLY B 105 7.23 -5.03 39.81
CA GLY B 105 7.99 -4.73 38.61
C GLY B 105 8.90 -3.50 38.66
N LYS B 106 8.99 -2.89 39.83
CA LYS B 106 9.79 -1.69 40.02
C LYS B 106 11.29 -1.85 39.83
N LEU B 107 11.88 -0.89 39.12
CA LEU B 107 13.33 -0.84 38.89
C LEU B 107 13.84 -0.22 40.19
N VAL B 108 14.35 -1.08 41.07
CA VAL B 108 14.82 -0.62 42.38
C VAL B 108 16.34 -0.48 42.50
N ASP B 109 17.08 -1.02 41.53
CA ASP B 109 18.53 -0.93 41.54
C ASP B 109 19.12 -1.18 40.16
N ILE B 110 20.34 -0.68 39.95
CA ILE B 110 21.05 -0.92 38.72
C ILE B 110 22.47 -1.26 39.16
N LEU B 111 22.76 -2.56 39.17
CA LEU B 111 24.05 -3.09 39.59
C LEU B 111 25.28 -2.50 38.90
N THR B 112 25.15 -2.08 37.66
CA THR B 112 26.27 -1.52 36.90
C THR B 112 26.46 -0.01 37.09
N ASN B 113 25.52 0.63 37.76
CA ASN B 113 25.61 2.06 38.04
C ASN B 113 24.62 2.42 39.15
N PRO B 114 24.99 2.16 40.40
CA PRO B 114 24.16 2.43 41.58
C PRO B 114 23.67 3.86 41.72
N THR B 115 24.30 4.80 41.02
CA THR B 115 23.89 6.20 41.12
C THR B 115 23.01 6.66 39.97
N SER B 116 22.66 5.75 39.06
CA SER B 116 21.84 6.13 37.92
C SER B 116 20.54 6.83 38.30
N VAL B 117 20.22 7.89 37.57
CA VAL B 117 19.00 8.65 37.80
C VAL B 117 17.77 7.86 37.35
N GLN B 118 17.98 6.78 36.60
CA GLN B 118 16.85 5.97 36.13
C GLN B 118 16.23 5.14 37.26
N ILE B 119 17.04 4.82 38.26
CA ILE B 119 16.57 4.02 39.39
C ILE B 119 15.31 4.60 40.03
N GLY B 120 14.31 3.75 40.21
CA GLY B 120 13.05 4.17 40.81
C GLY B 120 12.12 4.95 39.89
N ARG B 121 12.55 5.18 38.65
CA ARG B 121 11.74 5.94 37.70
C ARG B 121 10.95 5.08 36.72
N HIS B 122 11.13 3.77 36.78
CA HIS B 122 10.44 2.87 35.84
C HIS B 122 9.97 1.60 36.51
N ALA B 123 9.12 0.87 35.80
CA ALA B 123 8.59 -0.39 36.30
C ALA B 123 8.16 -1.26 35.14
N LEU B 124 8.44 -2.56 35.28
CA LEU B 124 8.04 -3.54 34.27
C LEU B 124 6.54 -3.70 34.43
N LYS B 125 5.85 -4.06 33.37
CA LYS B 125 4.42 -4.28 33.50
C LYS B 125 4.25 -5.56 34.32
N THR B 126 3.27 -5.59 35.21
CA THR B 126 3.01 -6.77 36.01
C THR B 126 1.63 -7.31 35.61
N TYR B 127 1.41 -8.60 35.80
CA TYR B 127 0.12 -9.19 35.44
C TYR B 127 -0.59 -9.75 36.66
N PRO B 128 -1.88 -9.41 36.84
CA PRO B 128 -2.59 -9.94 38.00
C PRO B 128 -2.54 -11.47 37.92
N VAL B 129 -2.38 -12.10 39.07
CA VAL B 129 -2.29 -13.56 39.13
C VAL B 129 -3.30 -14.17 40.09
N ARG B 130 -3.78 -15.35 39.72
CA ARG B 130 -4.69 -16.11 40.55
C ARG B 130 -4.31 -17.58 40.37
N GLU B 131 -4.19 -18.29 41.47
CA GLU B 131 -3.83 -19.69 41.41
C GLU B 131 -4.97 -20.50 42.02
N GLU B 132 -5.64 -21.28 41.19
CA GLU B 132 -6.76 -22.10 41.64
C GLU B 132 -6.78 -23.42 40.90
N LYS B 133 -7.27 -24.46 41.59
CA LYS B 133 -7.38 -25.79 41.03
C LYS B 133 -6.13 -26.28 40.31
N GLY B 134 -4.98 -25.99 40.89
CA GLY B 134 -3.72 -26.44 40.30
C GLY B 134 -3.32 -25.70 39.04
N LEU B 135 -3.89 -24.52 38.82
CA LEU B 135 -3.57 -23.73 37.63
C LEU B 135 -3.19 -22.31 38.00
N VAL B 136 -2.26 -21.74 37.23
CA VAL B 136 -1.87 -20.36 37.44
C VAL B 136 -2.55 -19.52 36.35
N PHE B 137 -3.45 -18.63 36.76
CA PHE B 137 -4.18 -17.77 35.83
C PHE B 137 -3.58 -16.36 35.79
N LEU B 138 -3.53 -15.79 34.59
CA LEU B 138 -3.01 -14.44 34.41
C LEU B 138 -4.11 -13.58 33.79
N PHE B 139 -4.23 -12.34 34.25
CA PHE B 139 -5.21 -11.45 33.67
C PHE B 139 -4.46 -10.62 32.64
N VAL B 140 -4.93 -10.69 31.39
CA VAL B 140 -4.31 -9.93 30.32
C VAL B 140 -5.24 -8.79 29.97
N GLY B 141 -4.84 -7.57 30.29
CA GLY B 141 -5.72 -6.43 30.00
C GLY B 141 -5.26 -5.16 30.68
N ASP B 142 -6.05 -4.10 30.53
CA ASP B 142 -5.72 -2.81 31.10
C ASP B 142 -6.68 -2.35 32.19
N GLN B 143 -7.81 -3.03 32.33
CA GLN B 143 -8.78 -2.63 33.35
C GLN B 143 -8.67 -3.50 34.59
N GLU B 144 -9.31 -3.06 35.67
CA GLU B 144 -9.29 -3.82 36.91
C GLU B 144 -9.91 -5.19 36.66
N PRO B 145 -9.25 -6.24 37.13
CA PRO B 145 -9.76 -7.60 36.93
C PRO B 145 -11.09 -7.85 37.62
N HIS B 146 -11.98 -8.55 36.92
CA HIS B 146 -13.27 -8.92 37.49
C HIS B 146 -12.95 -10.24 38.16
N ASP B 147 -13.93 -10.87 38.80
CA ASP B 147 -13.70 -12.13 39.49
C ASP B 147 -13.33 -13.25 38.51
N LEU B 148 -12.42 -14.13 38.92
CA LEU B 148 -11.99 -15.24 38.08
C LEU B 148 -13.18 -16.13 37.70
N ALA B 149 -14.14 -16.24 38.61
CA ALA B 149 -15.32 -17.06 38.40
C ALA B 149 -16.05 -16.72 37.10
N GLU B 150 -15.97 -15.47 36.67
CA GLU B 150 -16.63 -15.07 35.44
C GLU B 150 -15.95 -15.58 34.17
N ASP B 151 -14.71 -16.02 34.28
CA ASP B 151 -13.98 -16.52 33.11
C ASP B 151 -13.70 -18.02 33.10
N VAL B 152 -14.39 -18.77 33.95
CA VAL B 152 -14.23 -20.22 33.98
C VAL B 152 -15.64 -20.82 33.97
N PRO B 153 -15.78 -22.07 33.49
CA PRO B 153 -17.11 -22.69 33.46
C PRO B 153 -17.75 -22.86 34.83
N PRO B 154 -19.09 -22.88 34.90
CA PRO B 154 -19.78 -23.03 36.18
C PRO B 154 -19.29 -24.29 36.89
N GLY B 155 -19.08 -24.18 38.20
CA GLY B 155 -18.63 -25.33 38.96
C GLY B 155 -17.14 -25.63 38.98
N PHE B 156 -16.36 -25.03 38.08
CA PHE B 156 -14.94 -25.31 38.06
C PHE B 156 -14.25 -24.95 39.38
N LEU B 157 -14.74 -23.91 40.04
CA LEU B 157 -14.16 -23.48 41.30
C LEU B 157 -14.85 -24.03 42.56
N ASP B 158 -15.71 -25.04 42.40
CA ASP B 158 -16.39 -25.63 43.56
C ASP B 158 -15.34 -26.15 44.53
N ALA B 159 -15.51 -25.85 45.82
CA ALA B 159 -14.56 -26.27 46.84
C ALA B 159 -14.27 -27.78 46.87
N ASP B 160 -15.27 -28.59 46.55
CA ASP B 160 -15.09 -30.04 46.60
C ASP B 160 -14.53 -30.68 45.32
N LEU B 161 -14.32 -29.88 44.29
CA LEU B 161 -13.81 -30.41 43.02
C LEU B 161 -12.30 -30.59 43.00
N ALA B 162 -11.86 -31.84 42.87
CA ALA B 162 -10.44 -32.17 42.79
C ALA B 162 -10.09 -32.06 41.30
N VAL B 163 -9.03 -31.34 40.97
CA VAL B 163 -8.65 -31.14 39.58
C VAL B 163 -7.21 -31.46 39.21
N HIS B 164 -7.04 -32.06 38.04
CA HIS B 164 -5.74 -32.41 37.50
C HIS B 164 -5.80 -32.20 36.00
N GLY B 165 -4.66 -32.01 35.36
CA GLY B 165 -4.69 -31.80 33.92
C GLY B 165 -3.33 -31.81 33.27
N GLN B 166 -3.33 -31.54 31.97
CA GLN B 166 -2.12 -31.49 31.18
C GLN B 166 -2.35 -30.50 30.03
N HIS B 167 -1.27 -30.07 29.39
CA HIS B 167 -1.40 -29.16 28.27
C HIS B 167 -0.39 -29.50 27.20
N ARG B 168 -0.62 -28.96 26.00
CA ARG B 168 0.25 -29.19 24.87
C ARG B 168 0.07 -28.01 23.92
N VAL B 169 1.06 -27.78 23.08
CA VAL B 169 0.98 -26.69 22.12
C VAL B 169 0.44 -27.27 20.83
N VAL B 170 -0.61 -26.66 20.29
CA VAL B 170 -1.22 -27.11 19.05
C VAL B 170 -0.90 -26.11 17.93
N ASP B 171 -0.49 -26.62 16.77
CA ASP B 171 -0.15 -25.78 15.63
C ASP B 171 -1.36 -25.23 14.88
N ALA B 172 -2.17 -24.43 15.56
CA ALA B 172 -3.33 -23.83 14.95
C ALA B 172 -3.80 -22.67 15.80
N ASN B 173 -4.54 -21.76 15.19
CA ASN B 173 -5.08 -20.61 15.91
C ASN B 173 -5.99 -21.15 17.01
N TRP B 174 -6.10 -20.39 18.10
CA TRP B 174 -6.93 -20.80 19.23
C TRP B 174 -8.39 -21.01 18.83
N ARG B 175 -8.87 -20.27 17.85
CA ARG B 175 -10.26 -20.43 17.42
C ARG B 175 -10.48 -21.81 16.82
N MET B 176 -9.46 -22.40 16.22
CA MET B 176 -9.63 -23.73 15.64
C MET B 176 -9.86 -24.71 16.80
N GLY B 177 -9.26 -24.42 17.95
CA GLY B 177 -9.43 -25.27 19.12
C GLY B 177 -10.84 -25.16 19.67
N VAL B 178 -11.32 -23.93 19.83
CA VAL B 178 -12.67 -23.71 20.35
C VAL B 178 -13.75 -24.20 19.38
N GLU B 179 -13.55 -23.97 18.08
CA GLU B 179 -14.52 -24.41 17.08
C GLU B 179 -14.62 -25.95 17.12
N ASN B 180 -13.46 -26.60 17.25
CA ASN B 180 -13.39 -28.06 17.32
C ASN B 180 -14.01 -28.56 18.64
N GLY B 181 -13.66 -27.92 19.74
CA GLY B 181 -14.19 -28.33 21.03
C GLY B 181 -15.70 -28.22 21.20
N PHE B 182 -16.30 -27.13 20.72
CA PHE B 182 -17.74 -26.94 20.85
C PHE B 182 -18.56 -27.38 19.63
N ASP B 183 -17.90 -28.03 18.67
CA ASP B 183 -18.57 -28.51 17.46
C ASP B 183 -19.58 -29.59 17.87
N ALA B 184 -20.86 -29.21 17.92
CA ALA B 184 -21.94 -30.13 18.35
C ALA B 184 -22.07 -31.49 17.66
N GLY B 185 -21.74 -31.59 16.38
CA GLY B 185 -21.90 -32.88 15.72
C GLY B 185 -20.66 -33.51 15.12
N HIS B 186 -19.58 -33.62 15.90
CA HIS B 186 -18.35 -34.20 15.37
C HIS B 186 -17.90 -35.55 15.91
N VAL B 187 -18.74 -36.25 16.68
CA VAL B 187 -18.38 -37.55 17.25
C VAL B 187 -17.84 -38.55 16.22
N PHE B 188 -18.17 -38.33 14.95
CA PHE B 188 -17.70 -39.21 13.88
C PHE B 188 -16.17 -39.36 13.88
N ILE B 189 -15.47 -38.29 14.21
CA ILE B 189 -14.01 -38.32 14.22
C ILE B 189 -13.44 -39.17 15.36
N HIS B 190 -14.27 -39.47 16.35
CA HIS B 190 -13.85 -40.27 17.51
C HIS B 190 -14.29 -41.75 17.48
N LYS B 191 -14.82 -42.21 16.35
CA LYS B 191 -15.32 -43.58 16.22
C LYS B 191 -14.34 -44.74 16.44
N SER B 192 -13.03 -44.46 16.42
CA SER B 192 -12.03 -45.50 16.64
C SER B 192 -11.26 -45.32 17.95
N SER B 193 -11.73 -44.42 18.80
CA SER B 193 -11.05 -44.16 20.06
C SER B 193 -10.99 -45.37 21.00
N ILE B 194 -9.82 -45.59 21.59
CA ILE B 194 -9.64 -46.70 22.53
C ILE B 194 -10.52 -46.48 23.75
N LEU B 195 -11.04 -45.27 23.92
CA LEU B 195 -11.89 -44.98 25.06
C LEU B 195 -13.24 -45.68 24.98
N LEU B 196 -13.72 -45.90 23.75
CA LEU B 196 -15.01 -46.55 23.55
C LEU B 196 -15.07 -47.91 24.22
N ASP B 197 -14.17 -48.82 23.84
CA ASP B 197 -14.13 -50.14 24.46
C ASP B 197 -13.50 -50.02 25.84
N GLY B 198 -12.49 -49.16 25.94
CA GLY B 198 -11.79 -48.95 27.18
C GLY B 198 -12.65 -48.57 28.38
N ASN B 199 -13.70 -47.80 28.16
CA ASN B 199 -14.55 -47.40 29.27
C ASN B 199 -16.04 -47.69 29.03
N ASP B 200 -16.31 -48.55 28.05
CA ASP B 200 -17.68 -48.94 27.73
C ASP B 200 -18.62 -47.75 27.56
N ILE B 201 -18.21 -46.81 26.73
CA ILE B 201 -18.99 -45.61 26.44
C ILE B 201 -19.76 -45.78 25.13
N ALA B 202 -20.99 -45.28 25.10
CA ALA B 202 -21.78 -45.36 23.87
C ALA B 202 -21.37 -44.17 23.01
N LEU B 203 -21.27 -44.37 21.70
CA LEU B 203 -20.90 -43.28 20.81
C LEU B 203 -21.52 -43.40 19.42
N PRO B 204 -22.55 -42.61 19.13
CA PRO B 204 -23.15 -42.71 17.80
C PRO B 204 -22.23 -42.09 16.76
N LEU B 205 -22.65 -42.12 15.50
CA LEU B 205 -21.87 -41.55 14.41
C LEU B 205 -22.25 -40.10 14.24
N GLY B 206 -23.47 -39.77 14.64
CA GLY B 206 -23.94 -38.41 14.50
C GLY B 206 -25.32 -38.20 15.08
N PHE B 207 -25.99 -37.13 14.65
CA PHE B 207 -27.31 -36.80 15.15
C PHE B 207 -28.23 -36.19 14.10
N ALA B 208 -29.52 -36.52 14.20
CA ALA B 208 -30.52 -35.96 13.32
C ALA B 208 -31.16 -34.89 14.22
N PRO B 209 -30.73 -33.63 14.07
CA PRO B 209 -31.20 -32.48 14.85
C PRO B 209 -32.68 -32.16 14.76
N GLY B 210 -33.22 -31.65 15.86
CA GLY B 210 -34.62 -31.26 15.89
C GLY B 210 -34.69 -29.80 15.48
N ASP B 211 -35.65 -29.09 16.07
CA ASP B 211 -35.85 -27.67 15.78
C ASP B 211 -34.58 -26.87 16.10
N PRO B 212 -34.12 -26.03 15.16
CA PRO B 212 -32.91 -25.22 15.36
C PRO B 212 -32.97 -24.38 16.63
N GLU B 213 -34.13 -23.82 16.92
CA GLU B 213 -34.31 -22.98 18.10
C GLU B 213 -34.23 -23.74 19.41
N GLN B 214 -34.23 -25.07 19.34
CA GLN B 214 -34.15 -25.89 20.55
C GLN B 214 -32.77 -26.48 20.76
N LEU B 215 -31.88 -26.29 19.80
CA LEU B 215 -30.54 -26.85 19.86
C LEU B 215 -29.57 -26.17 20.83
N THR B 216 -29.87 -24.96 21.27
CA THR B 216 -28.99 -24.25 22.18
C THR B 216 -29.70 -23.34 23.15
N ARG B 217 -28.97 -22.94 24.17
CA ARG B 217 -29.42 -22.02 25.20
C ARG B 217 -28.22 -21.15 25.54
N SER B 218 -28.39 -19.83 25.53
CA SER B 218 -27.30 -18.92 25.84
C SER B 218 -27.50 -18.23 27.20
N VAL B 219 -26.41 -18.04 27.93
CA VAL B 219 -26.43 -17.39 29.23
C VAL B 219 -25.58 -16.14 29.08
N THR B 220 -26.16 -14.96 29.30
CA THR B 220 -25.41 -13.74 29.10
C THR B 220 -25.24 -12.74 30.25
N GLY B 221 -24.44 -13.15 31.26
CA GLY B 221 -24.16 -12.30 32.41
C GLY B 221 -25.40 -11.71 33.02
N GLU B 222 -25.26 -10.74 33.93
CA GLU B 222 -23.97 -10.22 34.39
C GLU B 222 -23.55 -10.87 35.71
N GLY B 223 -22.26 -10.77 36.04
CA GLY B 223 -21.77 -11.32 37.28
C GLY B 223 -21.50 -12.81 37.29
N ALA B 224 -21.70 -13.45 36.15
CA ALA B 224 -21.45 -14.89 36.05
C ALA B 224 -20.90 -15.19 34.67
N PRO B 225 -20.24 -16.35 34.51
CA PRO B 225 -19.71 -16.67 33.18
C PRO B 225 -20.77 -16.62 32.09
N LYS B 226 -20.39 -16.17 30.91
CA LYS B 226 -21.32 -16.08 29.78
C LYS B 226 -20.92 -17.17 28.79
N GLY B 227 -21.90 -17.94 28.32
CA GLY B 227 -21.59 -19.00 27.39
C GLY B 227 -22.82 -19.61 26.73
N VAL B 228 -22.60 -20.72 26.02
CA VAL B 228 -23.66 -21.40 25.31
C VAL B 228 -23.73 -22.88 25.68
N PHE B 229 -24.95 -23.39 25.84
CA PHE B 229 -25.17 -24.79 26.15
C PHE B 229 -25.57 -25.49 24.85
N ASP B 230 -24.93 -26.62 24.58
CA ASP B 230 -25.21 -27.41 23.39
C ASP B 230 -26.27 -28.43 23.81
N LEU B 231 -27.48 -28.28 23.26
CA LEU B 231 -28.60 -29.16 23.59
C LEU B 231 -28.95 -30.15 22.49
N LEU B 232 -28.01 -30.41 21.58
CA LEU B 232 -28.26 -31.33 20.47
C LEU B 232 -28.71 -32.70 20.96
N GLY B 233 -28.00 -33.23 21.95
CA GLY B 233 -28.35 -34.54 22.48
C GLY B 233 -29.82 -34.68 22.87
N GLU B 234 -30.31 -33.69 23.60
CA GLU B 234 -31.69 -33.67 24.07
C GLU B 234 -32.72 -33.50 22.95
N HIS B 235 -32.30 -32.87 21.85
CA HIS B 235 -33.22 -32.62 20.75
C HIS B 235 -32.76 -33.21 19.42
N SER B 236 -32.66 -34.54 19.36
CA SER B 236 -32.23 -35.20 18.14
C SER B 236 -32.38 -36.71 18.25
N VAL B 237 -32.22 -37.37 17.10
CA VAL B 237 -32.28 -38.83 17.06
C VAL B 237 -30.85 -39.27 16.81
N PRO B 238 -30.26 -40.05 17.72
CA PRO B 238 -28.89 -40.51 17.52
C PRO B 238 -28.75 -41.34 16.25
N ILE B 239 -27.66 -41.12 15.51
CA ILE B 239 -27.40 -41.86 14.28
C ILE B 239 -26.33 -42.93 14.52
N PHE B 240 -26.77 -44.18 14.56
CA PHE B 240 -25.87 -45.32 14.78
C PHE B 240 -25.61 -46.09 13.48
N GLU B 241 -26.54 -45.98 12.54
CA GLU B 241 -26.42 -46.65 11.24
C GLU B 241 -26.30 -45.62 10.14
N ALA B 242 -25.27 -45.72 9.33
CA ALA B 242 -25.09 -44.78 8.24
C ALA B 242 -25.08 -45.51 6.91
N THR B 243 -25.66 -44.87 5.89
CA THR B 243 -25.72 -45.47 4.57
C THR B 243 -25.22 -44.50 3.49
N ILE B 244 -24.81 -45.05 2.36
CA ILE B 244 -24.36 -44.27 1.23
C ILE B 244 -25.14 -44.75 0.02
N GLU B 245 -25.92 -43.84 -0.56
CA GLU B 245 -26.76 -44.15 -1.72
C GLU B 245 -27.59 -45.41 -1.45
N GLY B 246 -28.20 -45.45 -0.27
CA GLY B 246 -29.04 -46.57 0.12
C GLY B 246 -28.39 -47.81 0.69
N GLN B 247 -27.07 -47.95 0.55
CA GLN B 247 -26.39 -49.13 1.05
C GLN B 247 -25.69 -48.92 2.39
N PRO B 248 -25.63 -49.99 3.22
CA PRO B 248 -24.98 -49.88 4.54
C PRO B 248 -23.54 -49.41 4.35
N ALA B 249 -23.15 -48.41 5.14
CA ALA B 249 -21.80 -47.85 5.04
C ALA B 249 -20.96 -48.08 6.30
N ILE B 250 -21.50 -47.68 7.44
CA ILE B 250 -20.78 -47.84 8.69
C ILE B 250 -21.74 -47.73 9.87
N GLN B 251 -21.32 -48.21 11.04
CA GLN B 251 -22.15 -48.17 12.23
C GLN B 251 -21.44 -47.59 13.44
N GLY B 252 -22.23 -47.06 14.38
CA GLY B 252 -21.68 -46.47 15.58
C GLY B 252 -21.22 -47.49 16.61
N HIS B 253 -21.20 -47.10 17.87
CA HIS B 253 -20.73 -47.98 18.93
C HIS B 253 -21.66 -47.93 20.14
N MET B 254 -21.97 -49.10 20.69
CA MET B 254 -22.84 -49.18 21.85
C MET B 254 -22.04 -49.33 23.14
N GLY B 255 -22.58 -48.79 24.23
CA GLY B 255 -21.93 -48.87 25.52
C GLY B 255 -22.94 -48.56 26.60
N SER B 256 -22.65 -48.96 27.84
CA SER B 256 -23.59 -48.72 28.94
C SER B 256 -23.38 -47.38 29.65
N LYS B 257 -22.18 -46.82 29.55
CA LYS B 257 -21.92 -45.54 30.20
C LYS B 257 -22.28 -44.35 29.31
N MET B 258 -23.13 -43.48 29.83
CA MET B 258 -23.56 -42.29 29.09
C MET B 258 -22.73 -41.09 29.53
N VAL B 259 -21.99 -40.49 28.60
CA VAL B 259 -21.17 -39.33 28.91
C VAL B 259 -21.48 -38.17 27.97
N ALA B 260 -20.92 -37.00 28.28
CA ALA B 260 -21.14 -35.81 27.46
C ALA B 260 -22.62 -35.46 27.40
N ILE B 261 -23.30 -35.59 28.53
CA ILE B 261 -24.72 -35.30 28.61
C ILE B 261 -24.93 -33.79 28.48
N SER B 262 -23.99 -33.02 29.02
CA SER B 262 -24.08 -31.57 28.95
C SER B 262 -22.76 -30.98 28.47
N ILE B 263 -22.81 -30.26 27.35
CA ILE B 263 -21.63 -29.62 26.80
C ILE B 263 -21.90 -28.12 26.68
N SER B 264 -20.93 -27.32 27.08
CA SER B 264 -21.08 -25.87 27.02
C SER B 264 -19.73 -25.19 26.83
N VAL B 265 -19.77 -23.98 26.29
CA VAL B 265 -18.54 -23.21 26.07
C VAL B 265 -18.75 -21.83 26.67
N TRP B 266 -17.69 -21.28 27.26
CA TRP B 266 -17.78 -19.99 27.91
C TRP B 266 -16.63 -19.05 27.55
N LEU B 267 -16.91 -17.75 27.55
CA LEU B 267 -15.88 -16.76 27.28
C LEU B 267 -14.90 -16.94 28.44
N PRO B 268 -13.60 -16.70 28.20
CA PRO B 268 -12.95 -16.27 26.96
C PRO B 268 -12.81 -17.37 25.89
N GLY B 269 -13.19 -18.60 26.24
CA GLY B 269 -13.10 -19.70 25.28
C GLY B 269 -12.72 -20.98 25.99
N VAL B 270 -13.60 -21.44 26.89
CA VAL B 270 -13.34 -22.65 27.64
C VAL B 270 -14.54 -23.61 27.61
N LEU B 271 -14.24 -24.88 27.33
CA LEU B 271 -15.25 -25.91 27.21
C LEU B 271 -15.48 -26.69 28.49
N LYS B 272 -16.72 -27.14 28.68
CA LYS B 272 -17.10 -27.95 29.82
C LYS B 272 -17.93 -29.13 29.29
N VAL B 273 -17.41 -30.34 29.46
CA VAL B 273 -18.10 -31.55 29.01
C VAL B 273 -18.43 -32.34 30.27
N ASP B 274 -19.73 -32.49 30.55
CA ASP B 274 -20.16 -33.17 31.76
C ASP B 274 -21.29 -34.19 31.55
N PRO B 275 -21.06 -35.45 31.96
CA PRO B 275 -19.83 -35.97 32.57
C PRO B 275 -18.95 -36.55 31.49
N PHE B 276 -17.63 -36.50 31.68
CA PHE B 276 -16.71 -37.03 30.68
C PHE B 276 -15.30 -37.05 31.26
N PRO B 277 -14.50 -38.07 30.93
CA PRO B 277 -14.78 -39.22 30.05
C PRO B 277 -15.45 -40.38 30.79
N ASP B 278 -15.99 -40.11 31.96
CA ASP B 278 -16.65 -41.11 32.77
C ASP B 278 -17.75 -40.44 33.56
N PRO B 279 -18.80 -41.19 33.92
CA PRO B 279 -19.91 -40.60 34.69
C PRO B 279 -19.45 -39.94 35.99
N THR B 280 -18.28 -40.32 36.48
CA THR B 280 -17.75 -39.75 37.72
C THR B 280 -16.80 -38.58 37.47
N LEU B 281 -16.72 -38.09 36.23
CA LEU B 281 -15.81 -36.99 35.92
C LEU B 281 -16.40 -35.88 35.06
N THR B 282 -15.68 -34.76 35.02
CA THR B 282 -16.05 -33.61 34.23
C THR B 282 -14.78 -33.12 33.55
N GLN B 283 -14.86 -32.82 32.26
CA GLN B 283 -13.70 -32.35 31.53
C GLN B 283 -13.83 -30.87 31.19
N PHE B 284 -12.75 -30.13 31.39
CA PHE B 284 -12.70 -28.70 31.11
C PHE B 284 -11.53 -28.48 30.15
N GLU B 285 -11.78 -27.73 29.07
CA GLU B 285 -10.72 -27.47 28.10
C GLU B 285 -10.53 -25.98 27.80
N TRP B 286 -9.26 -25.56 27.73
CA TRP B 286 -8.92 -24.18 27.40
C TRP B 286 -8.14 -24.22 26.09
N TYR B 287 -8.24 -23.16 25.31
CA TYR B 287 -7.52 -23.04 24.05
C TYR B 287 -6.89 -21.64 24.14
N VAL B 288 -5.83 -21.56 24.92
CA VAL B 288 -5.16 -20.28 25.15
C VAL B 288 -4.27 -19.86 24.01
N PRO B 289 -4.56 -18.69 23.43
CA PRO B 289 -3.76 -18.19 22.31
C PRO B 289 -2.31 -17.96 22.75
N ILE B 290 -1.35 -18.45 21.99
CA ILE B 290 0.06 -18.23 22.27
C ILE B 290 0.43 -17.09 21.31
N ASP B 291 0.23 -17.33 20.02
CA ASP B 291 0.43 -16.31 18.98
C ASP B 291 -0.63 -16.62 17.92
N GLU B 292 -0.60 -15.95 16.78
CA GLU B 292 -1.64 -16.21 15.79
C GLU B 292 -1.71 -17.63 15.23
N GLY B 293 -0.60 -18.35 15.25
CA GLY B 293 -0.62 -19.71 14.71
C GLY B 293 -0.57 -20.86 15.71
N HIS B 294 -0.60 -20.55 16.99
CA HIS B 294 -0.54 -21.58 18.02
C HIS B 294 -1.38 -21.30 19.24
N HIS B 295 -1.85 -22.36 19.89
CA HIS B 295 -2.60 -22.20 21.13
C HIS B 295 -2.20 -23.29 22.10
N LEU B 296 -2.41 -23.01 23.38
CA LEU B 296 -2.09 -23.95 24.43
C LEU B 296 -3.39 -24.73 24.71
N TYR B 297 -3.39 -26.01 24.37
CA TYR B 297 -4.56 -26.85 24.61
C TYR B 297 -4.44 -27.45 26.01
N LEU B 298 -5.23 -26.91 26.94
CA LEU B 298 -5.24 -27.32 28.34
C LEU B 298 -6.43 -28.23 28.64
N GLN B 299 -6.14 -29.46 29.08
CA GLN B 299 -7.18 -30.43 29.40
C GLN B 299 -7.21 -30.73 30.89
N MET B 300 -8.30 -30.34 31.55
CA MET B 300 -8.44 -30.58 32.99
C MET B 300 -9.57 -31.58 33.24
N LEU B 301 -9.39 -32.45 34.23
CA LEU B 301 -10.40 -33.43 34.61
C LEU B 301 -10.70 -33.20 36.09
N GLY B 302 -11.98 -33.09 36.42
CA GLY B 302 -12.35 -32.85 37.81
C GLY B 302 -13.30 -33.91 38.37
N ARG B 303 -13.16 -34.17 39.67
CA ARG B 303 -14.01 -35.14 40.36
C ARG B 303 -14.34 -34.63 41.76
N ARG B 304 -15.62 -34.58 42.09
CA ARG B 304 -16.03 -34.14 43.42
C ARG B 304 -15.44 -35.14 44.41
N VAL B 305 -14.72 -34.63 45.41
CA VAL B 305 -14.10 -35.48 46.41
C VAL B 305 -14.57 -35.07 47.81
N GLY B 306 -14.68 -36.04 48.70
CA GLY B 306 -15.13 -35.75 50.05
C GLY B 306 -14.09 -35.98 51.14
N SER B 307 -12.98 -36.60 50.77
CA SER B 307 -11.92 -36.88 51.73
C SER B 307 -10.55 -36.84 51.06
N GLU B 308 -9.51 -36.67 51.86
CA GLU B 308 -8.15 -36.62 51.34
C GLU B 308 -7.79 -37.99 50.77
N GLU B 309 -8.57 -39.00 51.14
CA GLU B 309 -8.33 -40.36 50.67
C GLU B 309 -8.76 -40.50 49.21
N GLU B 310 -10.00 -40.13 48.90
CA GLU B 310 -10.48 -40.25 47.54
C GLU B 310 -9.84 -39.20 46.63
N ALA B 311 -9.12 -38.26 47.24
CA ALA B 311 -8.43 -37.23 46.47
C ALA B 311 -7.17 -37.89 45.92
N ARG B 312 -6.44 -38.58 46.79
CA ARG B 312 -5.23 -39.27 46.38
C ARG B 312 -5.60 -40.37 45.39
N SER B 313 -6.81 -40.90 45.52
CA SER B 313 -7.28 -41.95 44.63
C SER B 313 -7.49 -41.39 43.23
N PHE B 314 -8.18 -40.26 43.14
CA PHE B 314 -8.44 -39.63 41.85
C PHE B 314 -7.12 -39.27 41.18
N GLU B 315 -6.20 -38.72 41.96
CA GLU B 315 -4.89 -38.32 41.45
C GLU B 315 -4.17 -39.50 40.79
N ALA B 316 -4.23 -40.66 41.42
CA ALA B 316 -3.57 -41.85 40.88
C ALA B 316 -4.30 -42.37 39.64
N GLU B 317 -5.62 -42.35 39.69
CA GLU B 317 -6.42 -42.81 38.57
C GLU B 317 -6.16 -41.90 37.36
N PHE B 318 -6.15 -40.59 37.60
CA PHE B 318 -5.89 -39.60 36.56
C PHE B 318 -4.62 -39.95 35.78
N ARG B 319 -3.51 -40.10 36.51
CA ARG B 319 -2.22 -40.42 35.92
C ARG B 319 -2.11 -41.80 35.30
N GLU B 320 -2.59 -42.81 36.02
CA GLU B 320 -2.48 -44.18 35.57
C GLU B 320 -3.50 -44.64 34.53
N LYS B 321 -4.63 -43.96 34.43
CA LYS B 321 -5.65 -44.39 33.48
C LYS B 321 -6.19 -43.36 32.49
N TRP B 322 -6.80 -42.31 33.02
CA TRP B 322 -7.41 -41.27 32.19
C TRP B 322 -6.54 -40.47 31.23
N VAL B 323 -5.30 -40.19 31.61
CA VAL B 323 -4.42 -39.43 30.72
C VAL B 323 -4.24 -40.14 29.38
N GLU B 324 -3.84 -41.40 29.41
CA GLU B 324 -3.61 -42.15 28.17
C GLU B 324 -4.90 -42.65 27.51
N LEU B 325 -5.88 -43.03 28.30
CA LEU B 325 -7.13 -43.56 27.77
C LEU B 325 -8.04 -42.51 27.13
N ALA B 326 -8.16 -41.36 27.77
CA ALA B 326 -9.03 -40.30 27.28
C ALA B 326 -8.35 -39.02 26.79
N LEU B 327 -7.63 -38.33 27.68
CA LEU B 327 -6.97 -37.08 27.30
C LEU B 327 -6.14 -37.25 26.03
N ASN B 328 -5.51 -38.41 25.87
CA ASN B 328 -4.74 -38.69 24.66
C ASN B 328 -5.54 -39.65 23.76
N GLY B 329 -6.00 -40.75 24.35
CA GLY B 329 -6.76 -41.75 23.59
C GLY B 329 -8.00 -41.27 22.86
N PHE B 330 -8.67 -40.27 23.41
CA PHE B 330 -9.87 -39.75 22.78
C PHE B 330 -9.58 -38.44 22.02
N ASN B 331 -9.02 -37.46 22.72
CA ASN B 331 -8.72 -36.15 22.12
C ASN B 331 -7.59 -36.03 21.11
N ASP B 332 -6.69 -37.01 21.04
CA ASP B 332 -5.60 -36.93 20.07
C ASP B 332 -6.13 -36.77 18.64
N ASP B 333 -7.26 -37.40 18.34
CA ASP B 333 -7.85 -37.30 17.00
C ASP B 333 -8.37 -35.89 16.71
N ASP B 334 -8.59 -35.09 17.76
CA ASP B 334 -9.07 -33.74 17.56
C ASP B 334 -8.00 -32.82 16.96
N ILE B 335 -6.73 -33.11 17.24
CA ILE B 335 -5.65 -32.27 16.74
C ILE B 335 -5.62 -32.16 15.21
N LEU B 336 -5.88 -33.26 14.51
CA LEU B 336 -5.87 -33.24 13.05
C LEU B 336 -6.94 -32.27 12.54
N ALA B 337 -8.11 -32.31 13.16
CA ALA B 337 -9.21 -31.43 12.77
C ALA B 337 -8.78 -29.96 12.85
N ARG B 338 -8.17 -29.57 13.95
CA ARG B 338 -7.73 -28.19 14.14
C ARG B 338 -6.66 -27.81 13.12
N ARG B 339 -5.71 -28.71 12.90
CA ARG B 339 -4.64 -28.45 11.95
C ARG B 339 -5.14 -28.38 10.51
N SER B 340 -6.12 -29.22 10.16
CA SER B 340 -6.62 -29.23 8.79
C SER B 340 -7.52 -28.04 8.49
N MET B 341 -8.24 -27.54 9.49
CA MET B 341 -9.10 -26.38 9.28
C MET B 341 -8.26 -25.09 9.27
N GLU B 342 -7.18 -25.10 10.05
CA GLU B 342 -6.30 -23.93 10.18
C GLU B 342 -6.10 -23.08 8.93
N PRO B 343 -5.49 -23.66 7.87
CA PRO B 343 -5.27 -22.85 6.66
C PRO B 343 -6.52 -22.26 6.02
N PHE B 344 -7.64 -22.98 6.09
CA PHE B 344 -8.89 -22.50 5.51
C PHE B 344 -9.36 -21.21 6.21
N TYR B 345 -9.15 -21.14 7.52
CA TYR B 345 -9.57 -19.98 8.28
C TYR B 345 -8.49 -18.94 8.59
N ALA B 346 -7.22 -19.31 8.42
CA ALA B 346 -6.11 -18.40 8.73
C ALA B 346 -6.13 -17.07 7.96
N ASP B 347 -6.66 -17.08 6.74
CA ASP B 347 -6.71 -15.85 5.94
C ASP B 347 -8.11 -15.25 5.95
N ASP B 348 -8.96 -15.71 6.87
CA ASP B 348 -10.32 -15.20 7.00
C ASP B 348 -11.31 -15.65 5.94
N ARG B 349 -10.84 -16.23 4.84
CA ARG B 349 -11.77 -16.64 3.79
C ARG B 349 -12.72 -17.75 4.27
N GLY B 350 -12.21 -18.62 5.14
CA GLY B 350 -13.04 -19.70 5.64
C GLY B 350 -14.36 -19.27 6.25
N TRP B 351 -14.35 -18.17 7.00
CA TRP B 351 -15.57 -17.68 7.64
C TRP B 351 -16.66 -17.38 6.62
N ARG B 352 -16.27 -17.01 5.41
CA ARG B 352 -17.23 -16.69 4.36
C ARG B 352 -17.52 -17.87 3.44
N GLU B 353 -16.52 -18.73 3.23
CA GLU B 353 -16.68 -19.86 2.31
C GLU B 353 -17.16 -21.18 2.89
N GLU B 354 -17.11 -21.32 4.21
CA GLU B 354 -17.58 -22.55 4.86
C GLU B 354 -19.04 -22.79 4.47
N VAL B 355 -19.46 -24.06 4.42
CA VAL B 355 -20.84 -24.39 4.14
C VAL B 355 -21.31 -25.17 5.36
N LEU B 356 -21.99 -24.48 6.27
CA LEU B 356 -22.45 -25.08 7.51
C LEU B 356 -23.75 -25.88 7.37
N PHE B 357 -23.98 -26.82 8.29
CA PHE B 357 -25.24 -27.54 8.26
C PHE B 357 -25.90 -27.52 9.62
N GLU B 358 -27.00 -28.26 9.78
CA GLU B 358 -27.77 -28.22 11.01
C GLU B 358 -27.09 -28.26 12.37
N SER B 359 -26.15 -29.18 12.58
CA SER B 359 -25.48 -29.26 13.88
C SER B 359 -24.54 -28.09 14.19
N ASP B 360 -24.33 -27.20 13.21
CA ASP B 360 -23.45 -26.05 13.45
C ASP B 360 -24.15 -24.89 14.12
N ARG B 361 -25.42 -25.06 14.48
CA ARG B 361 -26.15 -23.98 15.15
C ARG B 361 -25.45 -23.57 16.44
N ALA B 362 -24.94 -24.54 17.18
CA ALA B 362 -24.26 -24.25 18.43
C ALA B 362 -23.02 -23.36 18.25
N ILE B 363 -22.17 -23.66 17.29
CA ILE B 363 -20.98 -22.84 17.11
C ILE B 363 -21.36 -21.43 16.66
N ILE B 364 -22.44 -21.32 15.88
CA ILE B 364 -22.88 -19.99 15.43
C ILE B 364 -23.33 -19.17 16.64
N GLU B 365 -24.00 -19.82 17.59
CA GLU B 365 -24.45 -19.10 18.79
C GLU B 365 -23.24 -18.66 19.60
N TRP B 366 -22.19 -19.48 19.61
CA TRP B 366 -20.96 -19.14 20.33
C TRP B 366 -20.28 -17.93 19.67
N ARG B 367 -20.17 -17.95 18.35
CA ARG B 367 -19.53 -16.84 17.65
C ARG B 367 -20.28 -15.53 17.89
N ARG B 368 -21.61 -15.60 17.95
CA ARG B 368 -22.42 -14.41 18.19
C ARG B 368 -22.21 -13.92 19.62
N LEU B 369 -22.27 -14.84 20.59
CA LEU B 369 -22.07 -14.47 21.99
C LEU B 369 -20.66 -13.94 22.23
N ALA B 370 -19.66 -14.65 21.74
CA ALA B 370 -18.27 -14.22 21.92
C ALA B 370 -18.05 -12.82 21.34
N SER B 371 -18.62 -12.57 20.16
CA SER B 371 -18.48 -11.28 19.50
C SER B 371 -19.09 -10.13 20.30
N GLN B 372 -20.28 -10.37 20.84
CA GLN B 372 -20.95 -9.32 21.59
C GLN B 372 -20.44 -9.08 23.01
N TYR B 373 -20.11 -10.16 23.72
CA TYR B 373 -19.70 -10.02 25.11
C TYR B 373 -18.22 -10.10 25.49
N ASN B 374 -17.31 -10.27 24.53
CA ASN B 374 -15.90 -10.31 24.90
C ASN B 374 -15.52 -8.92 25.43
N ARG B 375 -14.54 -8.87 26.33
CA ARG B 375 -14.14 -7.59 26.91
C ARG B 375 -13.06 -6.85 26.14
N GLY B 376 -12.86 -7.22 24.88
CA GLY B 376 -11.87 -6.54 24.07
C GLY B 376 -11.14 -7.47 23.12
N ILE B 377 -10.72 -6.91 21.98
CA ILE B 377 -10.00 -7.68 20.97
C ILE B 377 -8.51 -7.42 21.14
N GLN B 378 -7.74 -8.48 21.39
CA GLN B 378 -6.30 -8.36 21.57
C GLN B 378 -5.66 -8.05 20.22
N THR B 379 -4.77 -7.04 20.20
CA THR B 379 -4.08 -6.66 18.98
C THR B 379 -2.60 -6.46 19.26
N ARG B 380 -1.81 -6.30 18.20
CA ARG B 380 -0.36 -6.07 18.32
C ARG B 380 -0.04 -4.59 18.14
N ASP B 381 1.25 -4.26 18.04
CA ASP B 381 1.72 -2.88 17.85
C ASP B 381 1.69 -2.06 19.15
N ALA C 8 12.46 3.18 -17.23
CA ALA C 8 12.56 1.67 -17.36
C ALA C 8 12.55 1.27 -18.81
N GLY C 9 11.53 1.69 -19.38
CA GLY C 9 11.36 1.20 -20.71
C GLY C 9 11.68 1.63 -22.13
N ILE C 10 12.69 1.49 -22.97
CA ILE C 10 13.80 0.42 -23.03
C ILE C 10 13.45 -1.01 -22.56
N ALA C 11 13.15 -1.30 -21.28
CA ALA C 11 12.90 -2.65 -20.84
C ALA C 11 11.49 -3.07 -21.22
N GLU C 12 10.52 -2.15 -21.09
CA GLU C 12 9.12 -2.47 -21.40
C GLU C 12 9.00 -2.81 -22.87
N ARG C 13 9.72 -2.08 -23.71
CA ARG C 13 9.67 -2.33 -25.15
C ARG C 13 10.28 -3.68 -25.50
N ARG C 14 11.37 -4.02 -24.82
CA ARG C 14 12.03 -5.29 -25.08
C ARG C 14 11.22 -6.50 -24.59
N THR C 15 10.54 -6.34 -23.45
CA THR C 15 9.76 -7.42 -22.86
C THR C 15 8.27 -7.41 -23.20
N ARG C 16 7.82 -6.34 -23.87
CA ARG C 16 6.42 -6.18 -24.23
C ARG C 16 5.78 -7.44 -24.82
N ALA C 17 6.42 -8.02 -25.82
CA ALA C 17 5.89 -9.21 -26.48
C ALA C 17 5.76 -10.46 -25.59
N TRP C 18 6.39 -10.46 -24.41
CA TRP C 18 6.25 -11.62 -23.53
C TRP C 18 5.75 -11.30 -22.12
N ALA C 19 5.11 -10.15 -21.97
CA ALA C 19 4.57 -9.75 -20.67
C ALA C 19 3.68 -10.82 -20.02
N PRO C 20 2.82 -11.49 -20.81
CA PRO C 20 1.96 -12.52 -20.23
C PRO C 20 2.76 -13.68 -19.60
N TYR C 21 3.84 -14.08 -20.29
CA TYR C 21 4.73 -15.14 -19.82
C TYR C 21 5.40 -14.73 -18.51
N ILE C 22 5.82 -13.48 -18.44
CA ILE C 22 6.46 -12.95 -17.24
C ILE C 22 5.50 -13.02 -16.04
N ASP C 23 4.20 -12.91 -16.32
CA ASP C 23 3.16 -12.97 -15.30
C ASP C 23 2.73 -14.39 -14.93
N ALA C 24 3.01 -15.35 -15.81
CA ALA C 24 2.59 -16.73 -15.61
C ALA C 24 3.44 -17.55 -14.65
N LYS C 25 3.66 -17.00 -13.46
CA LYS C 25 4.45 -17.65 -12.43
C LYS C 25 3.84 -19.00 -12.01
N LEU C 26 2.53 -19.13 -12.16
CA LEU C 26 1.85 -20.35 -11.77
C LEU C 26 1.43 -21.23 -12.96
N GLY C 27 1.89 -20.87 -14.15
CA GLY C 27 1.55 -21.66 -15.32
C GLY C 27 0.35 -21.16 -16.11
N PHE C 28 -0.02 -21.93 -17.13
CA PHE C 28 -1.15 -21.55 -17.97
C PHE C 28 -2.40 -22.36 -17.67
N ARG C 29 -3.51 -21.64 -17.47
CA ARG C 29 -4.79 -22.25 -17.19
C ARG C 29 -5.48 -22.68 -18.48
N ASN C 30 -6.35 -23.67 -18.38
CA ASN C 30 -7.09 -24.21 -19.52
C ASN C 30 -6.24 -25.06 -20.45
N HIS C 31 -5.36 -25.87 -19.85
CA HIS C 31 -4.49 -26.77 -20.60
C HIS C 31 -4.42 -28.10 -19.84
N TRP C 32 -3.97 -29.15 -20.53
CA TRP C 32 -3.81 -30.48 -19.92
C TRP C 32 -2.40 -30.58 -19.34
N TYR C 33 -2.29 -31.25 -18.20
CA TYR C 33 -0.99 -31.45 -17.56
C TYR C 33 -0.90 -32.84 -16.94
N PRO C 34 0.25 -33.51 -17.14
CA PRO C 34 0.43 -34.85 -16.57
C PRO C 34 0.84 -34.62 -15.11
N VAL C 35 0.31 -35.43 -14.19
CA VAL C 35 0.65 -35.25 -12.79
C VAL C 35 1.23 -36.47 -12.12
N ARG C 36 0.95 -37.65 -12.66
CA ARG C 36 1.43 -38.87 -12.05
C ARG C 36 1.56 -40.00 -13.08
N LEU C 37 2.36 -41.00 -12.76
CA LEU C 37 2.53 -42.15 -13.63
C LEU C 37 1.33 -43.05 -13.33
N SER C 38 0.83 -43.76 -14.33
CA SER C 38 -0.33 -44.62 -14.15
C SER C 38 -0.24 -45.58 -12.95
N ALA C 39 0.93 -46.20 -12.78
CA ALA C 39 1.12 -47.15 -11.69
C ALA C 39 1.05 -46.50 -10.31
N GLU C 40 1.21 -45.19 -10.25
CA GLU C 40 1.16 -44.48 -8.97
C GLU C 40 -0.28 -44.25 -8.51
N VAL C 41 -1.21 -44.44 -9.44
CA VAL C 41 -2.63 -44.25 -9.14
C VAL C 41 -3.31 -45.61 -9.26
N ALA C 42 -3.24 -46.39 -8.19
CA ALA C 42 -3.81 -47.73 -8.16
C ALA C 42 -5.28 -47.79 -7.76
N GLU C 43 -5.92 -48.89 -8.13
CA GLU C 43 -7.33 -49.12 -7.82
C GLU C 43 -7.58 -48.92 -6.32
N ALA C 44 -8.64 -48.18 -6.00
CA ALA C 44 -9.03 -47.91 -4.63
C ALA C 44 -7.93 -47.44 -3.68
N SER C 45 -6.98 -46.65 -4.19
CA SER C 45 -5.89 -46.15 -3.37
C SER C 45 -5.64 -44.66 -3.68
N PRO C 46 -6.48 -43.77 -3.12
CA PRO C 46 -6.38 -42.32 -3.32
C PRO C 46 -4.97 -41.73 -3.17
N VAL C 47 -4.62 -40.83 -4.09
CA VAL C 47 -3.32 -40.17 -4.09
C VAL C 47 -3.49 -38.65 -4.24
N PRO C 48 -3.01 -37.87 -3.27
CA PRO C 48 -3.17 -36.42 -3.41
C PRO C 48 -2.02 -35.84 -4.23
N VAL C 49 -2.32 -34.83 -5.04
CA VAL C 49 -1.30 -34.17 -5.86
C VAL C 49 -1.60 -32.67 -5.87
N GLN C 50 -0.61 -31.88 -6.27
CA GLN C 50 -0.80 -30.44 -6.36
C GLN C 50 -0.22 -29.96 -7.68
N LEU C 51 -0.99 -29.17 -8.42
CA LEU C 51 -0.50 -28.63 -9.69
C LEU C 51 -1.11 -27.26 -9.89
N LEU C 52 -0.29 -26.33 -10.38
CA LEU C 52 -0.74 -24.95 -10.60
C LEU C 52 -1.37 -24.39 -9.33
N GLY C 53 -0.80 -24.75 -8.18
CA GLY C 53 -1.30 -24.26 -6.91
C GLY C 53 -2.59 -24.86 -6.42
N GLU C 54 -3.17 -25.81 -7.17
CA GLU C 54 -4.42 -26.44 -6.79
C GLU C 54 -4.24 -27.85 -6.22
N LYS C 55 -4.87 -28.11 -5.07
CA LYS C 55 -4.77 -29.41 -4.41
C LYS C 55 -5.84 -30.37 -4.91
N VAL C 56 -5.40 -31.47 -5.51
CA VAL C 56 -6.33 -32.45 -6.08
C VAL C 56 -6.14 -33.84 -5.47
N LEU C 57 -7.22 -34.62 -5.46
CA LEU C 57 -7.17 -35.97 -4.92
C LEU C 57 -7.56 -36.93 -6.03
N LEU C 58 -6.67 -37.87 -6.33
CA LEU C 58 -6.91 -38.84 -7.40
C LEU C 58 -7.26 -40.22 -6.86
N ASN C 59 -7.98 -40.99 -7.65
CA ASN C 59 -8.35 -42.36 -7.28
C ASN C 59 -8.80 -43.12 -8.52
N ARG C 60 -8.53 -44.41 -8.55
CA ARG C 60 -8.93 -45.25 -9.67
C ARG C 60 -10.07 -46.15 -9.18
N VAL C 61 -11.21 -46.04 -9.83
CA VAL C 61 -12.39 -46.82 -9.47
C VAL C 61 -12.81 -47.62 -10.71
N ASP C 62 -12.79 -48.94 -10.58
CA ASP C 62 -13.13 -49.83 -11.69
C ASP C 62 -12.23 -49.53 -12.88
N GLY C 63 -10.94 -49.33 -12.60
CA GLY C 63 -9.98 -49.05 -13.65
C GLY C 63 -9.95 -47.63 -14.17
N VAL C 64 -10.95 -46.82 -13.81
CA VAL C 64 -11.03 -45.44 -14.28
C VAL C 64 -10.54 -44.42 -13.25
N VAL C 65 -9.60 -43.56 -13.68
CA VAL C 65 -9.06 -42.55 -12.79
C VAL C 65 -9.97 -41.34 -12.72
N HIS C 66 -10.23 -40.88 -11.50
CA HIS C 66 -11.08 -39.71 -11.27
C HIS C 66 -10.29 -38.70 -10.45
N ALA C 67 -10.63 -37.42 -10.58
CA ALA C 67 -9.93 -36.36 -9.86
C ALA C 67 -10.91 -35.34 -9.27
N ILE C 68 -10.76 -35.06 -7.98
CA ILE C 68 -11.63 -34.10 -7.29
C ILE C 68 -10.80 -33.12 -6.46
N ALA C 69 -11.37 -31.97 -6.17
CA ALA C 69 -10.67 -30.98 -5.34
C ALA C 69 -10.44 -31.66 -3.99
N ASP C 70 -9.23 -31.56 -3.46
CA ASP C 70 -8.88 -32.19 -2.19
C ASP C 70 -9.24 -31.31 -0.98
N ARG C 71 -10.51 -30.94 -0.86
CA ARG C 71 -10.97 -30.09 0.23
C ARG C 71 -12.47 -30.24 0.47
N CYS C 72 -12.84 -30.53 1.71
CA CYS C 72 -14.24 -30.69 2.06
C CYS C 72 -14.96 -29.34 1.99
N LEU C 73 -16.21 -29.35 1.52
CA LEU C 73 -16.98 -28.12 1.40
C LEU C 73 -17.50 -27.63 2.75
N HIS C 74 -17.52 -28.53 3.74
CA HIS C 74 -18.04 -28.19 5.06
C HIS C 74 -17.16 -27.20 5.83
N ARG C 75 -16.06 -27.69 6.39
CA ARG C 75 -15.16 -26.82 7.16
C ARG C 75 -13.79 -26.65 6.48
N GLY C 76 -13.74 -27.00 5.19
CA GLY C 76 -12.53 -26.84 4.42
C GLY C 76 -11.31 -27.67 4.76
N VAL C 77 -11.48 -28.81 5.43
CA VAL C 77 -10.33 -29.64 5.75
C VAL C 77 -9.84 -30.36 4.49
N THR C 78 -8.61 -30.85 4.54
CA THR C 78 -8.05 -31.58 3.41
C THR C 78 -8.50 -33.03 3.55
N LEU C 79 -9.30 -33.48 2.58
CA LEU C 79 -9.82 -34.84 2.59
C LEU C 79 -8.72 -35.90 2.73
N SER C 80 -7.65 -35.74 1.96
CA SER C 80 -6.55 -36.70 1.96
C SER C 80 -5.76 -36.80 3.25
N ASP C 81 -6.00 -35.92 4.23
CA ASP C 81 -5.28 -36.00 5.49
C ASP C 81 -5.65 -37.31 6.22
N LYS C 82 -6.79 -37.87 5.86
CA LYS C 82 -7.25 -39.14 6.43
C LYS C 82 -8.33 -39.70 5.50
N VAL C 83 -7.89 -40.44 4.49
CA VAL C 83 -8.79 -41.02 3.51
C VAL C 83 -9.70 -42.10 4.10
N GLU C 84 -11.01 -41.91 3.95
CA GLU C 84 -11.99 -42.87 4.42
C GLU C 84 -13.03 -43.07 3.32
N CYS C 85 -13.10 -44.29 2.80
CA CYS C 85 -14.04 -44.65 1.74
C CYS C 85 -14.94 -45.79 2.24
N TYR C 86 -16.26 -45.59 2.19
CA TYR C 86 -17.19 -46.61 2.68
C TYR C 86 -18.10 -47.20 1.59
N SER C 87 -17.84 -46.82 0.34
CA SER C 87 -18.57 -47.34 -0.81
C SER C 87 -17.57 -47.19 -1.95
N LYS C 88 -17.65 -48.08 -2.92
CA LYS C 88 -16.72 -48.07 -4.06
C LYS C 88 -16.64 -46.73 -4.79
N ALA C 89 -17.78 -46.10 -4.99
CA ALA C 89 -17.85 -44.85 -5.73
C ALA C 89 -17.67 -43.55 -4.96
N THR C 90 -17.50 -43.62 -3.64
CA THR C 90 -17.38 -42.39 -2.86
C THR C 90 -16.25 -42.30 -1.86
N ILE C 91 -16.07 -41.09 -1.33
CA ILE C 91 -15.08 -40.82 -0.30
C ILE C 91 -15.86 -40.01 0.73
N SER C 92 -15.66 -40.32 2.01
CA SER C 92 -16.35 -39.62 3.08
C SER C 92 -15.33 -38.81 3.89
N CYS C 93 -15.63 -37.53 4.12
CA CYS C 93 -14.73 -36.69 4.89
C CYS C 93 -14.57 -37.29 6.28
N TRP C 94 -13.34 -37.31 6.76
CA TRP C 94 -13.03 -37.88 8.07
C TRP C 94 -13.52 -37.06 9.27
N TYR C 95 -14.04 -35.87 9.03
CA TYR C 95 -14.49 -35.04 10.15
C TYR C 95 -15.97 -35.26 10.49
N HIS C 96 -16.86 -34.96 9.56
CA HIS C 96 -18.30 -35.13 9.78
C HIS C 96 -18.97 -36.02 8.73
N GLY C 97 -18.18 -36.82 8.02
CA GLY C 97 -18.75 -37.73 7.05
C GLY C 97 -19.47 -37.21 5.83
N TRP C 98 -19.21 -35.97 5.40
CA TRP C 98 -19.86 -35.50 4.17
C TRP C 98 -19.29 -36.44 3.11
N THR C 99 -20.16 -37.06 2.32
CA THR C 99 -19.74 -38.05 1.33
C THR C 99 -19.91 -37.63 -0.12
N TYR C 100 -18.82 -37.73 -0.88
CA TYR C 100 -18.83 -37.31 -2.29
C TYR C 100 -18.48 -38.43 -3.26
N ARG C 101 -19.08 -38.39 -4.44
CA ARG C 101 -18.80 -39.38 -5.48
C ARG C 101 -17.54 -38.96 -6.23
N TRP C 102 -16.71 -39.93 -6.57
CA TRP C 102 -15.47 -39.66 -7.30
C TRP C 102 -15.71 -39.19 -8.73
N ASP C 103 -16.74 -39.72 -9.38
CA ASP C 103 -17.00 -39.37 -10.76
C ASP C 103 -17.58 -37.98 -11.03
N ASN C 104 -18.39 -37.46 -10.12
CA ASN C 104 -18.96 -36.13 -10.36
C ASN C 104 -18.82 -35.17 -9.18
N GLY C 105 -18.13 -35.62 -8.12
CA GLY C 105 -17.91 -34.79 -6.95
C GLY C 105 -19.14 -34.42 -6.15
N LYS C 106 -20.29 -34.96 -6.52
CA LYS C 106 -21.54 -34.63 -5.83
C LYS C 106 -21.64 -35.10 -4.39
N LEU C 107 -22.17 -34.24 -3.53
CA LEU C 107 -22.38 -34.56 -2.12
C LEU C 107 -23.66 -35.39 -2.11
N VAL C 108 -23.51 -36.71 -2.15
CA VAL C 108 -24.66 -37.61 -2.18
C VAL C 108 -25.18 -38.04 -0.81
N ASP C 109 -24.35 -37.95 0.22
CA ASP C 109 -24.76 -38.35 1.56
C ASP C 109 -23.95 -37.64 2.64
N ILE C 110 -24.50 -37.63 3.84
CA ILE C 110 -23.81 -37.08 5.01
C ILE C 110 -24.05 -38.12 6.11
N LEU C 111 -23.05 -38.98 6.30
CA LEU C 111 -23.10 -40.05 7.27
C LEU C 111 -23.58 -39.65 8.67
N THR C 112 -23.17 -38.47 9.11
CA THR C 112 -23.52 -37.97 10.44
C THR C 112 -24.89 -37.32 10.58
N ASN C 113 -25.58 -37.14 9.47
CA ASN C 113 -26.92 -36.55 9.49
C ASN C 113 -27.60 -36.73 8.15
N PRO C 114 -28.23 -37.91 7.93
CA PRO C 114 -28.91 -38.24 6.69
C PRO C 114 -30.13 -37.38 6.39
N THR C 115 -30.54 -36.54 7.35
CA THR C 115 -31.71 -35.68 7.13
C THR C 115 -31.32 -34.25 6.74
N SER C 116 -30.03 -33.96 6.70
CA SER C 116 -29.58 -32.62 6.35
C SER C 116 -30.07 -32.13 4.99
N VAL C 117 -30.53 -30.88 4.96
CA VAL C 117 -31.02 -30.28 3.73
C VAL C 117 -29.87 -29.96 2.76
N GLN C 118 -28.63 -30.09 3.24
CA GLN C 118 -27.47 -29.81 2.39
C GLN C 118 -27.17 -30.94 1.41
N ILE C 119 -27.62 -32.14 1.74
CA ILE C 119 -27.41 -33.30 0.89
C ILE C 119 -27.94 -33.08 -0.54
N GLY C 120 -27.12 -33.41 -1.53
CA GLY C 120 -27.53 -33.24 -2.92
C GLY C 120 -27.56 -31.82 -3.42
N ARG C 121 -27.13 -30.86 -2.61
CA ARG C 121 -27.15 -29.46 -3.02
C ARG C 121 -25.77 -28.90 -3.37
N HIS C 122 -24.74 -29.73 -3.24
CA HIS C 122 -23.37 -29.26 -3.51
C HIS C 122 -22.54 -30.34 -4.22
N ALA C 123 -21.40 -29.92 -4.75
CA ALA C 123 -20.49 -30.84 -5.42
C ALA C 123 -19.08 -30.28 -5.44
N LEU C 124 -18.12 -31.15 -5.16
CA LEU C 124 -16.71 -30.79 -5.19
C LEU C 124 -16.38 -30.50 -6.64
N LYS C 125 -15.36 -29.70 -6.89
CA LYS C 125 -14.96 -29.42 -8.26
C LYS C 125 -14.28 -30.70 -8.75
N THR C 126 -14.51 -31.06 -10.01
CA THR C 126 -13.88 -32.25 -10.57
C THR C 126 -12.95 -31.82 -11.71
N TYR C 127 -11.91 -32.61 -11.95
CA TYR C 127 -10.97 -32.29 -13.02
C TYR C 127 -11.03 -33.35 -14.11
N PRO C 128 -11.23 -32.91 -15.37
CA PRO C 128 -11.29 -33.88 -16.46
C PRO C 128 -9.98 -34.67 -16.46
N VAL C 129 -10.07 -35.96 -16.73
CA VAL C 129 -8.89 -36.83 -16.74
C VAL C 129 -8.70 -37.57 -18.07
N ARG C 130 -7.44 -37.72 -18.46
CA ARG C 130 -7.08 -38.46 -19.66
C ARG C 130 -5.86 -39.27 -19.24
N GLU C 131 -5.89 -40.56 -19.50
CA GLU C 131 -4.77 -41.42 -19.15
C GLU C 131 -4.23 -42.03 -20.44
N GLU C 132 -3.03 -41.61 -20.83
CA GLU C 132 -2.41 -42.10 -22.04
C GLU C 132 -0.91 -42.24 -21.82
N LYS C 133 -0.31 -43.18 -22.54
CA LYS C 133 1.13 -43.41 -22.46
C LYS C 133 1.67 -43.52 -21.04
N GLY C 134 0.91 -44.17 -20.17
CA GLY C 134 1.35 -44.36 -18.79
C GLY C 134 1.36 -43.11 -17.94
N LEU C 135 0.56 -42.11 -18.34
CA LEU C 135 0.48 -40.86 -17.58
C LEU C 135 -0.96 -40.46 -17.31
N VAL C 136 -1.20 -39.87 -16.14
CA VAL C 136 -2.54 -39.38 -15.84
C VAL C 136 -2.49 -37.87 -16.06
N PHE C 137 -3.25 -37.41 -17.04
CA PHE C 137 -3.32 -35.98 -17.37
C PHE C 137 -4.57 -35.36 -16.78
N LEU C 138 -4.44 -34.16 -16.26
CA LEU C 138 -5.58 -33.44 -15.69
C LEU C 138 -5.76 -32.13 -16.47
N PHE C 139 -7.00 -31.74 -16.69
CA PHE C 139 -7.27 -30.49 -17.37
C PHE C 139 -7.55 -29.47 -16.28
N VAL C 140 -6.76 -28.41 -16.23
CA VAL C 140 -6.95 -27.36 -15.23
C VAL C 140 -7.52 -26.13 -15.91
N GLY C 141 -8.79 -25.86 -15.71
CA GLY C 141 -9.41 -24.71 -16.34
C GLY C 141 -10.90 -24.62 -16.08
N ASP C 142 -11.55 -23.68 -16.75
CA ASP C 142 -12.99 -23.46 -16.59
C ASP C 142 -13.77 -23.71 -17.85
N GLN C 143 -13.08 -23.92 -18.96
CA GLN C 143 -13.76 -24.16 -20.23
C GLN C 143 -13.71 -25.62 -20.63
N GLU C 144 -14.57 -25.99 -21.57
CA GLU C 144 -14.64 -27.36 -22.08
C GLU C 144 -13.24 -27.72 -22.59
N PRO C 145 -12.75 -28.90 -22.22
CA PRO C 145 -11.42 -29.31 -22.68
C PRO C 145 -11.33 -29.55 -24.19
N HIS C 146 -10.18 -29.19 -24.75
CA HIS C 146 -9.91 -29.41 -26.16
C HIS C 146 -9.20 -30.77 -26.14
N ASP C 147 -8.88 -31.31 -27.32
CA ASP C 147 -8.21 -32.61 -27.36
C ASP C 147 -6.84 -32.57 -26.69
N LEU C 148 -6.51 -33.65 -25.99
CA LEU C 148 -5.23 -33.78 -25.31
C LEU C 148 -4.08 -33.59 -26.30
N ALA C 149 -4.30 -34.02 -27.54
CA ALA C 149 -3.29 -33.95 -28.59
C ALA C 149 -2.75 -32.54 -28.79
N GLU C 150 -3.57 -31.53 -28.52
CA GLU C 150 -3.14 -30.15 -28.68
C GLU C 150 -2.17 -29.69 -27.60
N ASP C 151 -2.09 -30.43 -26.49
CA ASP C 151 -1.19 -30.05 -25.39
C ASP C 151 0.02 -30.95 -25.18
N VAL C 152 0.34 -31.79 -26.16
CA VAL C 152 1.52 -32.66 -26.07
C VAL C 152 2.27 -32.57 -27.40
N PRO C 153 3.58 -32.84 -27.40
CA PRO C 153 4.37 -32.76 -28.63
C PRO C 153 3.84 -33.65 -29.76
N PRO C 154 4.11 -33.27 -31.02
CA PRO C 154 3.64 -34.08 -32.14
C PRO C 154 4.22 -35.48 -32.00
N GLY C 155 3.41 -36.49 -32.26
CA GLY C 155 3.89 -37.87 -32.17
C GLY C 155 3.87 -38.55 -30.82
N PHE C 156 3.61 -37.80 -29.75
CA PHE C 156 3.60 -38.41 -28.41
C PHE C 156 2.49 -39.43 -28.26
N LEU C 157 1.36 -39.20 -28.92
CA LEU C 157 0.22 -40.11 -28.82
C LEU C 157 0.16 -41.17 -29.92
N ASP C 158 1.23 -41.30 -30.70
CA ASP C 158 1.26 -42.32 -31.77
C ASP C 158 1.03 -43.70 -31.18
N ALA C 159 0.11 -44.45 -31.79
CA ALA C 159 -0.23 -45.78 -31.34
C ALA C 159 0.94 -46.74 -31.12
N ASP C 160 1.95 -46.66 -31.98
CA ASP C 160 3.10 -47.57 -31.89
C ASP C 160 4.23 -47.08 -31.00
N LEU C 161 4.01 -45.99 -30.27
CA LEU C 161 5.05 -45.43 -29.43
C LEU C 161 4.95 -45.92 -27.99
N ALA C 162 5.95 -46.70 -27.56
CA ALA C 162 6.00 -47.22 -26.20
C ALA C 162 6.69 -46.18 -25.33
N VAL C 163 6.07 -45.84 -24.22
CA VAL C 163 6.59 -44.80 -23.32
C VAL C 163 6.78 -45.21 -21.87
N HIS C 164 7.86 -44.71 -21.27
CA HIS C 164 8.17 -44.95 -19.88
C HIS C 164 8.82 -43.66 -19.38
N GLY C 165 8.75 -43.41 -18.09
CA GLY C 165 9.35 -42.19 -17.57
C GLY C 165 9.45 -42.14 -16.06
N GLN C 166 9.92 -40.99 -15.57
CA GLN C 166 10.07 -40.76 -14.15
C GLN C 166 9.91 -39.27 -13.89
N HIS C 167 9.70 -38.91 -12.64
CA HIS C 167 9.55 -37.50 -12.29
C HIS C 167 10.18 -37.18 -10.96
N ARG C 168 10.48 -35.90 -10.75
CA ARG C 168 11.09 -35.42 -9.52
C ARG C 168 10.61 -34.00 -9.30
N VAL C 169 10.68 -33.52 -8.05
CA VAL C 169 10.27 -32.17 -7.76
C VAL C 169 11.53 -31.31 -7.78
N VAL C 170 11.49 -30.21 -8.51
CA VAL C 170 12.63 -29.31 -8.61
C VAL C 170 12.32 -28.00 -7.88
N ASP C 171 13.25 -27.54 -7.05
CA ASP C 171 13.06 -26.30 -6.29
C ASP C 171 13.28 -25.06 -7.15
N ALA C 172 12.43 -24.89 -8.15
CA ALA C 172 12.53 -23.72 -9.01
C ALA C 172 11.20 -23.56 -9.70
N ASN C 173 10.90 -22.35 -10.13
CA ASN C 173 9.66 -22.08 -10.84
C ASN C 173 9.68 -22.90 -12.12
N TRP C 174 8.50 -23.32 -12.56
CA TRP C 174 8.38 -24.13 -13.78
C TRP C 174 9.07 -23.49 -14.99
N ARG C 175 9.04 -22.16 -15.05
CA ARG C 175 9.66 -21.48 -16.19
C ARG C 175 11.18 -21.69 -16.25
N MET C 176 11.81 -21.93 -15.11
CA MET C 176 13.25 -22.17 -15.12
C MET C 176 13.48 -23.52 -15.79
N GLY C 177 12.50 -24.42 -15.64
CA GLY C 177 12.62 -25.72 -16.27
C GLY C 177 12.51 -25.61 -17.79
N VAL C 178 11.50 -24.89 -18.27
CA VAL C 178 11.31 -24.73 -19.72
C VAL C 178 12.43 -23.92 -20.36
N GLU C 179 12.90 -22.87 -19.68
CA GLU C 179 13.98 -22.04 -20.19
C GLU C 179 15.23 -22.91 -20.34
N ASN C 180 15.48 -23.75 -19.34
CA ASN C 180 16.65 -24.64 -19.35
C ASN C 180 16.49 -25.71 -20.43
N GLY C 181 15.31 -26.31 -20.49
CA GLY C 181 15.05 -27.35 -21.47
C GLY C 181 15.13 -26.93 -22.94
N PHE C 182 14.59 -25.76 -23.27
CA PHE C 182 14.60 -25.30 -24.65
C PHE C 182 15.74 -24.34 -24.98
N ASP C 183 16.70 -24.22 -24.07
CA ASP C 183 17.84 -23.35 -24.28
C ASP C 183 18.70 -23.92 -25.42
N ALA C 184 18.59 -23.31 -26.60
CA ALA C 184 19.29 -23.76 -27.79
C ALA C 184 20.80 -23.98 -27.71
N GLY C 185 21.51 -23.18 -26.93
CA GLY C 185 22.95 -23.37 -26.83
C GLY C 185 23.54 -23.60 -25.46
N HIS C 186 23.04 -24.62 -24.74
CA HIS C 186 23.56 -24.89 -23.40
C HIS C 186 24.28 -26.24 -23.21
N VAL C 187 24.63 -26.91 -24.31
CA VAL C 187 25.31 -28.21 -24.22
C VAL C 187 26.56 -28.19 -23.34
N PHE C 188 27.18 -27.03 -23.21
CA PHE C 188 28.40 -26.86 -22.41
C PHE C 188 28.27 -27.45 -21.00
N ILE C 189 27.08 -27.36 -20.43
CA ILE C 189 26.86 -27.85 -19.07
C ILE C 189 26.87 -29.38 -18.99
N HIS C 190 26.69 -30.04 -20.12
CA HIS C 190 26.69 -31.50 -20.18
C HIS C 190 28.00 -32.14 -20.66
N LYS C 191 29.06 -31.35 -20.80
CA LYS C 191 30.34 -31.85 -21.29
C LYS C 191 31.02 -32.97 -20.50
N SER C 192 30.57 -33.21 -19.28
CA SER C 192 31.14 -34.27 -18.44
C SER C 192 30.18 -35.42 -18.20
N SER C 193 29.01 -35.39 -18.85
CA SER C 193 28.03 -36.44 -18.66
C SER C 193 28.57 -37.83 -19.01
N ILE C 194 28.24 -38.81 -18.19
CA ILE C 194 28.66 -40.18 -18.41
C ILE C 194 28.04 -40.76 -19.67
N LEU C 195 26.98 -40.12 -20.17
CA LEU C 195 26.31 -40.58 -21.36
C LEU C 195 27.18 -40.40 -22.62
N LEU C 196 28.13 -39.47 -22.57
CA LEU C 196 28.97 -39.19 -23.72
C LEU C 196 29.70 -40.40 -24.27
N ASP C 197 30.64 -40.95 -23.51
CA ASP C 197 31.36 -42.12 -23.98
C ASP C 197 30.57 -43.37 -23.61
N GLY C 198 29.53 -43.18 -22.79
CA GLY C 198 28.69 -44.31 -22.40
C GLY C 198 27.77 -44.76 -23.52
N ASN C 199 27.62 -43.92 -24.53
CA ASN C 199 26.76 -44.26 -25.66
C ASN C 199 27.36 -43.70 -26.94
N ASP C 200 28.66 -43.40 -26.90
CA ASP C 200 29.38 -42.86 -28.05
C ASP C 200 28.55 -41.80 -28.77
N ILE C 201 28.12 -40.81 -28.00
CA ILE C 201 27.33 -39.72 -28.53
C ILE C 201 28.22 -38.51 -28.79
N ALA C 202 27.94 -37.78 -29.85
CA ALA C 202 28.72 -36.59 -30.17
C ALA C 202 28.05 -35.39 -29.47
N LEU C 203 28.86 -34.58 -28.77
CA LEU C 203 28.35 -33.41 -28.08
C LEU C 203 29.34 -32.25 -28.18
N PRO C 204 29.03 -31.26 -29.02
CA PRO C 204 29.94 -30.12 -29.17
C PRO C 204 29.88 -29.22 -27.93
N LEU C 205 30.76 -28.22 -27.88
CA LEU C 205 30.80 -27.28 -26.78
C LEU C 205 29.71 -26.24 -26.97
N GLY C 206 29.44 -25.91 -28.22
CA GLY C 206 28.42 -24.93 -28.53
C GLY C 206 28.23 -24.81 -30.04
N PHE C 207 27.72 -23.66 -30.47
CA PHE C 207 27.45 -23.42 -31.88
C PHE C 207 27.72 -21.97 -32.28
N ALA C 208 28.16 -21.77 -33.52
CA ALA C 208 28.38 -20.43 -34.06
C ALA C 208 27.16 -20.30 -34.97
N PRO C 209 26.06 -19.70 -34.44
CA PRO C 209 24.81 -19.50 -35.15
C PRO C 209 24.89 -18.74 -36.46
N GLY C 210 24.00 -19.10 -37.39
CA GLY C 210 23.94 -18.42 -38.67
C GLY C 210 22.97 -17.27 -38.52
N ASP C 211 22.22 -16.98 -39.58
CA ASP C 211 21.25 -15.89 -39.56
C ASP C 211 20.14 -16.09 -38.51
N PRO C 212 19.86 -15.06 -37.70
CA PRO C 212 18.83 -15.12 -36.66
C PRO C 212 17.48 -15.63 -37.17
N GLU C 213 17.07 -15.13 -38.32
CA GLU C 213 15.79 -15.51 -38.92
C GLU C 213 15.73 -16.97 -39.38
N GLN C 214 16.87 -17.66 -39.36
CA GLN C 214 16.94 -19.06 -39.78
C GLN C 214 17.02 -20.03 -38.60
N LEU C 215 17.25 -19.50 -37.41
CA LEU C 215 17.41 -20.33 -36.22
C LEU C 215 16.16 -21.01 -35.66
N THR C 216 14.99 -20.54 -36.02
CA THR C 216 13.76 -21.14 -35.50
C THR C 216 12.62 -21.14 -36.50
N ARG C 217 11.59 -21.91 -36.16
CA ARG C 217 10.37 -22.02 -36.95
C ARG C 217 9.24 -22.21 -35.95
N SER C 218 8.17 -21.42 -36.08
CA SER C 218 7.04 -21.52 -35.17
C SER C 218 5.82 -22.14 -35.83
N VAL C 219 5.07 -22.92 -35.04
CA VAL C 219 3.85 -23.57 -35.51
C VAL C 219 2.73 -22.94 -34.69
N THR C 220 1.80 -22.28 -35.39
CA THR C 220 0.72 -21.56 -34.74
C THR C 220 -0.72 -21.91 -35.17
N GLY C 221 -0.87 -22.90 -36.04
CA GLY C 221 -2.20 -23.28 -36.50
C GLY C 221 -3.15 -23.80 -35.43
N GLU C 222 -4.44 -23.80 -35.75
CA GLU C 222 -5.48 -24.28 -34.84
C GLU C 222 -5.67 -25.78 -35.00
N GLY C 223 -6.18 -26.43 -33.95
CA GLY C 223 -6.42 -27.86 -34.01
C GLY C 223 -5.22 -28.77 -33.84
N ALA C 224 -4.05 -28.18 -33.60
CA ALA C 224 -2.83 -28.95 -33.41
C ALA C 224 -1.93 -28.23 -32.41
N PRO C 225 -0.99 -28.96 -31.79
CA PRO C 225 -0.12 -28.30 -30.81
C PRO C 225 0.64 -27.11 -31.40
N LYS C 226 0.82 -26.07 -30.58
CA LYS C 226 1.53 -24.88 -30.99
C LYS C 226 2.87 -24.85 -30.27
N GLY C 227 3.94 -24.60 -31.03
CA GLY C 227 5.26 -24.59 -30.43
C GLY C 227 6.33 -24.03 -31.34
N VAL C 228 7.57 -24.15 -30.89
CA VAL C 228 8.72 -23.64 -31.63
C VAL C 228 9.77 -24.72 -31.87
N PHE C 229 10.31 -24.75 -33.08
CA PHE C 229 11.36 -25.69 -33.45
C PHE C 229 12.69 -24.96 -33.35
N ASP C 230 13.65 -25.59 -32.68
CA ASP C 230 14.99 -25.03 -32.55
C ASP C 230 15.78 -25.57 -33.73
N LEU C 231 16.15 -24.67 -34.64
CA LEU C 231 16.89 -25.05 -35.84
C LEU C 231 18.35 -24.62 -35.80
N LEU C 232 18.89 -24.42 -34.61
CA LEU C 232 20.28 -23.98 -34.46
C LEU C 232 21.24 -25.02 -35.06
N GLY C 233 20.92 -26.29 -34.85
CA GLY C 233 21.75 -27.37 -35.34
C GLY C 233 22.08 -27.31 -36.83
N GLU C 234 21.07 -27.17 -37.68
CA GLU C 234 21.31 -27.14 -39.11
C GLU C 234 21.72 -25.77 -39.65
N HIS C 235 21.74 -24.76 -38.79
CA HIS C 235 22.11 -23.42 -39.24
C HIS C 235 23.23 -22.83 -38.38
N SER C 236 24.34 -23.54 -38.30
CA SER C 236 25.47 -23.07 -37.51
C SER C 236 26.68 -24.00 -37.69
N VAL C 237 27.79 -23.59 -37.10
CA VAL C 237 29.03 -24.37 -37.15
C VAL C 237 29.23 -24.90 -35.73
N PRO C 238 29.13 -26.22 -35.54
CA PRO C 238 29.33 -26.77 -34.20
C PRO C 238 30.73 -26.49 -33.69
N ILE C 239 30.83 -26.14 -32.40
CA ILE C 239 32.12 -25.84 -31.79
C ILE C 239 32.65 -27.04 -31.02
N PHE C 240 33.80 -27.57 -31.47
CA PHE C 240 34.41 -28.72 -30.81
C PHE C 240 35.73 -28.37 -30.16
N GLU C 241 36.13 -27.12 -30.27
CA GLU C 241 37.35 -26.63 -29.66
C GLU C 241 37.19 -25.13 -29.48
N ALA C 242 37.65 -24.60 -28.35
CA ALA C 242 37.54 -23.18 -28.09
C ALA C 242 38.78 -22.68 -27.37
N THR C 243 39.13 -21.42 -27.61
CA THR C 243 40.29 -20.83 -26.98
C THR C 243 39.92 -19.69 -26.05
N ILE C 244 40.88 -19.28 -25.24
CA ILE C 244 40.72 -18.17 -24.32
C ILE C 244 41.89 -17.24 -24.61
N GLU C 245 41.58 -16.05 -25.09
CA GLU C 245 42.59 -15.07 -25.42
C GLU C 245 43.66 -15.68 -26.33
N GLY C 246 43.19 -16.42 -27.33
CA GLY C 246 44.07 -17.04 -28.31
C GLY C 246 44.71 -18.37 -27.98
N GLN C 247 44.64 -18.80 -26.73
CA GLN C 247 45.25 -20.07 -26.32
C GLN C 247 44.24 -21.20 -26.21
N PRO C 248 44.71 -22.45 -26.43
CA PRO C 248 43.82 -23.61 -26.33
C PRO C 248 43.26 -23.64 -24.92
N ALA C 249 41.99 -24.00 -24.78
CA ALA C 249 41.38 -24.04 -23.46
C ALA C 249 40.58 -25.30 -23.19
N ILE C 250 39.72 -25.68 -24.14
CA ILE C 250 38.91 -26.87 -23.95
C ILE C 250 38.38 -27.39 -25.28
N GLN C 251 38.00 -28.66 -25.31
CA GLN C 251 37.46 -29.28 -26.51
C GLN C 251 36.12 -29.95 -26.22
N GLY C 252 35.31 -30.09 -27.26
CA GLY C 252 34.02 -30.74 -27.10
C GLY C 252 34.22 -32.25 -27.05
N HIS C 253 33.15 -32.99 -27.32
CA HIS C 253 33.24 -34.44 -27.30
C HIS C 253 32.67 -35.03 -28.58
N MET C 254 33.56 -35.38 -29.51
CA MET C 254 33.11 -35.96 -30.76
C MET C 254 32.83 -37.45 -30.58
N GLY C 255 31.79 -37.93 -31.24
CA GLY C 255 31.41 -39.33 -31.15
C GLY C 255 30.67 -39.74 -32.40
N SER C 256 30.38 -41.04 -32.53
CA SER C 256 29.69 -41.54 -33.71
C SER C 256 28.23 -41.13 -33.85
N LYS C 257 27.48 -41.23 -32.75
CA LYS C 257 26.06 -40.92 -32.77
C LYS C 257 25.68 -39.44 -32.61
N MET C 258 24.88 -38.95 -33.54
CA MET C 258 24.40 -37.58 -33.51
C MET C 258 22.96 -37.63 -32.96
N VAL C 259 22.75 -36.98 -31.83
CA VAL C 259 21.42 -36.96 -31.21
C VAL C 259 20.91 -35.53 -31.07
N ALA C 260 19.67 -35.38 -30.60
CA ALA C 260 19.08 -34.06 -30.41
C ALA C 260 19.11 -33.30 -31.73
N ILE C 261 18.72 -33.99 -32.80
CA ILE C 261 18.71 -33.38 -34.12
C ILE C 261 17.53 -32.43 -34.25
N SER C 262 16.40 -32.81 -33.66
CA SER C 262 15.20 -31.99 -33.70
C SER C 262 14.73 -31.67 -32.28
N ILE C 263 14.87 -30.41 -31.90
CA ILE C 263 14.44 -29.97 -30.57
C ILE C 263 13.30 -28.98 -30.74
N SER C 264 12.22 -29.19 -29.99
CA SER C 264 11.07 -28.31 -30.07
C SER C 264 10.37 -28.21 -28.72
N VAL C 265 9.69 -27.09 -28.48
CA VAL C 265 8.97 -26.90 -27.23
C VAL C 265 7.54 -26.53 -27.58
N TRP C 266 6.58 -27.04 -26.80
CA TRP C 266 5.17 -26.80 -27.06
C TRP C 266 4.37 -26.37 -25.83
N LEU C 267 3.32 -25.59 -26.06
CA LEU C 267 2.44 -25.15 -24.99
C LEU C 267 1.75 -26.41 -24.50
N PRO C 268 1.47 -26.52 -23.19
CA PRO C 268 1.69 -25.54 -22.12
C PRO C 268 3.13 -25.38 -21.64
N GLY C 269 4.05 -26.16 -22.20
CA GLY C 269 5.44 -26.09 -21.82
C GLY C 269 6.07 -27.48 -21.76
N VAL C 270 6.07 -28.16 -22.90
CA VAL C 270 6.62 -29.51 -22.97
C VAL C 270 7.68 -29.62 -24.06
N LEU C 271 8.81 -30.22 -23.71
CA LEU C 271 9.93 -30.38 -24.64
C LEU C 271 9.94 -31.72 -25.37
N LYS C 272 10.45 -31.70 -26.59
CA LYS C 272 10.59 -32.91 -27.41
C LYS C 272 11.99 -32.89 -28.03
N VAL C 273 12.81 -33.86 -27.65
CA VAL C 273 14.18 -33.95 -28.16
C VAL C 273 14.26 -35.24 -28.97
N ASP C 274 14.47 -35.11 -30.29
CA ASP C 274 14.52 -36.28 -31.15
C ASP C 274 15.70 -36.27 -32.13
N PRO C 275 16.52 -37.34 -32.12
CA PRO C 275 16.40 -38.51 -31.24
C PRO C 275 17.27 -38.28 -30.00
N PHE C 276 16.91 -38.91 -28.89
CA PHE C 276 17.68 -38.74 -27.66
C PHE C 276 17.10 -39.63 -26.56
N PRO C 277 17.96 -40.20 -25.71
CA PRO C 277 19.43 -40.08 -25.66
C PRO C 277 20.16 -41.04 -26.61
N ASP C 278 19.42 -41.61 -27.55
CA ASP C 278 19.97 -42.55 -28.52
C ASP C 278 19.18 -42.40 -29.81
N PRO C 279 19.81 -42.73 -30.96
CA PRO C 279 19.12 -42.62 -32.25
C PRO C 279 17.81 -43.39 -32.29
N THR C 280 17.63 -44.34 -31.38
CA THR C 280 16.42 -45.14 -31.34
C THR C 280 15.38 -44.61 -30.35
N LEU C 281 15.71 -43.53 -29.65
CA LEU C 281 14.80 -42.96 -28.65
C LEU C 281 14.42 -41.50 -28.86
N THR C 282 13.31 -41.13 -28.25
CA THR C 282 12.80 -39.75 -28.30
C THR C 282 12.50 -39.35 -26.86
N GLN C 283 13.02 -38.19 -26.43
CA GLN C 283 12.77 -37.72 -25.07
C GLN C 283 11.73 -36.60 -25.04
N PHE C 284 10.83 -36.70 -24.08
CA PHE C 284 9.76 -35.71 -23.88
C PHE C 284 9.85 -35.23 -22.43
N GLU C 285 9.84 -33.91 -22.21
CA GLU C 285 9.92 -33.38 -20.85
C GLU C 285 8.82 -32.38 -20.54
N TRP C 286 8.26 -32.48 -19.34
CA TRP C 286 7.24 -31.56 -18.85
C TRP C 286 7.82 -30.88 -17.62
N TYR C 287 7.39 -29.64 -17.36
CA TYR C 287 7.84 -28.87 -16.20
C TYR C 287 6.54 -28.35 -15.61
N VAL C 288 5.81 -29.25 -14.96
CA VAL C 288 4.52 -28.92 -14.39
C VAL C 288 4.59 -28.10 -13.12
N PRO C 289 3.95 -26.93 -13.13
CA PRO C 289 3.95 -26.04 -11.95
C PRO C 289 3.28 -26.73 -10.76
N ILE C 290 3.92 -26.68 -9.59
CA ILE C 290 3.33 -27.23 -8.38
C ILE C 290 2.83 -25.97 -7.64
N ASP C 291 3.75 -25.04 -7.41
CA ASP C 291 3.42 -23.73 -6.81
C ASP C 291 4.46 -22.79 -7.41
N GLU C 292 4.49 -21.53 -6.99
CA GLU C 292 5.45 -20.61 -7.59
C GLU C 292 6.93 -20.95 -7.44
N GLY C 293 7.29 -21.76 -6.46
CA GLY C 293 8.70 -22.08 -6.26
C GLY C 293 9.12 -23.49 -6.63
N HIS C 294 8.18 -24.30 -7.09
CA HIS C 294 8.51 -25.68 -7.45
C HIS C 294 7.77 -26.19 -8.69
N HIS C 295 8.38 -27.15 -9.37
CA HIS C 295 7.75 -27.77 -10.52
C HIS C 295 8.07 -29.26 -10.55
N LEU C 296 7.19 -30.02 -11.20
CA LEU C 296 7.36 -31.45 -11.36
C LEU C 296 8.08 -31.64 -12.69
N TYR C 297 9.32 -32.11 -12.64
CA TYR C 297 10.10 -32.34 -13.86
C TYR C 297 9.83 -33.78 -14.27
N LEU C 298 9.05 -33.94 -15.34
CA LEU C 298 8.65 -35.24 -15.86
C LEU C 298 9.49 -35.57 -17.09
N GLN C 299 10.21 -36.70 -17.03
CA GLN C 299 11.07 -37.13 -18.13
C GLN C 299 10.53 -38.41 -18.75
N MET C 300 10.10 -38.35 -20.00
CA MET C 300 9.57 -39.53 -20.68
C MET C 300 10.45 -39.94 -21.85
N LEU C 301 10.62 -41.25 -22.02
CA LEU C 301 11.40 -41.80 -23.13
C LEU C 301 10.48 -42.68 -23.96
N GLY C 302 10.45 -42.45 -25.27
CA GLY C 302 9.60 -43.24 -26.13
C GLY C 302 10.35 -43.95 -27.23
N ARG C 303 9.85 -45.12 -27.62
CA ARG C 303 10.45 -45.89 -28.70
C ARG C 303 9.37 -46.58 -29.51
N ARG C 304 9.44 -46.43 -30.83
CA ARG C 304 8.46 -47.08 -31.70
C ARG C 304 8.60 -48.58 -31.53
N VAL C 305 7.47 -49.24 -31.31
CA VAL C 305 7.47 -50.69 -31.12
C VAL C 305 6.48 -51.35 -32.07
N GLY C 306 6.81 -52.56 -32.52
CA GLY C 306 5.96 -53.28 -33.43
C GLY C 306 5.46 -54.61 -32.90
N SER C 307 5.79 -54.92 -31.65
CA SER C 307 5.36 -56.16 -31.04
C SER C 307 5.49 -56.14 -29.52
N GLU C 308 4.70 -56.98 -28.87
CA GLU C 308 4.71 -57.09 -27.42
C GLU C 308 6.11 -57.43 -26.91
N GLU C 309 6.88 -58.12 -27.74
CA GLU C 309 8.23 -58.54 -27.37
C GLU C 309 9.23 -57.39 -27.33
N GLU C 310 9.24 -56.55 -28.37
CA GLU C 310 10.17 -55.44 -28.39
C GLU C 310 9.73 -54.33 -27.43
N ALA C 311 8.51 -54.47 -26.91
CA ALA C 311 7.98 -53.52 -25.95
C ALA C 311 8.56 -53.89 -24.58
N ARG C 312 8.44 -55.17 -24.23
CA ARG C 312 8.97 -55.64 -22.95
C ARG C 312 10.48 -55.40 -22.94
N SER C 313 11.06 -55.44 -24.15
CA SER C 313 12.50 -55.24 -24.31
C SER C 313 12.88 -53.79 -23.99
N PHE C 314 12.12 -52.84 -24.54
CA PHE C 314 12.37 -51.43 -24.28
C PHE C 314 12.20 -51.14 -22.79
N GLU C 315 11.15 -51.71 -22.20
CA GLU C 315 10.85 -51.53 -20.79
C GLU C 315 12.05 -51.91 -19.93
N ALA C 316 12.69 -53.02 -20.29
CA ALA C 316 13.86 -53.50 -19.56
C ALA C 316 15.06 -52.60 -19.77
N GLU C 317 15.26 -52.15 -21.01
CA GLU C 317 16.38 -51.27 -21.32
C GLU C 317 16.19 -49.92 -20.62
N PHE C 318 14.94 -49.49 -20.50
CA PHE C 318 14.63 -48.23 -19.85
C PHE C 318 15.10 -48.23 -18.40
N ARG C 319 14.64 -49.19 -17.62
CA ARG C 319 15.00 -49.28 -16.21
C ARG C 319 16.46 -49.64 -15.95
N GLU C 320 16.96 -50.63 -16.67
CA GLU C 320 18.32 -51.11 -16.48
C GLU C 320 19.45 -50.24 -17.06
N LYS C 321 19.14 -49.43 -18.06
CA LYS C 321 20.19 -48.62 -18.66
C LYS C 321 19.95 -47.11 -18.75
N TRP C 322 18.92 -46.72 -19.49
CA TRP C 322 18.61 -45.32 -19.72
C TRP C 322 18.31 -44.42 -18.51
N VAL C 323 17.58 -44.93 -17.53
CA VAL C 323 17.27 -44.11 -16.37
C VAL C 323 18.54 -43.55 -15.71
N GLU C 324 19.48 -44.42 -15.37
CA GLU C 324 20.71 -43.98 -14.74
C GLU C 324 21.74 -43.37 -15.67
N LEU C 325 21.79 -43.83 -16.92
CA LEU C 325 22.77 -43.34 -17.88
C LEU C 325 22.42 -41.95 -18.44
N ALA C 326 21.14 -41.76 -18.76
CA ALA C 326 20.68 -40.50 -19.36
C ALA C 326 19.79 -39.62 -18.48
N LEU C 327 18.59 -40.11 -18.15
CA LEU C 327 17.67 -39.33 -17.35
C LEU C 327 18.33 -38.73 -16.12
N ASN C 328 19.28 -39.46 -15.54
CA ASN C 328 20.00 -38.95 -14.39
C ASN C 328 21.41 -38.54 -14.80
N GLY C 329 22.11 -39.45 -15.49
CA GLY C 329 23.46 -39.20 -15.93
C GLY C 329 23.67 -37.98 -16.81
N PHE C 330 22.67 -37.62 -17.59
CA PHE C 330 22.78 -36.47 -18.48
C PHE C 330 22.01 -35.27 -17.89
N ASN C 331 20.74 -35.47 -17.56
CA ASN C 331 19.91 -34.39 -17.04
C ASN C 331 20.13 -33.88 -15.63
N ASP C 332 20.78 -34.65 -14.77
CA ASP C 332 21.01 -34.19 -13.39
C ASP C 332 21.73 -32.84 -13.35
N ASP C 333 22.60 -32.59 -14.32
CA ASP C 333 23.34 -31.33 -14.35
C ASP C 333 22.44 -30.14 -14.68
N ASP C 334 21.26 -30.41 -15.22
CA ASP C 334 20.31 -29.34 -15.57
C ASP C 334 19.66 -28.71 -14.34
N ILE C 335 19.55 -29.49 -13.27
CA ILE C 335 18.92 -29.01 -12.04
C ILE C 335 19.64 -27.78 -11.47
N LEU C 336 20.97 -27.82 -11.44
CA LEU C 336 21.75 -26.70 -10.93
C LEU C 336 21.42 -25.43 -11.72
N ALA C 337 21.32 -25.56 -13.04
CA ALA C 337 21.02 -24.41 -13.89
C ALA C 337 19.70 -23.76 -13.46
N ARG C 338 18.67 -24.59 -13.28
CA ARG C 338 17.36 -24.11 -12.87
C ARG C 338 17.39 -23.46 -11.48
N ARG C 339 18.07 -24.11 -10.54
CA ARG C 339 18.15 -23.59 -9.18
C ARG C 339 18.96 -22.30 -9.12
N SER C 340 20.00 -22.19 -9.93
CA SER C 340 20.83 -21.00 -9.91
C SER C 340 20.20 -19.81 -10.63
N MET C 341 19.39 -20.06 -11.64
CA MET C 341 18.72 -18.95 -12.34
C MET C 341 17.51 -18.48 -11.52
N GLU C 342 16.88 -19.41 -10.81
CA GLU C 342 15.69 -19.12 -10.01
C GLU C 342 15.62 -17.77 -9.29
N PRO C 343 16.58 -17.47 -8.39
CA PRO C 343 16.51 -16.17 -7.70
C PRO C 343 16.59 -14.95 -8.60
N PHE C 344 17.31 -15.07 -9.72
CA PHE C 344 17.47 -13.95 -10.65
C PHE C 344 16.13 -13.63 -11.30
N TYR C 345 15.30 -14.65 -11.54
CA TYR C 345 14.01 -14.45 -12.19
C TYR C 345 12.79 -14.46 -11.26
N ALA C 346 12.95 -14.93 -10.03
CA ALA C 346 11.84 -15.03 -9.07
C ALA C 346 11.16 -13.71 -8.77
N ASP C 347 11.92 -12.62 -8.82
CA ASP C 347 11.34 -11.31 -8.54
C ASP C 347 11.12 -10.52 -9.82
N ASP C 348 11.12 -11.21 -10.96
CA ASP C 348 10.89 -10.58 -12.25
C ASP C 348 12.01 -9.69 -12.77
N ARG C 349 13.06 -9.49 -11.97
CA ARG C 349 14.17 -8.63 -12.39
C ARG C 349 14.97 -9.26 -13.54
N GLY C 350 15.12 -10.57 -13.51
CA GLY C 350 15.88 -11.27 -14.54
C GLY C 350 15.41 -11.01 -15.96
N TRP C 351 14.10 -10.99 -16.17
CA TRP C 351 13.56 -10.78 -17.51
C TRP C 351 14.05 -9.47 -18.12
N ARG C 352 14.40 -8.50 -17.30
CA ARG C 352 14.87 -7.21 -17.80
C ARG C 352 16.40 -7.09 -17.78
N GLU C 353 17.03 -7.71 -16.80
CA GLU C 353 18.47 -7.60 -16.64
C GLU C 353 19.35 -8.63 -17.34
N GLU C 354 18.76 -9.73 -17.78
CA GLU C 354 19.52 -10.76 -18.49
C GLU C 354 20.19 -10.13 -19.71
N VAL C 355 21.33 -10.66 -20.11
CA VAL C 355 22.02 -10.19 -21.31
C VAL C 355 22.11 -11.40 -22.22
N LEU C 356 21.17 -11.49 -23.16
CA LEU C 356 21.12 -12.64 -24.06
C LEU C 356 22.10 -12.54 -25.21
N PHE C 357 22.38 -13.68 -25.84
CA PHE C 357 23.25 -13.67 -27.01
C PHE C 357 22.59 -14.48 -28.12
N GLU C 358 23.30 -14.66 -29.23
CA GLU C 358 22.74 -15.34 -30.40
C GLU C 358 21.89 -16.60 -30.26
N SER C 359 22.36 -17.59 -29.50
CA SER C 359 21.58 -18.82 -29.36
C SER C 359 20.29 -18.69 -28.53
N ASP C 360 20.04 -17.50 -27.98
CA ASP C 360 18.84 -17.28 -27.18
C ASP C 360 17.63 -16.90 -28.02
N ARG C 361 17.81 -16.84 -29.34
CA ARG C 361 16.71 -16.50 -30.23
C ARG C 361 15.57 -17.50 -30.04
N ALA C 362 15.91 -18.78 -29.91
CA ALA C 362 14.88 -19.80 -29.75
C ALA C 362 13.99 -19.59 -28.51
N ILE C 363 14.59 -19.28 -27.38
CA ILE C 363 13.80 -19.08 -26.17
C ILE C 363 12.92 -17.84 -26.31
N ILE C 364 13.44 -16.80 -26.96
CA ILE C 364 12.68 -15.59 -27.18
C ILE C 364 11.42 -15.91 -28.00
N GLU C 365 11.58 -16.75 -29.02
CA GLU C 365 10.44 -17.13 -29.85
C GLU C 365 9.42 -17.92 -29.03
N TRP C 366 9.91 -18.75 -28.10
CA TRP C 366 9.03 -19.53 -27.23
C TRP C 366 8.26 -18.57 -26.31
N ARG C 367 8.97 -17.59 -25.76
CA ARG C 367 8.35 -16.61 -24.87
C ARG C 367 7.23 -15.84 -25.58
N ARG C 368 7.47 -15.46 -26.84
CA ARG C 368 6.47 -14.73 -27.62
C ARG C 368 5.26 -15.61 -27.92
N LEU C 369 5.52 -16.83 -28.40
CA LEU C 369 4.45 -17.76 -28.74
C LEU C 369 3.63 -18.16 -27.51
N ALA C 370 4.32 -18.45 -26.41
CA ALA C 370 3.63 -18.84 -25.18
C ALA C 370 2.75 -17.69 -24.68
N SER C 371 3.26 -16.46 -24.77
CA SER C 371 2.52 -15.29 -24.32
C SER C 371 1.27 -15.06 -25.15
N GLN C 372 1.41 -15.22 -26.45
CA GLN C 372 0.27 -14.99 -27.34
C GLN C 372 -0.76 -16.11 -27.40
N TYR C 373 -0.31 -17.37 -27.39
CA TYR C 373 -1.24 -18.48 -27.52
C TYR C 373 -1.68 -19.29 -26.31
N ASN C 374 -1.19 -18.96 -25.11
CA ASN C 374 -1.62 -19.72 -23.95
C ASN C 374 -3.12 -19.45 -23.77
N ARG C 375 -3.83 -20.41 -23.18
CA ARG C 375 -5.28 -20.26 -23.00
C ARG C 375 -5.69 -19.63 -21.68
N GLY C 376 -4.76 -18.94 -21.02
CA GLY C 376 -5.08 -18.30 -19.76
C GLY C 376 -3.94 -18.30 -18.76
N ILE C 377 -3.85 -17.24 -17.97
CA ILE C 377 -2.80 -17.12 -16.96
C ILE C 377 -3.38 -17.59 -15.62
N GLN C 378 -2.80 -18.65 -15.06
CA GLN C 378 -3.26 -19.17 -13.78
C GLN C 378 -2.95 -18.15 -12.68
N THR C 379 -3.93 -17.86 -11.83
CA THR C 379 -3.73 -16.90 -10.74
C THR C 379 -4.19 -17.48 -9.41
N ARG C 380 -3.76 -16.85 -8.32
CA ARG C 380 -4.13 -17.29 -6.99
C ARG C 380 -5.00 -16.22 -6.33
N ASP C 381 -5.11 -16.27 -5.00
CA ASP C 381 -5.93 -15.29 -4.29
C ASP C 381 -5.21 -14.63 -3.12
N ALA D 8 -10.92 -11.71 -13.76
CA ALA D 8 -10.55 -11.12 -15.08
C ALA D 8 -9.79 -12.15 -15.92
N GLY D 9 -10.20 -13.41 -15.82
CA GLY D 9 -9.55 -14.46 -16.59
C GLY D 9 -9.84 -14.31 -18.07
N ILE D 10 -11.12 -14.17 -18.40
CA ILE D 10 -11.54 -14.01 -19.78
C ILE D 10 -11.19 -12.60 -20.25
N ALA D 11 -11.21 -11.65 -19.32
CA ALA D 11 -10.89 -10.26 -19.61
C ALA D 11 -9.42 -10.11 -20.00
N GLU D 12 -8.55 -10.79 -19.26
CA GLU D 12 -7.10 -10.74 -19.53
C GLU D 12 -6.82 -11.26 -20.93
N ARG D 13 -7.46 -12.37 -21.29
CA ARG D 13 -7.26 -12.95 -22.61
C ARG D 13 -7.79 -12.05 -23.71
N ARG D 14 -8.93 -11.42 -23.46
CA ARG D 14 -9.52 -10.55 -24.46
C ARG D 14 -8.70 -9.27 -24.71
N THR D 15 -8.14 -8.69 -23.65
CA THR D 15 -7.38 -7.46 -23.78
C THR D 15 -5.86 -7.64 -23.86
N ARG D 16 -5.41 -8.88 -23.75
CA ARG D 16 -3.99 -9.19 -23.79
C ARG D 16 -3.22 -8.46 -24.89
N ALA D 17 -3.72 -8.55 -26.11
CA ALA D 17 -3.07 -7.91 -27.25
C ALA D 17 -3.07 -6.38 -27.22
N TRP D 18 -3.82 -5.75 -26.31
CA TRP D 18 -3.86 -4.28 -26.23
C TRP D 18 -3.34 -3.72 -24.91
N ALA D 19 -2.76 -4.56 -24.07
CA ALA D 19 -2.27 -4.11 -22.77
C ALA D 19 -1.44 -2.82 -22.80
N PRO D 20 -0.45 -2.72 -23.70
CA PRO D 20 0.35 -1.49 -23.77
C PRO D 20 -0.50 -0.24 -24.01
N TYR D 21 -1.50 -0.38 -24.89
CA TYR D 21 -2.40 0.71 -25.23
C TYR D 21 -3.20 1.11 -23.98
N ILE D 22 -3.63 0.12 -23.22
CA ILE D 22 -4.38 0.39 -22.00
C ILE D 22 -3.56 1.19 -21.00
N ASP D 23 -2.25 0.97 -20.99
CA ASP D 23 -1.38 1.71 -20.07
C ASP D 23 -0.88 3.04 -20.64
N ALA D 24 -1.11 3.27 -21.93
CA ALA D 24 -0.64 4.51 -22.58
C ALA D 24 -1.54 5.72 -22.34
N LYS D 25 -1.80 6.02 -21.08
CA LYS D 25 -2.65 7.14 -20.72
C LYS D 25 -2.04 8.49 -21.10
N LEU D 26 -0.72 8.55 -21.20
CA LEU D 26 -0.03 9.80 -21.54
C LEU D 26 0.50 9.80 -22.97
N GLY D 27 0.11 8.81 -23.76
CA GLY D 27 0.56 8.75 -25.14
C GLY D 27 1.81 7.93 -25.38
N PHE D 28 2.29 7.94 -26.61
CA PHE D 28 3.48 7.18 -26.97
C PHE D 28 4.73 8.02 -27.09
N ARG D 29 5.78 7.59 -26.41
CA ARG D 29 7.07 8.28 -26.41
C ARG D 29 7.87 7.91 -27.66
N ASN D 30 8.77 8.80 -28.06
CA ASN D 30 9.62 8.61 -29.24
C ASN D 30 8.86 8.72 -30.56
N HIS D 31 8.00 9.74 -30.65
CA HIS D 31 7.21 10.01 -31.84
C HIS D 31 7.10 11.52 -32.01
N TRP D 32 6.79 11.94 -33.23
CA TRP D 32 6.61 13.36 -33.51
C TRP D 32 5.16 13.73 -33.24
N TYR D 33 4.96 14.94 -32.71
CA TYR D 33 3.61 15.43 -32.40
C TYR D 33 3.53 16.91 -32.73
N PRO D 34 2.42 17.34 -33.38
CA PRO D 34 2.23 18.75 -33.72
C PRO D 34 1.70 19.42 -32.44
N VAL D 35 2.23 20.60 -32.10
CA VAL D 35 1.78 21.27 -30.89
C VAL D 35 1.12 22.63 -31.11
N ARG D 36 1.46 23.28 -32.23
CA ARG D 36 0.93 24.60 -32.50
C ARG D 36 0.95 24.91 -33.99
N LEU D 37 0.15 25.89 -34.39
CA LEU D 37 0.11 26.33 -35.79
C LEU D 37 1.30 27.28 -35.94
N SER D 38 1.90 27.33 -37.13
CA SER D 38 3.05 28.20 -37.36
C SER D 38 2.83 29.65 -36.93
N ALA D 39 1.68 30.21 -37.27
CA ALA D 39 1.37 31.60 -36.93
C ALA D 39 1.40 31.90 -35.44
N GLU D 40 1.10 30.90 -34.62
CA GLU D 40 1.09 31.08 -33.18
C GLU D 40 2.49 31.15 -32.60
N VAL D 41 3.49 30.79 -33.39
CA VAL D 41 4.87 30.83 -32.94
C VAL D 41 5.61 31.90 -33.77
N ALA D 42 5.50 33.15 -33.32
CA ALA D 42 6.12 34.27 -34.01
C ALA D 42 7.55 34.57 -33.57
N GLU D 43 8.25 35.33 -34.40
CA GLU D 43 9.63 35.72 -34.13
C GLU D 43 9.74 36.42 -32.78
N ALA D 44 10.70 35.98 -31.96
CA ALA D 44 10.94 36.58 -30.65
C ALA D 44 9.70 36.74 -29.78
N SER D 45 8.81 35.76 -29.82
CA SER D 45 7.59 35.83 -29.03
C SER D 45 7.33 34.43 -28.44
N PRO D 46 8.10 34.05 -27.42
CA PRO D 46 8.01 32.75 -26.75
C PRO D 46 6.59 32.35 -26.36
N VAL D 47 6.25 31.09 -26.60
CA VAL D 47 4.94 30.56 -26.24
C VAL D 47 5.10 29.20 -25.56
N PRO D 48 4.52 29.06 -24.35
CA PRO D 48 4.62 27.79 -23.64
C PRO D 48 3.52 26.83 -24.09
N VAL D 49 3.85 25.53 -24.12
CA VAL D 49 2.87 24.51 -24.50
C VAL D 49 3.12 23.29 -23.62
N GLN D 50 2.17 22.37 -23.60
CA GLN D 50 2.33 21.15 -22.83
C GLN D 50 1.82 19.98 -23.66
N LEU D 51 2.65 18.95 -23.79
CA LEU D 51 2.26 17.75 -24.53
C LEU D 51 2.83 16.54 -23.79
N LEU D 52 2.05 15.47 -23.74
CA LEU D 52 2.46 14.24 -23.07
C LEU D 52 2.96 14.51 -21.65
N GLY D 53 2.33 15.48 -21.00
CA GLY D 53 2.70 15.83 -19.63
C GLY D 53 3.97 16.64 -19.47
N GLU D 54 4.63 16.99 -20.57
CA GLU D 54 5.87 17.76 -20.51
C GLU D 54 5.66 19.23 -20.87
N LYS D 55 6.24 20.13 -20.07
CA LYS D 55 6.12 21.56 -20.30
C LYS D 55 7.26 22.07 -21.16
N VAL D 56 6.92 22.63 -22.31
CA VAL D 56 7.89 23.12 -23.26
C VAL D 56 7.68 24.59 -23.60
N LEU D 57 8.78 25.28 -23.92
CA LEU D 57 8.72 26.69 -24.28
C LEU D 57 9.24 26.83 -25.71
N LEU D 58 8.43 27.42 -26.57
CA LEU D 58 8.79 27.59 -27.97
C LEU D 58 9.11 29.05 -28.28
N ASN D 59 9.92 29.26 -29.30
CA ASN D 59 10.28 30.60 -29.74
C ASN D 59 10.84 30.52 -31.15
N ARG D 60 10.70 31.59 -31.91
CA ARG D 60 11.22 31.62 -33.27
C ARG D 60 12.32 32.67 -33.30
N VAL D 61 13.52 32.26 -33.67
CA VAL D 61 14.67 33.15 -33.72
C VAL D 61 15.24 33.09 -35.13
N ASP D 62 15.29 34.25 -35.79
CA ASP D 62 15.78 34.33 -37.16
C ASP D 62 14.98 33.34 -38.02
N GLY D 63 13.68 33.29 -37.78
CA GLY D 63 12.80 32.42 -38.53
C GLY D 63 12.81 30.94 -38.17
N VAL D 64 13.72 30.52 -37.31
CA VAL D 64 13.82 29.11 -36.92
C VAL D 64 13.19 28.83 -35.56
N VAL D 65 12.26 27.87 -35.51
CA VAL D 65 11.58 27.52 -34.26
C VAL D 65 12.44 26.64 -33.37
N HIS D 66 12.53 27.01 -32.10
CA HIS D 66 13.31 26.25 -31.12
C HIS D 66 12.41 25.85 -29.95
N ALA D 67 12.72 24.72 -29.32
CA ALA D 67 11.93 24.22 -28.21
C ALA D 67 12.82 23.74 -27.06
N ILE D 68 12.60 24.30 -25.87
CA ILE D 68 13.36 23.94 -24.68
C ILE D 68 12.42 23.61 -23.53
N ALA D 69 12.91 22.87 -22.54
CA ALA D 69 12.09 22.52 -21.38
C ALA D 69 11.74 23.84 -20.69
N ASP D 70 10.48 23.99 -20.32
CA ASP D 70 10.00 25.21 -19.68
C ASP D 70 10.18 25.18 -18.16
N ARG D 71 11.42 24.99 -17.73
CA ARG D 71 11.75 24.94 -16.30
C ARG D 71 13.23 25.24 -16.07
N CYS D 72 13.51 26.19 -15.20
CA CYS D 72 14.88 26.56 -14.89
C CYS D 72 15.55 25.43 -14.10
N LEU D 73 16.83 25.19 -14.38
CA LEU D 73 17.59 24.14 -13.70
C LEU D 73 17.96 24.50 -12.26
N HIS D 74 17.96 25.79 -11.96
CA HIS D 74 18.32 26.28 -10.63
C HIS D 74 17.32 25.92 -9.53
N ARG D 75 16.20 26.62 -9.47
CA ARG D 75 15.19 26.36 -8.45
C ARG D 75 13.89 25.78 -9.03
N GLY D 76 13.95 25.37 -10.30
CA GLY D 76 12.80 24.76 -10.94
C GLY D 76 11.58 25.60 -11.27
N VAL D 77 11.73 26.93 -11.32
CA VAL D 77 10.59 27.78 -11.65
C VAL D 77 10.25 27.61 -13.12
N THR D 78 9.04 28.01 -13.49
CA THR D 78 8.61 27.93 -14.88
C THR D 78 9.09 29.20 -15.58
N LEU D 79 10.00 29.04 -16.53
CA LEU D 79 10.58 30.16 -17.26
C LEU D 79 9.51 31.07 -17.89
N SER D 80 8.51 30.44 -18.51
CA SER D 80 7.45 31.19 -19.17
C SER D 80 6.55 32.02 -18.24
N ASP D 81 6.71 31.87 -16.92
CA ASP D 81 5.88 32.67 -16.00
C ASP D 81 6.24 34.16 -16.14
N LYS D 82 7.44 34.42 -16.65
CA LYS D 82 7.90 35.79 -16.88
C LYS D 82 9.08 35.75 -17.84
N VAL D 83 8.77 35.77 -19.14
CA VAL D 83 9.78 35.71 -20.18
C VAL D 83 10.65 36.95 -20.19
N GLU D 84 11.97 36.74 -20.13
CA GLU D 84 12.95 37.82 -20.17
C GLU D 84 14.09 37.41 -21.09
N CYS D 85 14.23 38.12 -22.20
CA CYS D 85 15.28 37.83 -23.17
C CYS D 85 16.13 39.10 -23.33
N TYR D 86 17.43 38.96 -23.10
CA TYR D 86 18.35 40.10 -23.19
C TYR D 86 19.37 39.99 -24.33
N SER D 87 19.27 38.90 -25.08
CA SER D 87 20.12 38.68 -26.25
C SER D 87 19.22 37.90 -27.19
N LYS D 88 19.44 38.06 -28.49
CA LYS D 88 18.63 37.38 -29.49
C LYS D 88 18.60 35.87 -29.35
N ALA D 89 19.76 35.27 -29.07
CA ALA D 89 19.86 33.82 -28.96
C ALA D 89 19.54 33.20 -27.60
N THR D 90 19.23 34.02 -26.60
CA THR D 90 18.98 33.49 -25.28
C THR D 90 17.73 33.97 -24.55
N ILE D 91 17.45 33.28 -23.45
CA ILE D 91 16.35 33.62 -22.56
C ILE D 91 16.98 33.56 -21.17
N SER D 92 16.66 34.52 -20.32
CA SER D 92 17.23 34.55 -18.98
C SER D 92 16.12 34.33 -17.97
N CYS D 93 16.35 33.42 -17.02
CA CYS D 93 15.35 33.14 -15.99
C CYS D 93 15.09 34.43 -15.22
N TRP D 94 13.82 34.67 -14.93
CA TRP D 94 13.38 35.86 -14.22
C TRP D 94 13.72 35.91 -12.74
N TYR D 95 14.21 34.81 -12.19
CA TYR D 95 14.52 34.78 -10.76
C TYR D 95 15.97 35.17 -10.45
N HIS D 96 16.93 34.40 -10.97
CA HIS D 96 18.34 34.68 -10.74
C HIS D 96 19.15 34.85 -12.02
N GLY D 97 18.46 35.05 -13.14
CA GLY D 97 19.15 35.27 -14.40
C GLY D 97 19.97 34.19 -15.08
N TRP D 98 19.72 32.91 -14.77
CA TRP D 98 20.46 31.85 -15.46
C TRP D 98 20.02 32.01 -16.92
N THR D 99 21.00 32.08 -17.82
CA THR D 99 20.70 32.34 -19.23
C THR D 99 21.03 31.17 -20.14
N TYR D 100 20.04 30.76 -20.93
CA TYR D 100 20.19 29.63 -21.84
C TYR D 100 19.98 29.99 -23.31
N ARG D 101 20.67 29.29 -24.19
CA ARG D 101 20.52 29.51 -25.63
C ARG D 101 19.33 28.70 -26.10
N TRP D 102 18.52 29.28 -26.97
CA TRP D 102 17.36 28.58 -27.50
C TRP D 102 17.73 27.36 -28.34
N ASP D 103 18.78 27.49 -29.16
CA ASP D 103 19.16 26.41 -30.05
C ASP D 103 19.73 25.13 -29.43
N ASN D 104 20.41 25.24 -28.29
CA ASN D 104 20.98 24.05 -27.68
C ASN D 104 20.71 23.96 -26.18
N GLY D 105 19.92 24.91 -25.66
CA GLY D 105 19.59 24.92 -24.24
C GLY D 105 20.74 25.11 -23.27
N LYS D 106 21.95 25.31 -23.78
CA LYS D 106 23.09 25.46 -22.88
C LYS D 106 23.08 26.68 -21.97
N LEU D 107 23.52 26.46 -20.73
CA LEU D 107 23.62 27.52 -19.73
C LEU D 107 24.91 28.25 -20.08
N VAL D 108 24.79 29.35 -20.83
CA VAL D 108 25.95 30.11 -21.28
C VAL D 108 26.36 31.28 -20.38
N ASP D 109 25.43 31.75 -19.56
CA ASP D 109 25.71 32.86 -18.67
C ASP D 109 24.78 32.83 -17.47
N ILE D 110 25.17 33.55 -16.44
CA ILE D 110 24.36 33.70 -15.24
C ILE D 110 24.55 35.18 -14.91
N LEU D 111 23.56 35.97 -15.31
CA LEU D 111 23.56 37.42 -15.12
C LEU D 111 23.89 37.88 -13.70
N THR D 112 23.40 37.14 -12.70
CA THR D 112 23.61 37.53 -11.31
C THR D 112 24.95 37.10 -10.71
N ASN D 113 25.70 36.28 -11.43
CA ASN D 113 27.01 35.85 -10.96
C ASN D 113 27.83 35.27 -12.11
N PRO D 114 28.51 36.13 -12.88
CA PRO D 114 29.33 35.72 -14.02
C PRO D 114 30.53 34.83 -13.68
N THR D 115 30.86 34.72 -12.40
CA THR D 115 32.00 33.88 -12.01
C THR D 115 31.57 32.49 -11.55
N SER D 116 30.27 32.21 -11.55
CA SER D 116 29.80 30.91 -11.10
C SER D 116 30.41 29.74 -11.86
N VAL D 117 30.80 28.71 -11.11
CA VAL D 117 31.40 27.51 -11.71
C VAL D 117 30.34 26.68 -12.44
N GLN D 118 29.07 27.02 -12.25
CA GLN D 118 27.99 26.26 -12.90
C GLN D 118 27.86 26.61 -14.38
N ILE D 119 28.31 27.81 -14.74
CA ILE D 119 28.22 28.25 -16.12
C ILE D 119 28.92 27.30 -17.08
N GLY D 120 28.22 26.93 -18.16
CA GLY D 120 28.76 26.03 -19.15
C GLY D 120 28.74 24.57 -18.75
N ARG D 121 28.23 24.28 -17.56
CA ARG D 121 28.18 22.90 -17.09
C ARG D 121 26.82 22.23 -17.18
N HIS D 122 25.81 22.96 -17.67
CA HIS D 122 24.48 22.40 -17.76
C HIS D 122 23.77 22.88 -19.01
N ALA D 123 22.65 22.23 -19.31
CA ALA D 123 21.86 22.59 -20.46
C ALA D 123 20.43 22.10 -20.29
N LEU D 124 19.48 22.94 -20.70
CA LEU D 124 18.07 22.59 -20.65
C LEU D 124 17.87 21.49 -21.69
N LYS D 125 16.89 20.63 -21.47
CA LYS D 125 16.61 19.61 -22.46
C LYS D 125 16.02 20.37 -23.65
N THR D 126 16.38 19.97 -24.86
CA THR D 126 15.86 20.61 -26.06
C THR D 126 15.04 19.57 -26.80
N TYR D 127 14.05 20.02 -27.57
CA TYR D 127 13.20 19.10 -28.33
C TYR D 127 13.40 19.27 -29.83
N PRO D 128 13.67 18.17 -30.54
CA PRO D 128 13.86 18.31 -31.99
C PRO D 128 12.59 18.92 -32.59
N VAL D 129 12.76 19.82 -33.55
CA VAL D 129 11.63 20.50 -34.18
C VAL D 129 11.60 20.33 -35.70
N ARG D 130 10.37 20.25 -36.23
CA ARG D 130 10.14 20.15 -37.67
C ARG D 130 8.93 21.04 -37.89
N GLU D 131 9.00 21.90 -38.89
CA GLU D 131 7.88 22.78 -39.18
C GLU D 131 7.44 22.52 -40.62
N GLU D 132 6.28 21.89 -40.77
CA GLU D 132 5.75 21.56 -42.08
C GLU D 132 4.24 21.75 -42.11
N LYS D 133 3.72 22.08 -43.29
CA LYS D 133 2.29 22.26 -43.49
C LYS D 133 1.62 23.17 -42.47
N GLY D 134 2.31 24.25 -42.10
CA GLY D 134 1.75 25.20 -41.15
C GLY D 134 1.68 24.70 -39.72
N LEU D 135 2.45 23.66 -39.41
CA LEU D 135 2.47 23.09 -38.06
C LEU D 135 3.87 22.94 -37.50
N VAL D 136 4.00 23.15 -36.19
CA VAL D 136 5.28 22.97 -35.53
C VAL D 136 5.21 21.62 -34.82
N PHE D 137 6.04 20.67 -35.27
CA PHE D 137 6.08 19.33 -34.70
C PHE D 137 7.26 19.22 -33.73
N LEU D 138 7.04 18.53 -32.62
CA LEU D 138 8.11 18.32 -31.64
C LEU D 138 8.31 16.82 -31.49
N PHE D 139 9.56 16.41 -31.34
CA PHE D 139 9.84 15.00 -31.13
C PHE D 139 9.99 14.80 -29.63
N VAL D 140 9.15 13.94 -29.07
CA VAL D 140 9.18 13.66 -27.64
C VAL D 140 9.75 12.27 -27.42
N GLY D 141 11.00 12.21 -26.97
CA GLY D 141 11.62 10.92 -26.74
C GLY D 141 13.08 11.05 -26.36
N ASP D 142 13.75 9.91 -26.23
CA ASP D 142 15.15 9.90 -25.85
C ASP D 142 16.06 9.40 -26.96
N GLN D 143 15.48 8.88 -28.02
CA GLN D 143 16.29 8.36 -29.12
C GLN D 143 16.38 9.33 -30.29
N GLU D 144 17.32 9.03 -31.19
CA GLU D 144 17.52 9.85 -32.38
C GLU D 144 16.19 9.84 -33.13
N PRO D 145 15.73 11.01 -33.57
CA PRO D 145 14.45 11.08 -34.29
C PRO D 145 14.47 10.41 -35.67
N HIS D 146 13.39 9.70 -35.99
CA HIS D 146 13.26 9.07 -37.30
C HIS D 146 12.60 10.15 -38.17
N ASP D 147 12.37 9.87 -39.44
CA ASP D 147 11.75 10.86 -40.32
C ASP D 147 10.32 11.20 -39.90
N LEU D 148 9.96 12.47 -39.99
CA LEU D 148 8.62 12.93 -39.63
C LEU D 148 7.56 12.17 -40.43
N ALA D 149 7.88 11.85 -41.68
CA ALA D 149 6.95 11.14 -42.56
C ALA D 149 6.41 9.84 -41.95
N GLU D 150 7.19 9.22 -41.08
CA GLU D 150 6.74 7.98 -40.45
C GLU D 150 5.65 8.20 -39.41
N ASP D 151 5.51 9.44 -38.93
CA ASP D 151 4.50 9.75 -37.92
C ASP D 151 3.31 10.58 -38.40
N VAL D 152 3.14 10.70 -39.71
CA VAL D 152 2.00 11.43 -40.27
C VAL D 152 1.35 10.53 -41.33
N PRO D 153 0.05 10.72 -41.59
CA PRO D 153 -0.64 9.89 -42.58
C PRO D 153 -0.05 10.01 -43.98
N PRO D 154 -0.16 8.94 -44.79
CA PRO D 154 0.37 8.99 -46.15
C PRO D 154 -0.16 10.22 -46.90
N GLY D 155 0.73 10.91 -47.61
CA GLY D 155 0.32 12.07 -48.37
C GLY D 155 0.24 13.41 -47.66
N PHE D 156 0.29 13.42 -46.34
CA PHE D 156 0.21 14.68 -45.61
C PHE D 156 1.32 15.65 -45.96
N LEU D 157 2.50 15.12 -46.29
CA LEU D 157 3.64 15.97 -46.62
C LEU D 157 3.83 16.18 -48.13
N ASP D 158 2.87 15.76 -48.94
CA ASP D 158 2.99 15.95 -50.38
C ASP D 158 3.27 17.42 -50.68
N ALA D 159 4.25 17.67 -51.55
CA ALA D 159 4.63 19.02 -51.92
C ALA D 159 3.48 19.92 -52.37
N ASP D 160 2.50 19.36 -53.09
CA ASP D 160 1.39 20.15 -53.59
C ASP D 160 0.19 20.33 -52.66
N LEU D 161 0.25 19.71 -51.48
CA LEU D 161 -0.87 19.81 -50.53
C LEU D 161 -0.86 21.11 -49.74
N ALA D 162 -1.90 21.92 -49.92
CA ALA D 162 -2.03 23.17 -49.18
C ALA D 162 -2.79 22.78 -47.92
N VAL D 163 -2.28 23.17 -46.76
CA VAL D 163 -2.92 22.82 -45.50
C VAL D 163 -3.20 23.96 -44.54
N HIS D 164 -4.37 23.90 -43.91
CA HIS D 164 -4.79 24.87 -42.92
C HIS D 164 -5.52 24.09 -41.83
N GLY D 165 -5.61 24.66 -40.62
CA GLY D 165 -6.29 23.95 -39.57
C GLY D 165 -6.54 24.76 -38.31
N GLN D 166 -7.07 24.09 -37.30
CA GLN D 166 -7.36 24.70 -36.01
C GLN D 166 -7.28 23.63 -34.93
N HIS D 167 -7.17 24.07 -33.67
CA HIS D 167 -7.11 23.12 -32.57
C HIS D 167 -7.89 23.64 -31.37
N ARG D 168 -8.25 22.73 -30.47
CA ARG D 168 -8.99 23.08 -29.27
C ARG D 168 -8.61 22.03 -28.22
N VAL D 169 -8.81 22.36 -26.95
CA VAL D 169 -8.49 21.40 -25.90
C VAL D 169 -9.77 20.63 -25.57
N VAL D 170 -9.69 19.31 -25.51
CA VAL D 170 -10.86 18.51 -25.19
C VAL D 170 -10.67 17.89 -23.80
N ASP D 171 -11.72 17.96 -22.98
CA ASP D 171 -11.66 17.41 -21.64
C ASP D 171 -11.82 15.89 -21.60
N ALA D 172 -10.87 15.20 -22.22
CA ALA D 172 -10.89 13.74 -22.24
C ALA D 172 -9.50 13.25 -22.57
N ASN D 173 -9.20 12.02 -22.18
CA ASN D 173 -7.91 11.43 -22.47
C ASN D 173 -7.76 11.36 -23.99
N TRP D 174 -6.53 11.46 -24.48
CA TRP D 174 -6.30 11.42 -25.93
C TRP D 174 -6.88 10.19 -26.60
N ARG D 175 -6.93 9.06 -25.89
CA ARG D 175 -7.46 7.84 -26.48
C ARG D 175 -8.94 7.95 -26.81
N MET D 176 -9.69 8.74 -26.05
CA MET D 176 -11.10 8.93 -26.34
C MET D 176 -11.22 9.63 -27.70
N GLY D 177 -10.24 10.46 -28.02
CA GLY D 177 -10.23 11.16 -29.29
C GLY D 177 -9.97 10.18 -30.44
N VAL D 178 -8.95 9.35 -30.30
CA VAL D 178 -8.62 8.38 -31.35
C VAL D 178 -9.72 7.33 -31.51
N GLU D 179 -10.27 6.86 -30.38
CA GLU D 179 -11.33 5.86 -30.44
C GLU D 179 -12.54 6.45 -31.18
N ASN D 180 -12.87 7.71 -30.86
CA ASN D 180 -14.00 8.38 -31.49
C ASN D 180 -13.71 8.65 -32.96
N GLY D 181 -12.51 9.11 -33.25
CA GLY D 181 -12.13 9.41 -34.61
C GLY D 181 -12.09 8.22 -35.57
N PHE D 182 -11.59 7.09 -35.12
CA PHE D 182 -11.49 5.91 -35.98
C PHE D 182 -12.65 4.92 -35.80
N ASP D 183 -13.68 5.33 -35.05
CA ASP D 183 -14.84 4.49 -34.80
C ASP D 183 -15.56 4.29 -36.15
N ALA D 184 -15.36 3.11 -36.74
CA ALA D 184 -15.94 2.80 -38.06
C ALA D 184 -17.45 2.96 -38.25
N GLY D 185 -18.24 2.67 -37.23
CA GLY D 185 -19.68 2.80 -37.40
C GLY D 185 -20.42 3.82 -36.54
N HIS D 186 -19.96 5.07 -36.55
CA HIS D 186 -20.60 6.09 -35.73
C HIS D 186 -21.30 7.27 -36.41
N VAL D 187 -21.50 7.22 -37.73
CA VAL D 187 -22.16 8.32 -38.43
C VAL D 187 -23.49 8.76 -37.83
N PHE D 188 -24.14 7.87 -37.09
CA PHE D 188 -25.42 8.17 -36.44
C PHE D 188 -25.37 9.45 -35.61
N ILE D 189 -24.23 9.71 -34.98
CA ILE D 189 -24.09 10.89 -34.14
C ILE D 189 -24.03 12.20 -34.95
N HIS D 190 -23.81 12.08 -36.25
CA HIS D 190 -23.73 13.24 -37.15
C HIS D 190 -24.97 13.45 -38.01
N LYS D 191 -26.03 12.70 -37.75
CA LYS D 191 -27.25 12.79 -38.55
C LYS D 191 -27.92 14.16 -38.62
N SER D 192 -27.59 15.07 -37.71
CA SER D 192 -28.18 16.40 -37.70
C SER D 192 -27.20 17.51 -38.07
N SER D 193 -26.01 17.15 -38.53
CA SER D 193 -25.01 18.16 -38.88
C SER D 193 -25.43 19.11 -39.98
N ILE D 194 -25.12 20.40 -39.80
CA ILE D 194 -25.45 21.41 -40.79
C ILE D 194 -24.64 21.16 -42.06
N LEU D 195 -23.64 20.29 -41.97
CA LEU D 195 -22.81 19.99 -43.14
C LEU D 195 -23.56 19.20 -44.21
N LEU D 196 -24.53 18.39 -43.78
CA LEU D 196 -25.28 17.55 -44.71
C LEU D 196 -26.05 18.34 -45.77
N ASP D 197 -26.88 19.27 -45.34
CA ASP D 197 -27.61 20.10 -46.31
C ASP D 197 -26.66 21.19 -46.80
N GLY D 198 -25.71 21.56 -45.95
CA GLY D 198 -24.75 22.59 -46.31
C GLY D 198 -23.83 22.25 -47.46
N ASN D 199 -23.57 20.97 -47.69
CA ASN D 199 -22.68 20.59 -48.77
C ASN D 199 -23.21 19.38 -49.54
N ASP D 200 -24.52 19.19 -49.46
CA ASP D 200 -25.20 18.10 -50.17
C ASP D 200 -24.47 16.76 -50.04
N ILE D 201 -24.31 16.30 -48.80
CA ILE D 201 -23.63 15.05 -48.55
C ILE D 201 -24.58 13.91 -48.20
N ALA D 202 -24.34 12.74 -48.79
CA ALA D 202 -25.17 11.58 -48.49
C ALA D 202 -24.62 11.01 -47.18
N LEU D 203 -25.50 10.68 -46.24
CA LEU D 203 -25.05 10.13 -44.97
C LEU D 203 -26.02 9.10 -44.40
N PRO D 204 -25.64 7.81 -44.45
CA PRO D 204 -26.53 6.78 -43.92
C PRO D 204 -26.54 6.86 -42.39
N LEU D 205 -27.38 6.05 -41.76
CA LEU D 205 -27.49 6.02 -40.30
C LEU D 205 -26.46 5.06 -39.73
N GLY D 206 -26.01 4.13 -40.57
CA GLY D 206 -25.03 3.14 -40.16
C GLY D 206 -24.76 2.17 -41.29
N PHE D 207 -24.19 1.01 -40.95
CA PHE D 207 -23.87 0.00 -41.96
C PHE D 207 -24.09 -1.43 -41.47
N ALA D 208 -24.48 -2.30 -42.38
CA ALA D 208 -24.66 -3.72 -42.09
C ALA D 208 -23.34 -4.30 -42.61
N PRO D 209 -22.36 -4.53 -41.71
CA PRO D 209 -21.04 -5.07 -42.02
C PRO D 209 -20.99 -6.41 -42.74
N GLY D 210 -19.97 -6.55 -43.59
CA GLY D 210 -19.77 -7.79 -44.31
C GLY D 210 -18.89 -8.67 -43.45
N ASP D 211 -18.09 -9.53 -44.09
CA ASP D 211 -17.20 -10.43 -43.37
C ASP D 211 -16.15 -9.67 -42.55
N PRO D 212 -16.03 -10.01 -41.26
CA PRO D 212 -15.07 -9.38 -40.35
C PRO D 212 -13.65 -9.25 -40.91
N GLU D 213 -13.16 -10.32 -41.51
CA GLU D 213 -11.82 -10.35 -42.09
C GLU D 213 -11.60 -9.40 -43.26
N GLN D 214 -12.67 -8.83 -43.80
CA GLN D 214 -12.52 -7.91 -44.92
C GLN D 214 -12.77 -6.46 -44.53
N LEU D 215 -13.11 -6.23 -43.26
CA LEU D 215 -13.41 -4.88 -42.80
C LEU D 215 -12.19 -3.98 -42.60
N THR D 216 -11.00 -4.57 -42.53
CA THR D 216 -9.80 -3.76 -42.31
C THR D 216 -8.56 -4.30 -43.01
N ARG D 217 -7.55 -3.44 -43.08
CA ARG D 217 -6.25 -3.78 -43.65
C ARG D 217 -5.24 -3.02 -42.81
N SER D 218 -4.19 -3.69 -42.37
CA SER D 218 -3.15 -3.04 -41.56
C SER D 218 -1.84 -2.92 -42.33
N VAL D 219 -1.13 -1.81 -42.08
CA VAL D 219 0.15 -1.53 -42.71
C VAL D 219 1.18 -1.46 -41.61
N THR D 220 2.16 -2.36 -41.63
CA THR D 220 3.16 -2.40 -40.59
C THR D 220 4.62 -2.44 -41.04
N GLY D 221 4.87 -2.12 -42.31
CA GLY D 221 6.23 -2.13 -42.82
C GLY D 221 7.11 -1.03 -42.27
N GLU D 222 8.42 -1.27 -42.30
CA GLU D 222 9.40 -0.30 -41.81
C GLU D 222 9.63 0.82 -42.82
N GLY D 223 10.03 1.98 -42.32
CA GLY D 223 10.31 3.11 -43.19
C GLY D 223 9.11 3.90 -43.68
N ALA D 224 7.93 3.54 -43.20
CA ALA D 224 6.71 4.25 -43.59
C ALA D 224 5.71 4.25 -42.45
N PRO D 225 4.76 5.18 -42.45
CA PRO D 225 3.77 5.21 -41.36
C PRO D 225 3.04 3.88 -41.20
N LYS D 226 2.78 3.50 -39.95
CA LYS D 226 2.08 2.26 -39.65
C LYS D 226 0.65 2.57 -39.17
N GLY D 227 -0.34 1.90 -39.76
CA GLY D 227 -1.70 2.16 -39.36
C GLY D 227 -2.71 1.17 -39.89
N VAL D 228 -3.98 1.51 -39.74
CA VAL D 228 -5.08 0.65 -40.15
C VAL D 228 -6.06 1.37 -41.07
N PHE D 229 -6.49 0.67 -42.11
CA PHE D 229 -7.48 1.22 -43.05
C PHE D 229 -8.84 0.65 -42.68
N ASP D 230 -9.82 1.53 -42.55
CA ASP D 230 -11.19 1.13 -42.22
C ASP D 230 -11.86 0.90 -43.58
N LEU D 231 -12.24 -0.34 -43.85
CA LEU D 231 -12.85 -0.69 -45.13
C LEU D 231 -14.33 -1.03 -45.02
N LEU D 232 -14.96 -0.60 -43.94
CA LEU D 232 -16.37 -0.87 -43.71
C LEU D 232 -17.22 -0.45 -44.91
N GLY D 233 -17.04 0.79 -45.35
CA GLY D 233 -17.80 1.32 -46.48
C GLY D 233 -17.78 0.43 -47.71
N GLU D 234 -16.61 -0.09 -48.05
CA GLU D 234 -16.45 -0.96 -49.21
C GLU D 234 -17.07 -2.34 -49.00
N HIS D 235 -17.25 -2.74 -47.73
CA HIS D 235 -17.79 -4.06 -47.43
C HIS D 235 -18.99 -4.03 -46.50
N SER D 236 -20.09 -3.42 -46.95
CA SER D 236 -21.29 -3.34 -46.13
C SER D 236 -22.45 -2.79 -46.94
N VAL D 237 -23.62 -2.79 -46.32
CA VAL D 237 -24.82 -2.25 -46.93
C VAL D 237 -25.20 -1.05 -46.09
N PRO D 238 -25.22 0.14 -46.69
CA PRO D 238 -25.58 1.35 -45.93
C PRO D 238 -27.01 1.28 -45.42
N ILE D 239 -27.24 1.81 -44.23
CA ILE D 239 -28.56 1.81 -43.61
C ILE D 239 -29.15 3.21 -43.70
N PHE D 240 -30.17 3.38 -44.54
CA PHE D 240 -30.82 4.69 -44.70
C PHE D 240 -32.18 4.76 -44.05
N GLU D 241 -32.70 3.60 -43.67
CA GLU D 241 -34.01 3.54 -43.01
C GLU D 241 -33.93 2.53 -41.87
N ALA D 242 -34.15 3.00 -40.66
CA ALA D 242 -34.08 2.12 -39.50
C ALA D 242 -35.43 1.93 -38.84
N THR D 243 -35.65 0.75 -38.26
CA THR D 243 -36.90 0.45 -37.60
C THR D 243 -36.69 0.01 -36.17
N ILE D 244 -37.75 0.08 -35.38
CA ILE D 244 -37.72 -0.35 -34.00
C ILE D 244 -38.90 -1.30 -33.82
N GLU D 245 -38.59 -2.55 -33.53
CA GLU D 245 -39.60 -3.58 -33.34
C GLU D 245 -40.56 -3.62 -34.53
N GLY D 246 -40.00 -3.58 -35.73
CA GLY D 246 -40.80 -3.65 -36.94
C GLY D 246 -41.36 -2.36 -37.51
N GLN D 247 -41.44 -1.32 -36.69
CA GLN D 247 -41.99 -0.04 -37.13
C GLN D 247 -40.95 0.99 -37.57
N PRO D 248 -41.33 1.88 -38.51
CA PRO D 248 -40.40 2.91 -38.98
C PRO D 248 -39.97 3.76 -37.80
N ALA D 249 -38.68 4.10 -37.73
CA ALA D 249 -38.20 4.91 -36.61
C ALA D 249 -37.46 6.15 -37.03
N ILE D 250 -36.52 6.01 -37.97
CA ILE D 250 -35.76 7.15 -38.42
C ILE D 250 -35.06 6.82 -39.74
N GLN D 251 -34.72 7.84 -40.52
CA GLN D 251 -34.06 7.62 -41.80
C GLN D 251 -32.79 8.46 -41.93
N GLY D 252 -31.93 8.06 -42.87
CA GLY D 252 -30.69 8.76 -43.10
C GLY D 252 -30.85 10.04 -43.90
N HIS D 253 -29.75 10.53 -44.47
CA HIS D 253 -29.78 11.76 -45.26
C HIS D 253 -29.33 11.55 -46.69
N MET D 254 -30.25 11.78 -47.63
CA MET D 254 -29.93 11.62 -49.04
C MET D 254 -29.15 12.82 -49.53
N GLY D 255 -28.16 12.56 -50.37
CA GLY D 255 -27.34 13.63 -50.93
C GLY D 255 -26.61 13.12 -52.15
N SER D 256 -25.99 14.01 -52.90
CA SER D 256 -25.26 13.62 -54.11
C SER D 256 -23.82 13.19 -53.83
N LYS D 257 -23.15 13.91 -52.94
CA LYS D 257 -21.75 13.64 -52.62
C LYS D 257 -21.49 12.55 -51.58
N MET D 258 -20.62 11.61 -51.94
CA MET D 258 -20.22 10.55 -51.03
C MET D 258 -18.79 10.87 -50.61
N VAL D 259 -18.61 11.09 -49.31
CA VAL D 259 -17.30 11.42 -48.76
C VAL D 259 -16.79 10.36 -47.79
N ALA D 260 -15.61 10.60 -47.21
CA ALA D 260 -15.03 9.66 -46.26
C ALA D 260 -15.00 8.26 -46.87
N ILE D 261 -14.53 8.18 -48.11
CA ILE D 261 -14.43 6.90 -48.82
C ILE D 261 -13.32 6.07 -48.18
N SER D 262 -12.22 6.74 -47.85
CA SER D 262 -11.08 6.09 -47.23
C SER D 262 -10.77 6.72 -45.87
N ILE D 263 -10.89 5.93 -44.82
CA ILE D 263 -10.59 6.37 -43.46
C ILE D 263 -9.47 5.50 -42.90
N SER D 264 -8.46 6.13 -42.31
CA SER D 264 -7.34 5.39 -41.75
C SER D 264 -6.75 6.09 -40.53
N VAL D 265 -6.14 5.32 -39.65
CA VAL D 265 -5.51 5.88 -38.46
C VAL D 265 -4.08 5.37 -38.41
N TRP D 266 -3.17 6.25 -38.00
CA TRP D 266 -1.75 5.93 -37.95
C TRP D 266 -1.08 6.34 -36.64
N LEU D 267 -0.07 5.58 -36.25
CA LEU D 267 0.70 5.90 -35.06
C LEU D 267 1.33 7.27 -35.34
N PRO D 268 1.51 8.10 -34.30
CA PRO D 268 1.18 7.88 -32.88
C PRO D 268 -0.29 7.99 -32.53
N GLY D 269 -1.13 8.27 -33.53
CA GLY D 269 -2.56 8.40 -33.30
C GLY D 269 -3.13 9.54 -34.13
N VAL D 270 -3.01 9.44 -35.45
CA VAL D 270 -3.49 10.48 -36.34
C VAL D 270 -4.43 9.92 -37.40
N LEU D 271 -5.56 10.59 -37.58
CA LEU D 271 -6.57 10.16 -38.52
C LEU D 271 -6.47 10.85 -39.88
N LYS D 272 -6.90 10.14 -40.92
CA LYS D 272 -6.94 10.67 -42.27
C LYS D 272 -8.28 10.25 -42.88
N VAL D 273 -9.10 11.23 -43.24
CA VAL D 273 -10.41 10.98 -43.83
C VAL D 273 -10.37 11.55 -45.24
N ASP D 274 -10.44 10.67 -46.23
CA ASP D 274 -10.35 11.09 -47.62
C ASP D 274 -11.44 10.50 -48.53
N PRO D 275 -12.18 11.37 -49.22
CA PRO D 275 -12.10 12.84 -49.18
C PRO D 275 -13.10 13.33 -48.14
N PHE D 276 -12.85 14.50 -47.56
CA PHE D 276 -13.75 15.04 -46.54
C PHE D 276 -13.25 16.42 -46.12
N PRO D 277 -14.18 17.35 -45.83
CA PRO D 277 -15.64 17.24 -45.87
C PRO D 277 -16.21 17.44 -47.28
N ASP D 278 -15.34 17.44 -48.27
CA ASP D 278 -15.75 17.60 -49.66
C ASP D 278 -14.82 16.78 -50.54
N PRO D 279 -15.32 16.33 -51.70
CA PRO D 279 -14.50 15.53 -52.62
C PRO D 279 -13.17 16.21 -52.97
N THR D 280 -13.12 17.52 -52.80
CA THR D 280 -11.91 18.27 -53.11
C THR D 280 -10.97 18.42 -51.92
N LEU D 281 -11.38 17.91 -50.76
CA LEU D 281 -10.57 18.04 -49.54
C LEU D 281 -10.24 16.73 -48.83
N THR D 282 -9.22 16.79 -47.96
CA THR D 282 -8.80 15.65 -47.15
C THR D 282 -8.65 16.15 -45.72
N GLN D 283 -9.24 15.44 -44.76
CA GLN D 283 -9.14 15.86 -43.36
C GLN D 283 -8.17 14.97 -42.59
N PHE D 284 -7.32 15.61 -41.80
CA PHE D 284 -6.32 14.94 -40.97
C PHE D 284 -6.58 15.39 -39.53
N GLU D 285 -6.62 14.45 -38.59
CA GLU D 285 -6.85 14.82 -37.18
C GLU D 285 -5.82 14.21 -36.24
N TRP D 286 -5.37 15.02 -35.27
CA TRP D 286 -4.44 14.57 -34.24
C TRP D 286 -5.17 14.69 -32.92
N TYR D 287 -4.79 13.85 -31.96
CA TYR D 287 -5.37 13.85 -30.63
C TYR D 287 -4.14 13.82 -29.72
N VAL D 288 -3.47 14.96 -29.62
CA VAL D 288 -2.24 15.07 -28.84
C VAL D 288 -2.46 15.14 -27.34
N PRO D 289 -1.84 14.21 -26.61
CA PRO D 289 -1.99 14.19 -25.16
C PRO D 289 -1.40 15.45 -24.54
N ILE D 290 -2.14 16.08 -23.63
CA ILE D 290 -1.67 17.25 -22.92
C ILE D 290 -1.29 16.69 -21.55
N ASP D 291 -2.24 16.01 -20.91
CA ASP D 291 -2.02 15.32 -19.64
C ASP D 291 -3.02 14.17 -19.68
N GLU D 292 -3.13 13.39 -18.61
CA GLU D 292 -4.05 12.25 -18.64
C GLU D 292 -5.53 12.58 -18.86
N GLY D 293 -5.95 13.79 -18.52
CA GLY D 293 -7.36 14.13 -18.68
C GLY D 293 -7.72 15.05 -19.84
N HIS D 294 -6.73 15.48 -20.62
CA HIS D 294 -7.01 16.38 -21.74
C HIS D 294 -6.15 16.10 -22.96
N HIS D 295 -6.65 16.46 -24.13
CA HIS D 295 -5.88 16.31 -25.35
C HIS D 295 -6.12 17.49 -26.26
N LEU D 296 -5.16 17.73 -27.17
CA LEU D 296 -5.25 18.82 -28.12
C LEU D 296 -5.84 18.19 -29.39
N TYR D 297 -7.07 18.58 -29.71
CA TYR D 297 -7.73 18.07 -30.90
C TYR D 297 -7.37 18.99 -32.06
N LEU D 298 -6.46 18.52 -32.90
CA LEU D 298 -5.97 19.28 -34.06
C LEU D 298 -6.69 18.84 -35.34
N GLN D 299 -7.36 19.79 -36.00
CA GLN D 299 -8.09 19.49 -37.23
C GLN D 299 -7.46 20.19 -38.43
N MET D 300 -6.94 19.41 -39.37
CA MET D 300 -6.33 19.98 -40.56
C MET D 300 -7.08 19.60 -41.83
N LEU D 301 -7.16 20.55 -42.76
CA LEU D 301 -7.80 20.31 -44.05
C LEU D 301 -6.77 20.60 -45.14
N GLY D 302 -6.61 19.66 -46.07
CA GLY D 302 -5.66 19.85 -47.13
C GLY D 302 -6.28 19.72 -48.51
N ARG D 303 -5.71 20.45 -49.47
CA ARG D 303 -6.19 20.41 -50.86
C ARG D 303 -4.99 20.53 -51.79
N ARG D 304 -4.94 19.66 -52.79
CA ARG D 304 -3.84 19.72 -53.75
C ARG D 304 -3.99 21.00 -54.55
N VAL D 305 -2.90 21.76 -54.64
CA VAL D 305 -2.92 23.02 -55.35
C VAL D 305 -1.76 23.12 -56.35
N GLY D 306 -1.99 23.81 -57.47
CA GLY D 306 -0.96 23.94 -58.47
C GLY D 306 -0.49 25.37 -58.72
N SER D 307 -1.08 26.33 -58.01
CA SER D 307 -0.71 27.73 -58.17
C SER D 307 -1.00 28.52 -56.91
N GLU D 308 -0.28 29.63 -56.72
CA GLU D 308 -0.50 30.47 -55.55
C GLU D 308 -1.90 31.07 -55.58
N GLU D 309 -2.54 31.02 -56.74
CA GLU D 309 -3.88 31.56 -56.91
C GLU D 309 -4.93 30.64 -56.29
N GLU D 310 -4.80 29.34 -56.52
CA GLU D 310 -5.76 28.41 -55.94
C GLU D 310 -5.41 28.08 -54.49
N ALA D 311 -4.21 28.47 -54.07
CA ALA D 311 -3.78 28.27 -52.70
C ALA D 311 -4.43 29.38 -51.89
N ARG D 312 -4.43 30.58 -52.46
CA ARG D 312 -5.04 31.74 -51.81
C ARG D 312 -6.55 31.53 -51.77
N SER D 313 -7.07 30.85 -52.78
CA SER D 313 -8.50 30.58 -52.86
C SER D 313 -8.94 29.59 -51.78
N PHE D 314 -8.16 28.53 -51.61
CA PHE D 314 -8.48 27.51 -50.60
C PHE D 314 -8.41 28.15 -49.21
N GLU D 315 -7.37 28.94 -48.99
CA GLU D 315 -7.19 29.62 -47.71
C GLU D 315 -8.45 30.40 -47.34
N ALA D 316 -9.05 31.07 -48.32
CA ALA D 316 -10.25 31.86 -48.06
C ALA D 316 -11.45 30.95 -47.82
N GLU D 317 -11.59 29.91 -48.63
CA GLU D 317 -12.71 28.99 -48.49
C GLU D 317 -12.63 28.28 -47.13
N PHE D 318 -11.41 28.02 -46.67
CA PHE D 318 -11.19 27.36 -45.38
C PHE D 318 -11.77 28.23 -44.26
N ARG D 319 -11.31 29.47 -44.20
CA ARG D 319 -11.74 30.42 -43.19
C ARG D 319 -13.22 30.78 -43.26
N GLU D 320 -13.67 31.11 -44.48
CA GLU D 320 -15.04 31.54 -44.67
C GLU D 320 -16.12 30.46 -44.76
N LYS D 321 -15.74 29.23 -45.04
CA LYS D 321 -16.76 28.18 -45.17
C LYS D 321 -16.57 26.90 -44.36
N TRP D 322 -15.45 26.22 -44.59
CA TRP D 322 -15.19 24.95 -43.93
C TRP D 322 -15.05 24.94 -42.41
N VAL D 323 -14.37 25.92 -41.84
CA VAL D 323 -14.20 25.96 -40.40
C VAL D 323 -15.53 25.85 -39.66
N GLU D 324 -16.51 26.68 -40.04
CA GLU D 324 -17.80 26.66 -39.37
C GLU D 324 -18.76 25.58 -39.87
N LEU D 325 -18.71 25.30 -41.16
CA LEU D 325 -19.60 24.30 -41.75
C LEU D 325 -19.22 22.87 -41.36
N ALA D 326 -17.92 22.58 -41.38
CA ALA D 326 -17.45 21.23 -41.09
C ALA D 326 -16.65 21.05 -39.81
N LEU D 327 -15.49 21.70 -39.71
CA LEU D 327 -14.65 21.55 -38.53
C LEU D 327 -15.42 21.73 -37.23
N ASN D 328 -16.39 22.66 -37.24
CA ASN D 328 -17.23 22.88 -36.07
C ASN D 328 -18.60 22.27 -36.32
N GLY D 329 -19.19 22.63 -37.47
CA GLY D 329 -20.52 22.13 -37.81
C GLY D 329 -20.68 20.62 -37.83
N PHE D 330 -19.62 19.91 -38.19
CA PHE D 330 -19.69 18.44 -38.23
C PHE D 330 -19.07 17.80 -36.99
N ASN D 331 -17.82 18.14 -36.69
CA ASN D 331 -17.12 17.54 -35.56
C ASN D 331 -17.50 17.98 -34.14
N ASP D 332 -18.19 19.10 -33.99
CA ASP D 332 -18.57 19.52 -32.64
C ASP D 332 -19.34 18.42 -31.92
N ASP D 333 -20.14 17.66 -32.66
CA ASP D 333 -20.92 16.58 -32.05
C ASP D 333 -20.06 15.43 -31.53
N ASP D 334 -18.82 15.35 -32.00
CA ASP D 334 -17.92 14.29 -31.55
C ASP D 334 -17.42 14.52 -30.13
N ILE D 335 -17.35 15.78 -29.71
CA ILE D 335 -16.85 16.11 -28.38
C ILE D 335 -17.67 15.44 -27.27
N LEU D 336 -18.98 15.43 -27.40
CA LEU D 336 -19.85 14.81 -26.40
C LEU D 336 -19.48 13.33 -26.24
N ALA D 337 -19.23 12.67 -27.37
CA ALA D 337 -18.86 11.26 -27.37
C ALA D 337 -17.60 11.02 -26.54
N ARG D 338 -16.59 11.86 -26.75
CA ARG D 338 -15.33 11.72 -26.03
C ARG D 338 -15.52 11.96 -24.53
N ARG D 339 -16.25 13.03 -24.20
CA ARG D 339 -16.49 13.38 -22.80
C ARG D 339 -17.35 12.33 -22.08
N SER D 340 -18.31 11.75 -22.78
CA SER D 340 -19.18 10.77 -22.15
C SER D 340 -18.51 9.41 -21.97
N MET D 341 -17.61 9.05 -22.88
CA MET D 341 -16.90 7.77 -22.77
C MET D 341 -15.80 7.88 -21.71
N GLU D 342 -15.20 9.07 -21.60
CA GLU D 342 -14.09 9.35 -20.68
C GLU D 342 -14.14 8.65 -19.30
N PRO D 343 -15.18 8.90 -18.49
CA PRO D 343 -15.19 8.23 -17.19
C PRO D 343 -15.24 6.70 -17.23
N PHE D 344 -15.88 6.15 -18.25
CA PHE D 344 -15.99 4.71 -18.40
C PHE D 344 -14.61 4.09 -18.61
N TYR D 345 -13.74 4.82 -19.31
CA TYR D 345 -12.39 4.32 -19.61
C TYR D 345 -11.27 4.88 -18.72
N ALA D 346 -11.52 5.99 -18.04
CA ALA D 346 -10.50 6.62 -17.21
C ALA D 346 -9.87 5.70 -16.15
N ASP D 347 -10.65 4.77 -15.60
CA ASP D 347 -10.14 3.86 -14.59
C ASP D 347 -9.83 2.46 -15.13
N ASP D 348 -9.72 2.35 -16.46
CA ASP D 348 -9.40 1.10 -17.14
C ASP D 348 -10.51 0.06 -17.15
N ARG D 349 -11.62 0.32 -16.46
CA ARG D 349 -12.71 -0.65 -16.45
C ARG D 349 -13.37 -0.80 -17.83
N GLY D 350 -13.53 0.32 -18.52
CA GLY D 350 -14.16 0.28 -19.84
C GLY D 350 -13.56 -0.72 -20.80
N TRP D 351 -12.24 -0.83 -20.81
CA TRP D 351 -11.56 -1.76 -21.71
C TRP D 351 -12.03 -3.20 -21.49
N ARG D 352 -12.47 -3.50 -20.27
CA ARG D 352 -12.93 -4.85 -19.96
C ARG D 352 -14.46 -4.97 -20.03
N GLU D 353 -15.16 -3.90 -19.67
CA GLU D 353 -16.61 -3.93 -19.63
C GLU D 353 -17.39 -3.57 -20.90
N GLU D 354 -16.73 -2.89 -21.84
CA GLU D 354 -17.40 -2.51 -23.09
C GLU D 354 -17.99 -3.76 -23.76
N VAL D 355 -19.07 -3.59 -24.50
CA VAL D 355 -19.67 -4.70 -25.24
C VAL D 355 -19.62 -4.24 -26.70
N LEU D 356 -18.58 -4.66 -27.40
CA LEU D 356 -18.41 -4.25 -28.79
C LEU D 356 -19.27 -5.01 -29.78
N PHE D 357 -19.49 -4.42 -30.96
CA PHE D 357 -20.24 -5.13 -31.98
C PHE D 357 -19.46 -5.11 -33.30
N GLU D 358 -20.07 -5.62 -34.37
CA GLU D 358 -19.40 -5.74 -35.66
C GLU D 358 -18.52 -4.62 -36.22
N SER D 359 -19.01 -3.38 -36.21
CA SER D 359 -18.22 -2.28 -36.76
C SER D 359 -17.01 -1.88 -35.90
N ASP D 360 -16.85 -2.52 -34.75
CA ASP D 360 -15.73 -2.21 -33.87
C ASP D 360 -14.46 -2.96 -34.21
N ARG D 361 -14.50 -3.77 -35.28
CA ARG D 361 -13.33 -4.52 -35.70
C ARG D 361 -12.17 -3.58 -36.01
N ALA D 362 -12.45 -2.45 -36.63
CA ALA D 362 -11.42 -1.49 -36.98
C ALA D 362 -10.65 -0.96 -35.76
N ILE D 363 -11.37 -0.50 -34.74
CA ILE D 363 -10.69 0.02 -33.57
C ILE D 363 -9.86 -1.05 -32.87
N ILE D 364 -10.35 -2.30 -32.89
CA ILE D 364 -9.61 -3.39 -32.28
C ILE D 364 -8.27 -3.58 -33.00
N GLU D 365 -8.29 -3.50 -34.33
CA GLU D 365 -7.06 -3.64 -35.10
C GLU D 365 -6.11 -2.51 -34.76
N TRP D 366 -6.67 -1.33 -34.51
CA TRP D 366 -5.86 -0.17 -34.14
C TRP D 366 -5.18 -0.39 -32.79
N ARG D 367 -5.97 -0.86 -31.82
CA ARG D 367 -5.42 -1.09 -30.48
C ARG D 367 -4.30 -2.14 -30.54
N ARG D 368 -4.47 -3.16 -31.37
CA ARG D 368 -3.45 -4.20 -31.52
C ARG D 368 -2.19 -3.64 -32.17
N LEU D 369 -2.37 -2.90 -33.27
CA LEU D 369 -1.25 -2.31 -33.99
C LEU D 369 -0.52 -1.27 -33.15
N ALA D 370 -1.27 -0.41 -32.48
CA ALA D 370 -0.67 0.62 -31.65
C ALA D 370 0.12 -0.01 -30.49
N SER D 371 -0.44 -1.06 -29.89
CA SER D 371 0.23 -1.73 -28.77
C SER D 371 1.55 -2.34 -29.20
N GLN D 372 1.54 -3.02 -30.35
CA GLN D 372 2.74 -3.68 -30.84
C GLN D 372 3.82 -2.77 -31.42
N TYR D 373 3.41 -1.77 -32.20
CA TYR D 373 4.38 -0.91 -32.87
C TYR D 373 4.71 0.47 -32.32
N ASN D 374 4.09 0.89 -31.22
CA ASN D 374 4.44 2.21 -30.68
C ASN D 374 5.91 2.14 -30.23
N ARG D 375 6.59 3.27 -30.27
CA ARG D 375 8.01 3.31 -29.90
C ARG D 375 8.30 3.57 -28.42
N GLY D 376 7.30 3.37 -27.57
CA GLY D 376 7.49 3.59 -26.15
C GLY D 376 6.25 4.14 -25.47
N ILE D 377 6.06 3.77 -24.21
CA ILE D 377 4.91 4.24 -23.45
C ILE D 377 5.37 5.41 -22.57
N GLN D 378 4.78 6.59 -22.78
CA GLN D 378 5.13 7.75 -21.98
C GLN D 378 4.69 7.53 -20.53
N THR D 379 5.57 7.86 -19.58
CA THR D 379 5.25 7.71 -18.16
C THR D 379 5.56 9.01 -17.41
N ARG D 380 5.04 9.12 -16.19
CA ARG D 380 5.27 10.31 -15.38
C ARG D 380 6.67 10.31 -14.75
N ALA E 8 -7.11 1.82 19.65
CA ALA E 8 -8.59 1.97 19.69
C ALA E 8 -9.24 0.80 20.41
N GLY E 9 -8.67 0.42 21.54
CA GLY E 9 -9.21 -0.70 22.30
C GLY E 9 -10.60 -0.41 22.83
N ILE E 10 -10.72 0.68 23.59
CA ILE E 10 -11.99 1.07 24.16
C ILE E 10 -12.90 1.61 23.06
N ALA E 11 -12.28 2.14 22.00
CA ALA E 11 -13.02 2.69 20.87
C ALA E 11 -13.73 1.55 20.14
N GLU E 12 -13.02 0.44 19.96
CA GLU E 12 -13.55 -0.74 19.29
C GLU E 12 -14.76 -1.25 20.06
N ARG E 13 -14.60 -1.38 21.38
CA ARG E 13 -15.67 -1.85 22.22
C ARG E 13 -16.89 -0.93 22.19
N ARG E 14 -16.64 0.37 22.19
CA ARG E 14 -17.73 1.32 22.18
C ARG E 14 -18.51 1.37 20.86
N THR E 15 -17.83 1.20 19.73
CA THR E 15 -18.48 1.27 18.43
C THR E 15 -18.86 -0.09 17.83
N ARG E 16 -18.53 -1.16 18.54
CA ARG E 16 -18.80 -2.51 18.08
C ARG E 16 -20.23 -2.76 17.58
N ALA E 17 -21.22 -2.42 18.41
CA ALA E 17 -22.62 -2.63 18.07
C ALA E 17 -23.10 -1.89 16.81
N TRP E 18 -22.30 -0.97 16.29
CA TRP E 18 -22.72 -0.27 15.08
C TRP E 18 -21.64 -0.06 14.03
N ALA E 19 -20.73 -1.04 13.92
CA ALA E 19 -19.66 -0.98 12.93
C ALA E 19 -20.22 -0.96 11.50
N PRO E 20 -21.32 -1.70 11.24
CA PRO E 20 -21.88 -1.70 9.88
C PRO E 20 -22.34 -0.31 9.46
N TYR E 21 -22.92 0.43 10.41
CA TYR E 21 -23.40 1.78 10.17
C TYR E 21 -22.23 2.67 9.77
N ILE E 22 -21.12 2.52 10.49
CA ILE E 22 -19.91 3.29 10.23
C ILE E 22 -19.41 3.05 8.80
N ASP E 23 -19.65 1.84 8.30
CA ASP E 23 -19.23 1.48 6.95
C ASP E 23 -20.22 1.85 5.86
N ALA E 24 -21.45 2.17 6.23
CA ALA E 24 -22.51 2.50 5.28
C ALA E 24 -22.47 3.92 4.71
N LYS E 25 -21.32 4.33 4.22
CA LYS E 25 -21.17 5.67 3.66
C LYS E 25 -22.08 5.91 2.45
N LEU E 26 -22.42 4.84 1.74
CA LEU E 26 -23.27 4.96 0.56
C LEU E 26 -24.70 4.52 0.82
N GLY E 27 -25.02 4.24 2.08
CA GLY E 27 -26.38 3.84 2.40
C GLY E 27 -26.57 2.33 2.46
N PHE E 28 -27.81 1.93 2.63
CA PHE E 28 -28.14 0.53 2.73
C PHE E 28 -28.75 -0.04 1.46
N ARG E 29 -28.22 -1.16 1.00
CA ARG E 29 -28.70 -1.80 -0.22
C ARG E 29 -29.92 -2.67 0.11
N ASN E 30 -30.75 -2.91 -0.91
CA ASN E 30 -31.97 -3.70 -0.78
C ASN E 30 -33.08 -3.01 0.00
N HIS E 31 -33.27 -1.73 -0.31
CA HIS E 31 -34.31 -0.93 0.32
C HIS E 31 -34.92 0.01 -0.73
N TRP E 32 -36.11 0.53 -0.42
CA TRP E 32 -36.80 1.47 -1.29
C TRP E 32 -36.37 2.89 -0.91
N TYR E 33 -36.19 3.73 -1.91
CA TYR E 33 -35.79 5.13 -1.69
C TYR E 33 -36.53 6.04 -2.65
N PRO E 34 -37.09 7.16 -2.15
CA PRO E 34 -37.79 8.08 -3.03
C PRO E 34 -36.71 8.91 -3.72
N VAL E 35 -36.87 9.17 -5.01
CA VAL E 35 -35.85 9.93 -5.74
C VAL E 35 -36.37 11.21 -6.38
N ARG E 36 -37.67 11.30 -6.61
CA ARG E 36 -38.21 12.48 -7.26
C ARG E 36 -39.71 12.62 -6.97
N LEU E 37 -40.22 13.83 -7.10
CA LEU E 37 -41.65 14.07 -6.92
C LEU E 37 -42.31 13.59 -8.21
N SER E 38 -43.52 13.06 -8.11
CA SER E 38 -44.22 12.56 -9.29
C SER E 38 -44.28 13.57 -10.44
N ALA E 39 -44.62 14.81 -10.13
CA ALA E 39 -44.72 15.86 -11.15
C ALA E 39 -43.43 16.06 -11.94
N GLU E 40 -42.28 15.74 -11.34
CA GLU E 40 -41.00 15.91 -12.00
C GLU E 40 -40.71 14.84 -13.04
N VAL E 41 -41.49 13.77 -13.04
CA VAL E 41 -41.32 12.68 -13.99
C VAL E 41 -42.55 12.65 -14.91
N ALA E 42 -42.53 13.51 -15.92
CA ALA E 42 -43.64 13.62 -16.85
C ALA E 42 -43.64 12.61 -18.01
N GLU E 43 -44.79 12.48 -18.66
CA GLU E 43 -44.96 11.57 -19.78
C GLU E 43 -43.93 11.89 -20.86
N ALA E 44 -43.28 10.86 -21.38
CA ALA E 44 -42.28 11.03 -22.44
C ALA E 44 -41.28 12.14 -22.22
N SER E 45 -40.82 12.31 -20.98
CA SER E 45 -39.85 13.35 -20.65
C SER E 45 -38.83 12.77 -19.65
N PRO E 46 -37.88 11.96 -20.15
CA PRO E 46 -36.84 11.33 -19.32
C PRO E 46 -36.06 12.26 -18.41
N VAL E 47 -35.84 11.82 -17.18
CA VAL E 47 -35.10 12.61 -16.20
C VAL E 47 -34.06 11.72 -15.51
N PRO E 48 -32.79 12.15 -15.53
CA PRO E 48 -31.75 11.35 -14.88
C PRO E 48 -31.63 11.66 -13.38
N VAL E 49 -31.37 10.63 -12.58
CA VAL E 49 -31.18 10.82 -11.14
C VAL E 49 -30.01 9.95 -10.69
N GLN E 50 -29.52 10.21 -9.48
CA GLN E 50 -28.44 9.40 -8.93
C GLN E 50 -28.74 9.13 -7.47
N LEU E 51 -28.70 7.86 -7.09
CA LEU E 51 -28.93 7.50 -5.68
C LEU E 51 -28.01 6.34 -5.32
N LEU E 52 -27.47 6.38 -4.11
CA LEU E 52 -26.56 5.36 -3.63
C LEU E 52 -25.41 5.13 -4.61
N GLY E 53 -24.99 6.19 -5.28
CA GLY E 53 -23.89 6.10 -6.23
C GLY E 53 -24.25 5.54 -7.60
N GLU E 54 -25.51 5.17 -7.81
CA GLU E 54 -25.93 4.62 -9.09
C GLU E 54 -26.69 5.63 -9.95
N LYS E 55 -26.29 5.74 -11.21
CA LYS E 55 -26.94 6.67 -12.15
C LYS E 55 -28.11 5.97 -12.82
N VAL E 56 -29.30 6.53 -12.64
CA VAL E 56 -30.53 5.97 -13.17
C VAL E 56 -31.24 6.98 -14.08
N LEU E 57 -31.98 6.48 -15.06
CA LEU E 57 -32.75 7.33 -15.98
C LEU E 57 -34.22 6.97 -15.83
N LEU E 58 -35.04 7.98 -15.52
CA LEU E 58 -36.47 7.77 -15.35
C LEU E 58 -37.29 8.30 -16.52
N ASN E 59 -38.47 7.71 -16.72
CA ASN E 59 -39.38 8.13 -17.76
C ASN E 59 -40.77 7.56 -17.49
N ARG E 60 -41.80 8.28 -17.92
CA ARG E 60 -43.17 7.82 -17.75
C ARG E 60 -43.74 7.50 -19.13
N VAL E 61 -44.11 6.24 -19.32
CA VAL E 61 -44.66 5.80 -20.60
C VAL E 61 -46.09 5.34 -20.34
N ASP E 62 -47.04 6.00 -20.99
CA ASP E 62 -48.45 5.70 -20.82
C ASP E 62 -48.82 5.76 -19.34
N GLY E 63 -48.32 6.79 -18.66
CA GLY E 63 -48.61 6.98 -17.25
C GLY E 63 -47.81 6.16 -16.26
N VAL E 64 -47.03 5.19 -16.73
CA VAL E 64 -46.24 4.34 -15.84
C VAL E 64 -44.76 4.72 -15.79
N VAL E 65 -44.23 4.94 -14.59
CA VAL E 65 -42.82 5.31 -14.45
C VAL E 65 -41.90 4.09 -14.55
N HIS E 66 -40.87 4.20 -15.38
CA HIS E 66 -39.89 3.13 -15.55
C HIS E 66 -38.50 3.66 -15.20
N ALA E 67 -37.62 2.78 -14.78
CA ALA E 67 -36.27 3.17 -14.39
C ALA E 67 -35.22 2.21 -14.93
N ILE E 68 -34.23 2.74 -15.64
CA ILE E 68 -33.17 1.93 -16.21
C ILE E 68 -31.80 2.53 -15.86
N ALA E 69 -30.76 1.71 -15.91
CA ALA E 69 -29.40 2.20 -15.64
C ALA E 69 -29.13 3.27 -16.69
N ASP E 70 -28.53 4.38 -16.28
CA ASP E 70 -28.27 5.48 -17.20
C ASP E 70 -26.90 5.35 -17.88
N ARG E 71 -26.67 4.20 -18.54
CA ARG E 71 -25.41 3.96 -19.21
C ARG E 71 -25.57 2.93 -20.33
N CYS E 72 -25.08 3.27 -21.51
CA CYS E 72 -25.19 2.36 -22.65
C CYS E 72 -24.21 1.20 -22.45
N LEU E 73 -24.66 0.00 -22.81
CA LEU E 73 -23.83 -1.20 -22.67
C LEU E 73 -22.71 -1.26 -23.69
N HIS E 74 -22.83 -0.49 -24.78
CA HIS E 74 -21.84 -0.50 -25.85
C HIS E 74 -20.50 0.13 -25.46
N ARG E 75 -20.44 1.46 -25.41
CA ARG E 75 -19.20 2.14 -25.05
C ARG E 75 -19.29 2.86 -23.71
N GLY E 76 -20.31 2.52 -22.94
CA GLY E 76 -20.49 3.10 -21.62
C GLY E 76 -20.85 4.57 -21.48
N VAL E 77 -21.35 5.20 -22.54
CA VAL E 77 -21.71 6.61 -22.42
C VAL E 77 -22.99 6.75 -21.58
N THR E 78 -23.21 7.96 -21.08
CA THR E 78 -24.41 8.24 -20.28
C THR E 78 -25.55 8.56 -21.29
N LEU E 79 -26.58 7.73 -21.29
CA LEU E 79 -27.72 7.91 -22.19
C LEU E 79 -28.36 9.30 -22.08
N SER E 80 -28.55 9.76 -20.85
CA SER E 80 -29.18 11.05 -20.60
C SER E 80 -28.40 12.27 -21.08
N ASP E 81 -27.16 12.10 -21.57
CA ASP E 81 -26.40 13.24 -22.06
C ASP E 81 -27.07 13.80 -23.32
N LYS E 82 -27.84 12.95 -24.00
CA LYS E 82 -28.57 13.36 -25.20
C LYS E 82 -29.68 12.35 -25.43
N VAL E 83 -30.80 12.56 -24.75
CA VAL E 83 -31.94 11.68 -24.84
C VAL E 83 -32.57 11.69 -26.24
N GLU E 84 -32.72 10.51 -26.83
CA GLU E 84 -33.30 10.36 -28.14
C GLU E 84 -34.24 9.15 -28.11
N CYS E 85 -35.53 9.40 -28.32
CA CYS E 85 -36.52 8.32 -28.31
C CYS E 85 -37.24 8.28 -29.66
N TYR E 86 -37.22 7.14 -30.33
CA TYR E 86 -37.86 7.00 -31.64
C TYR E 86 -39.06 6.06 -31.69
N SER E 87 -39.50 5.61 -30.52
CA SER E 87 -40.68 4.76 -30.40
C SER E 87 -41.15 4.96 -28.96
N LYS E 88 -42.46 4.95 -28.76
CA LYS E 88 -43.02 5.17 -27.43
C LYS E 88 -42.37 4.34 -26.31
N ALA E 89 -42.12 3.07 -26.59
CA ALA E 89 -41.56 2.17 -25.58
C ALA E 89 -40.04 2.09 -25.46
N THR E 90 -39.30 2.87 -26.25
CA THR E 90 -37.85 2.77 -26.18
C THR E 90 -37.06 4.06 -26.18
N ILE E 91 -35.76 3.90 -25.91
CA ILE E 91 -34.82 5.00 -25.94
C ILE E 91 -33.66 4.47 -26.78
N SER E 92 -33.10 5.32 -27.64
CA SER E 92 -31.99 4.90 -28.47
C SER E 92 -30.75 5.70 -28.08
N CYS E 93 -29.64 5.01 -27.86
CA CYS E 93 -28.40 5.70 -27.49
C CYS E 93 -28.03 6.66 -28.61
N TRP E 94 -27.60 7.86 -28.23
CA TRP E 94 -27.23 8.91 -29.17
C TRP E 94 -25.94 8.67 -29.94
N TYR E 95 -25.18 7.65 -29.56
CA TYR E 95 -23.90 7.41 -30.23
C TYR E 95 -24.02 6.43 -31.41
N HIS E 96 -24.44 5.20 -31.14
CA HIS E 96 -24.57 4.20 -32.21
C HIS E 96 -25.97 3.60 -32.31
N GLY E 97 -26.95 4.26 -31.69
CA GLY E 97 -28.31 3.79 -31.78
C GLY E 97 -28.75 2.49 -31.13
N TRP E 98 -27.99 1.98 -30.16
CA TRP E 98 -28.43 0.75 -29.48
C TRP E 98 -29.76 1.17 -28.85
N THR E 99 -30.81 0.40 -29.09
CA THR E 99 -32.14 0.74 -28.60
C THR E 99 -32.69 -0.19 -27.53
N TYR E 100 -33.12 0.40 -26.41
CA TYR E 100 -33.63 -0.38 -25.28
C TYR E 100 -35.06 -0.02 -24.88
N ARG E 101 -35.80 -1.01 -24.39
CA ARG E 101 -37.16 -0.80 -23.93
C ARG E 101 -37.11 -0.27 -22.50
N TRP E 102 -37.99 0.68 -22.18
CA TRP E 102 -38.04 1.23 -20.84
C TRP E 102 -38.52 0.22 -19.80
N ASP E 103 -39.48 -0.62 -20.18
CA ASP E 103 -40.04 -1.56 -19.24
C ASP E 103 -39.17 -2.72 -18.77
N ASN E 104 -38.32 -3.25 -19.64
CA ASN E 104 -37.45 -4.36 -19.24
C ASN E 104 -35.98 -4.16 -19.60
N GLY E 105 -35.66 -2.97 -20.12
CA GLY E 105 -34.28 -2.67 -20.48
C GLY E 105 -33.65 -3.49 -21.58
N LYS E 106 -34.42 -4.35 -22.23
CA LYS E 106 -33.86 -5.19 -23.30
C LYS E 106 -33.40 -4.43 -24.53
N LEU E 107 -32.29 -4.90 -25.09
CA LEU E 107 -31.73 -4.31 -26.31
C LEU E 107 -32.51 -4.97 -27.44
N VAL E 108 -33.58 -4.31 -27.89
CA VAL E 108 -34.43 -4.86 -28.95
C VAL E 108 -34.06 -4.48 -30.39
N ASP E 109 -33.22 -3.48 -30.55
CA ASP E 109 -32.80 -3.03 -31.88
C ASP E 109 -31.51 -2.23 -31.83
N ILE E 110 -30.84 -2.18 -32.98
CA ILE E 110 -29.63 -1.37 -33.11
C ILE E 110 -29.80 -0.67 -34.46
N LEU E 111 -30.24 0.58 -34.40
CA LEU E 111 -30.50 1.42 -35.57
C LEU E 111 -29.38 1.45 -36.61
N THR E 112 -28.14 1.47 -36.14
CA THR E 112 -26.98 1.55 -37.02
C THR E 112 -26.53 0.22 -37.62
N ASN E 113 -27.15 -0.87 -37.20
CA ASN E 113 -26.82 -2.19 -37.72
C ASN E 113 -27.86 -3.20 -37.30
N PRO E 114 -28.98 -3.27 -38.04
CA PRO E 114 -30.06 -4.21 -37.74
C PRO E 114 -29.70 -5.69 -37.86
N THR E 115 -28.53 -5.98 -38.38
CA THR E 115 -28.12 -7.39 -38.52
C THR E 115 -27.19 -7.85 -37.40
N SER E 116 -26.83 -6.94 -36.49
CA SER E 116 -25.93 -7.29 -35.39
C SER E 116 -26.41 -8.46 -34.54
N VAL E 117 -25.51 -9.39 -34.26
CA VAL E 117 -25.84 -10.55 -33.44
C VAL E 117 -26.05 -10.16 -31.98
N GLN E 118 -25.68 -8.94 -31.61
CA GLN E 118 -25.84 -8.49 -30.23
C GLN E 118 -27.30 -8.19 -29.89
N ILE E 119 -28.10 -7.88 -30.91
CA ILE E 119 -29.51 -7.58 -30.70
C ILE E 119 -30.20 -8.72 -29.95
N GLY E 120 -30.96 -8.36 -28.91
CA GLY E 120 -31.66 -9.37 -28.13
C GLY E 120 -30.82 -10.19 -27.17
N ARG E 121 -29.52 -9.92 -27.11
CA ARG E 121 -28.65 -10.68 -26.21
C ARG E 121 -28.29 -9.96 -24.91
N HIS E 122 -28.75 -8.73 -24.74
CA HIS E 122 -28.40 -7.96 -23.54
C HIS E 122 -29.59 -7.14 -23.07
N ALA E 123 -29.45 -6.58 -21.87
CA ALA E 123 -30.49 -5.74 -21.29
C ALA E 123 -29.91 -4.84 -20.23
N LEU E 124 -30.37 -3.60 -20.19
CA LEU E 124 -29.94 -2.64 -19.20
C LEU E 124 -30.53 -3.11 -17.88
N LYS E 125 -29.89 -2.80 -16.76
CA LYS E 125 -30.46 -3.17 -15.49
C LYS E 125 -31.68 -2.27 -15.29
N THR E 126 -32.75 -2.82 -14.72
CA THR E 126 -33.96 -2.06 -14.45
C THR E 126 -34.17 -1.97 -12.95
N TYR E 127 -34.85 -0.92 -12.50
CA TYR E 127 -35.12 -0.74 -11.08
C TYR E 127 -36.60 -0.80 -10.77
N PRO E 128 -36.99 -1.65 -9.81
CA PRO E 128 -38.41 -1.74 -9.46
C PRO E 128 -38.87 -0.34 -9.04
N VAL E 129 -40.09 0.02 -9.43
CA VAL E 129 -40.62 1.33 -9.11
C VAL E 129 -41.98 1.26 -8.42
N ARG E 130 -42.20 2.21 -7.51
CA ARG E 130 -43.46 2.33 -6.80
C ARG E 130 -43.72 3.83 -6.76
N GLU E 131 -44.94 4.22 -7.06
CA GLU E 131 -45.28 5.64 -7.04
C GLU E 131 -46.44 5.82 -6.07
N GLU E 132 -46.14 6.39 -4.91
CA GLU E 132 -47.14 6.63 -3.88
C GLU E 132 -46.96 8.00 -3.25
N LYS E 133 -48.05 8.58 -2.78
CA LYS E 133 -48.04 9.87 -2.13
C LYS E 133 -47.25 10.95 -2.86
N GLY E 134 -47.39 11.00 -4.18
CA GLY E 134 -46.69 12.00 -4.96
C GLY E 134 -45.19 11.79 -5.08
N LEU E 135 -44.74 10.58 -4.77
CA LEU E 135 -43.31 10.26 -4.84
C LEU E 135 -43.01 9.04 -5.68
N VAL E 136 -41.87 9.06 -6.36
CA VAL E 136 -41.43 7.91 -7.14
C VAL E 136 -40.33 7.22 -6.32
N PHE E 137 -40.60 5.99 -5.90
CA PHE E 137 -39.63 5.21 -5.12
C PHE E 137 -38.94 4.20 -6.02
N LEU E 138 -37.66 3.97 -5.76
CA LEU E 138 -36.88 2.99 -6.52
C LEU E 138 -36.32 1.97 -5.54
N PHE E 139 -36.30 0.70 -5.96
CA PHE E 139 -35.73 -0.34 -5.13
C PHE E 139 -34.31 -0.55 -5.62
N VAL E 140 -33.33 -0.31 -4.75
CA VAL E 140 -31.93 -0.49 -5.08
C VAL E 140 -31.42 -1.74 -4.39
N GLY E 141 -31.26 -2.81 -5.15
CA GLY E 141 -30.80 -4.05 -4.57
C GLY E 141 -30.74 -5.16 -5.59
N ASP E 142 -30.44 -6.37 -5.12
CA ASP E 142 -30.33 -7.53 -5.99
C ASP E 142 -31.42 -8.56 -5.72
N GLN E 143 -32.13 -8.39 -4.62
CA GLN E 143 -33.17 -9.35 -4.25
C GLN E 143 -34.58 -8.88 -4.59
N GLU E 144 -35.52 -9.81 -4.52
CA GLU E 144 -36.93 -9.53 -4.78
C GLU E 144 -37.37 -8.49 -3.76
N PRO E 145 -38.02 -7.41 -4.22
CA PRO E 145 -38.49 -6.35 -3.32
C PRO E 145 -39.54 -6.80 -2.30
N HIS E 146 -39.44 -6.24 -1.10
CA HIS E 146 -40.42 -6.50 -0.05
C HIS E 146 -41.42 -5.35 -0.23
N ASP E 147 -42.48 -5.31 0.56
CA ASP E 147 -43.47 -4.24 0.43
C ASP E 147 -42.85 -2.88 0.75
N LEU E 148 -43.29 -1.85 0.04
CA LEU E 148 -42.80 -0.49 0.26
C LEU E 148 -43.09 -0.06 1.70
N ALA E 149 -44.21 -0.54 2.23
CA ALA E 149 -44.63 -0.20 3.58
C ALA E 149 -43.55 -0.47 4.62
N GLU E 150 -42.68 -1.44 4.35
CA GLU E 150 -41.61 -1.76 5.29
C GLU E 150 -40.49 -0.71 5.31
N ASP E 151 -40.37 0.09 4.26
CA ASP E 151 -39.31 1.10 4.21
C ASP E 151 -39.78 2.55 4.38
N VAL E 152 -41.00 2.75 4.88
CA VAL E 152 -41.52 4.09 5.12
C VAL E 152 -42.11 4.13 6.53
N PRO E 153 -42.16 5.32 7.15
CA PRO E 153 -42.70 5.42 8.51
C PRO E 153 -44.15 4.98 8.63
N PRO E 154 -44.57 4.52 9.81
CA PRO E 154 -45.95 4.07 10.01
C PRO E 154 -46.92 5.19 9.64
N GLY E 155 -47.98 4.84 8.92
CA GLY E 155 -48.98 5.84 8.56
C GLY E 155 -48.74 6.66 7.31
N PHE E 156 -47.51 6.66 6.79
CA PHE E 156 -47.21 7.43 5.59
C PHE E 156 -48.07 7.02 4.40
N LEU E 157 -48.41 5.74 4.32
CA LEU E 157 -49.20 5.25 3.20
C LEU E 157 -50.71 5.20 3.48
N ASP E 158 -51.15 5.81 4.58
CA ASP E 158 -52.58 5.81 4.90
C ASP E 158 -53.35 6.46 3.76
N ALA E 159 -54.41 5.79 3.34
CA ALA E 159 -55.25 6.28 2.24
C ALA E 159 -55.74 7.72 2.40
N ASP E 160 -56.10 8.09 3.63
CA ASP E 160 -56.62 9.43 3.88
C ASP E 160 -55.56 10.52 4.05
N LEU E 161 -54.29 10.15 3.94
CA LEU E 161 -53.22 11.12 4.11
C LEU E 161 -52.83 11.87 2.83
N ALA E 162 -53.06 13.17 2.81
CA ALA E 162 -52.69 13.99 1.65
C ALA E 162 -51.24 14.42 1.88
N VAL E 163 -50.38 14.15 0.91
CA VAL E 163 -48.97 14.49 1.05
C VAL E 163 -48.38 15.39 -0.03
N HIS E 164 -47.54 16.32 0.40
CA HIS E 164 -46.85 17.26 -0.48
C HIS E 164 -45.44 17.43 0.09
N GLY E 165 -44.50 17.82 -0.77
CA GLY E 165 -43.14 18.00 -0.28
C GLY E 165 -42.21 18.68 -1.25
N GLN E 166 -40.94 18.77 -0.85
CA GLN E 166 -39.90 19.39 -1.66
C GLN E 166 -38.56 18.74 -1.29
N HIS E 167 -37.60 18.82 -2.19
CA HIS E 167 -36.29 18.24 -1.91
C HIS E 167 -35.17 19.18 -2.32
N ARG E 168 -33.99 18.96 -1.76
CA ARG E 168 -32.81 19.77 -2.04
C ARG E 168 -31.59 18.89 -1.85
N VAL E 169 -30.49 19.27 -2.48
CA VAL E 169 -29.26 18.51 -2.34
C VAL E 169 -28.47 19.15 -1.21
N VAL E 170 -28.00 18.33 -0.27
CA VAL E 170 -27.22 18.83 0.85
C VAL E 170 -25.78 18.32 0.75
N ASP E 171 -24.82 19.22 0.95
CA ASP E 171 -23.41 18.86 0.86
C ASP E 171 -22.88 18.13 2.10
N ALA E 172 -23.40 16.94 2.33
CA ALA E 172 -22.96 16.14 3.47
C ALA E 172 -23.44 14.72 3.27
N ASN E 173 -22.73 13.79 3.90
CA ASN E 173 -23.11 12.38 3.81
C ASN E 173 -24.52 12.24 4.37
N TRP E 174 -25.28 11.29 3.83
CA TRP E 174 -26.65 11.08 4.27
C TRP E 174 -26.77 10.83 5.77
N ARG E 175 -25.74 10.24 6.37
CA ARG E 175 -25.79 9.96 7.80
C ARG E 175 -25.82 11.24 8.64
N MET E 176 -25.24 12.31 8.13
CA MET E 176 -25.26 13.57 8.86
C MET E 176 -26.72 14.05 8.89
N GLY E 177 -27.46 13.72 7.84
CA GLY E 177 -28.86 14.10 7.78
C GLY E 177 -29.69 13.34 8.80
N VAL E 178 -29.56 12.01 8.83
CA VAL E 178 -30.33 11.22 9.77
C VAL E 178 -29.88 11.46 11.21
N GLU E 179 -28.58 11.69 11.42
CA GLU E 179 -28.07 11.96 12.76
C GLU E 179 -28.68 13.27 13.27
N ASN E 180 -28.69 14.28 12.39
CA ASN E 180 -29.25 15.58 12.72
C ASN E 180 -30.77 15.51 12.87
N GLY E 181 -31.42 14.73 12.02
CA GLY E 181 -32.86 14.60 12.09
C GLY E 181 -33.36 13.91 13.35
N PHE E 182 -32.72 12.82 13.74
CA PHE E 182 -33.15 12.08 14.92
C PHE E 182 -32.42 12.49 16.21
N ASP E 183 -31.68 13.59 16.16
CA ASP E 183 -30.96 14.07 17.34
C ASP E 183 -32.02 14.54 18.34
N ALA E 184 -32.26 13.75 19.37
CA ALA E 184 -33.26 14.05 20.38
C ALA E 184 -33.14 15.38 21.13
N GLY E 185 -31.93 15.92 21.26
CA GLY E 185 -31.80 17.19 21.98
C GLY E 185 -31.19 18.37 21.25
N HIS E 186 -31.61 18.62 20.01
CA HIS E 186 -31.04 19.72 19.24
C HIS E 186 -31.92 20.97 19.00
N VAL E 187 -33.08 21.05 19.67
CA VAL E 187 -33.97 22.21 19.50
C VAL E 187 -33.28 23.56 19.66
N PHE E 188 -32.20 23.59 20.43
CA PHE E 188 -31.44 24.82 20.67
C PHE E 188 -31.11 25.56 19.38
N ILE E 189 -30.78 24.80 18.33
CA ILE E 189 -30.43 25.38 17.04
C ILE E 189 -31.59 26.10 16.35
N HIS E 190 -32.81 25.79 16.77
CA HIS E 190 -34.01 26.38 16.18
C HIS E 190 -34.64 27.53 16.99
N LYS E 191 -34.01 27.93 18.08
CA LYS E 191 -34.54 28.97 18.96
C LYS E 191 -34.86 30.34 18.34
N SER E 192 -34.40 30.59 17.13
CA SER E 192 -34.68 31.87 16.49
C SER E 192 -35.43 31.72 15.17
N SER E 193 -36.03 30.55 14.95
CA SER E 193 -36.76 30.28 13.72
C SER E 193 -38.01 31.16 13.60
N ILE E 194 -38.31 31.59 12.38
CA ILE E 194 -39.47 32.43 12.14
C ILE E 194 -40.75 31.62 12.36
N LEU E 195 -40.62 30.30 12.47
CA LEU E 195 -41.79 29.44 12.70
C LEU E 195 -42.34 29.59 14.11
N LEU E 196 -41.47 29.97 15.05
CA LEU E 196 -41.88 30.12 16.45
C LEU E 196 -42.99 31.15 16.66
N ASP E 197 -42.75 32.40 16.29
CA ASP E 197 -43.77 33.42 16.45
C ASP E 197 -44.68 33.41 15.22
N GLY E 198 -44.27 32.66 14.20
CA GLY E 198 -45.06 32.56 12.99
C GLY E 198 -46.24 31.63 13.11
N ASN E 199 -46.12 30.64 13.98
CA ASN E 199 -47.20 29.69 14.19
C ASN E 199 -47.45 29.50 15.68
N ASP E 200 -47.01 30.50 16.45
CA ASP E 200 -47.18 30.49 17.90
C ASP E 200 -46.93 29.13 18.52
N ILE E 201 -45.73 28.60 18.31
CA ILE E 201 -45.36 27.31 18.87
C ILE E 201 -44.42 27.42 20.05
N ALA E 202 -44.57 26.53 21.02
CA ALA E 202 -43.72 26.52 22.19
C ALA E 202 -42.44 25.76 21.83
N LEU E 203 -41.29 26.26 22.28
CA LEU E 203 -40.03 25.60 21.98
C LEU E 203 -39.02 25.76 23.11
N PRO E 204 -38.74 24.67 23.84
CA PRO E 204 -37.77 24.75 24.93
C PRO E 204 -36.35 24.86 24.38
N LEU E 205 -35.38 25.07 25.27
CA LEU E 205 -33.99 25.17 24.86
C LEU E 205 -33.41 23.77 24.79
N GLY E 206 -33.93 22.89 25.63
CA GLY E 206 -33.48 21.51 25.67
C GLY E 206 -34.30 20.67 26.64
N PHE E 207 -33.70 19.60 27.14
CA PHE E 207 -34.39 18.69 28.06
C PHE E 207 -33.44 18.10 29.09
N ALA E 208 -33.94 17.91 30.30
CA ALA E 208 -33.16 17.29 31.36
C ALA E 208 -33.70 15.87 31.32
N PRO E 209 -33.04 14.98 30.55
CA PRO E 209 -33.43 13.58 30.39
C PRO E 209 -33.70 12.80 31.68
N GLY E 210 -34.62 11.84 31.57
CA GLY E 210 -34.94 11.00 32.70
C GLY E 210 -34.04 9.78 32.63
N ASP E 211 -34.55 8.64 33.09
CA ASP E 211 -33.79 7.39 33.06
C ASP E 211 -33.50 6.95 31.62
N PRO E 212 -32.22 6.67 31.32
CA PRO E 212 -31.75 6.23 29.99
C PRO E 212 -32.58 5.13 29.34
N GLU E 213 -33.04 4.17 30.13
CA GLU E 213 -33.81 3.05 29.61
C GLU E 213 -35.23 3.38 29.16
N GLN E 214 -35.74 4.54 29.54
CA GLN E 214 -37.09 4.92 29.13
C GLN E 214 -37.09 6.06 28.10
N LEU E 215 -35.92 6.36 27.58
CA LEU E 215 -35.77 7.44 26.60
C LEU E 215 -36.10 7.00 25.17
N THR E 216 -36.10 5.70 24.93
CA THR E 216 -36.38 5.19 23.59
C THR E 216 -37.10 3.85 23.61
N ARG E 217 -37.73 3.53 22.49
CA ARG E 217 -38.42 2.26 22.29
C ARG E 217 -38.10 1.81 20.87
N SER E 218 -37.60 0.59 20.73
CA SER E 218 -37.25 0.05 19.41
C SER E 218 -38.26 -0.96 18.90
N VAL E 219 -38.55 -0.87 17.60
CA VAL E 219 -39.48 -1.80 16.94
C VAL E 219 -38.69 -2.58 15.89
N THR E 220 -38.56 -3.88 16.10
CA THR E 220 -37.80 -4.71 15.18
C THR E 220 -38.56 -5.93 14.66
N GLY E 221 -39.88 -5.86 14.67
CA GLY E 221 -40.68 -6.99 14.19
C GLY E 221 -40.69 -7.09 12.68
N GLU E 222 -40.73 -8.31 12.16
CA GLU E 222 -40.76 -8.53 10.71
C GLU E 222 -42.11 -8.16 10.12
N GLY E 223 -42.12 -7.87 8.82
CA GLY E 223 -43.36 -7.53 8.14
C GLY E 223 -43.80 -6.08 8.27
N ALA E 224 -43.08 -5.30 9.08
CA ALA E 224 -43.42 -3.90 9.27
C ALA E 224 -42.13 -3.09 9.40
N PRO E 225 -42.22 -1.75 9.23
CA PRO E 225 -41.03 -0.91 9.33
C PRO E 225 -40.31 -1.08 10.67
N LYS E 226 -38.98 -1.03 10.64
CA LYS E 226 -38.18 -1.17 11.85
C LYS E 226 -37.58 0.18 12.19
N GLY E 227 -37.72 0.61 13.43
CA GLY E 227 -37.18 1.90 13.81
C GLY E 227 -37.15 2.17 15.31
N VAL E 228 -36.85 3.41 15.64
CA VAL E 228 -36.74 3.83 17.03
C VAL E 228 -37.61 5.03 17.34
N PHE E 229 -38.29 4.97 18.48
CA PHE E 229 -39.14 6.07 18.93
C PHE E 229 -38.34 6.89 19.93
N ASP E 230 -38.36 8.21 19.74
CA ASP E 230 -37.67 9.12 20.65
C ASP E 230 -38.67 9.50 21.72
N LEU E 231 -38.44 9.03 22.94
CA LEU E 231 -39.34 9.28 24.06
C LEU E 231 -38.76 10.24 25.09
N LEU E 232 -37.89 11.15 24.65
CA LEU E 232 -37.27 12.12 25.55
C LEU E 232 -38.31 13.08 26.11
N GLY E 233 -39.17 13.59 25.25
CA GLY E 233 -40.20 14.53 25.68
C GLY E 233 -41.08 14.01 26.80
N GLU E 234 -41.44 12.74 26.70
CA GLU E 234 -42.29 12.09 27.70
C GLU E 234 -41.53 11.79 28.98
N HIS E 235 -40.20 11.72 28.90
CA HIS E 235 -39.39 11.41 30.06
C HIS E 235 -38.30 12.43 30.32
N SER E 236 -38.70 13.66 30.64
CA SER E 236 -37.74 14.72 30.92
C SER E 236 -38.41 15.99 31.38
N VAL E 237 -37.60 16.94 31.80
CA VAL E 237 -38.08 18.24 32.24
C VAL E 237 -37.63 19.21 31.17
N PRO E 238 -38.57 19.75 30.37
CA PRO E 238 -38.18 20.69 29.32
C PRO E 238 -37.47 21.91 29.90
N ILE E 239 -36.37 22.30 29.26
CA ILE E 239 -35.58 23.43 29.71
C ILE E 239 -35.98 24.68 28.94
N PHE E 240 -36.52 25.68 29.65
CA PHE E 240 -36.94 26.91 29.01
C PHE E 240 -36.08 28.09 29.43
N GLU E 241 -35.24 27.88 30.43
CA GLU E 241 -34.33 28.92 30.88
C GLU E 241 -33.06 28.25 31.39
N ALA E 242 -31.92 28.80 31.00
CA ALA E 242 -30.65 28.21 31.41
C ALA E 242 -29.68 29.28 31.90
N THR E 243 -28.80 28.87 32.81
CA THR E 243 -27.83 29.78 33.37
C THR E 243 -26.41 29.36 33.02
N ILE E 244 -25.49 30.30 33.15
CA ILE E 244 -24.08 30.06 32.91
C ILE E 244 -23.36 30.48 34.18
N GLU E 245 -22.77 29.48 34.85
CA GLU E 245 -22.05 29.71 36.10
C GLU E 245 -22.91 30.45 37.13
N GLY E 246 -24.17 30.06 37.20
CA GLY E 246 -25.10 30.64 38.15
C GLY E 246 -25.82 31.93 37.76
N GLN E 247 -25.53 32.45 36.58
CA GLN E 247 -26.16 33.69 36.13
C GLN E 247 -27.10 33.48 34.95
N PRO E 248 -28.20 34.25 34.90
CA PRO E 248 -29.16 34.13 33.82
C PRO E 248 -28.41 34.22 32.48
N ALA E 249 -28.74 33.34 31.56
CA ALA E 249 -28.05 33.33 30.26
C ALA E 249 -29.01 33.42 29.08
N ILE E 250 -30.01 32.54 29.06
CA ILE E 250 -30.94 32.54 27.95
C ILE E 250 -32.24 31.83 28.30
N GLN E 251 -33.29 32.12 27.53
CA GLN E 251 -34.59 31.48 27.76
C GLN E 251 -35.18 30.96 26.47
N GLY E 252 -36.11 30.03 26.58
CA GLY E 252 -36.75 29.44 25.42
C GLY E 252 -37.80 30.34 24.81
N HIS E 253 -38.79 29.73 24.16
CA HIS E 253 -39.85 30.50 23.52
C HIS E 253 -41.23 30.00 23.95
N MET E 254 -42.04 30.92 24.46
CA MET E 254 -43.39 30.59 24.92
C MET E 254 -44.36 30.55 23.74
N GLY E 255 -45.22 29.54 23.73
CA GLY E 255 -46.19 29.41 22.66
C GLY E 255 -47.35 28.53 23.11
N SER E 256 -48.47 28.60 22.42
CA SER E 256 -49.64 27.81 22.80
C SER E 256 -49.69 26.46 22.09
N LYS E 257 -49.15 26.39 20.88
CA LYS E 257 -49.17 25.14 20.12
C LYS E 257 -48.01 24.22 20.49
N MET E 258 -48.34 22.98 20.82
CA MET E 258 -47.35 21.97 21.19
C MET E 258 -47.13 21.07 19.98
N VAL E 259 -45.88 20.96 19.52
CA VAL E 259 -45.58 20.11 18.37
C VAL E 259 -44.41 19.18 18.65
N ALA E 260 -44.11 18.31 17.68
CA ALA E 260 -43.02 17.35 17.81
C ALA E 260 -43.19 16.50 19.07
N ILE E 261 -44.41 16.02 19.29
CA ILE E 261 -44.71 15.20 20.45
C ILE E 261 -44.11 13.81 20.27
N SER E 262 -44.20 13.28 19.06
CA SER E 262 -43.66 11.96 18.77
C SER E 262 -42.68 11.99 17.60
N ILE E 263 -41.44 11.62 17.88
CA ILE E 263 -40.41 11.58 16.85
C ILE E 263 -39.89 10.16 16.74
N SER E 264 -39.71 9.68 15.51
CA SER E 264 -39.22 8.33 15.29
C SER E 264 -38.43 8.27 13.98
N VAL E 265 -37.48 7.34 13.92
CA VAL E 265 -36.66 7.16 12.73
C VAL E 265 -36.76 5.71 12.29
N TRP E 266 -36.79 5.47 10.98
CA TRP E 266 -36.94 4.11 10.45
C TRP E 266 -35.99 3.78 9.31
N LEU E 267 -35.64 2.51 9.20
CA LEU E 267 -34.79 2.06 8.10
C LEU E 267 -35.59 2.33 6.82
N PRO E 268 -34.92 2.65 5.71
CA PRO E 268 -33.46 2.78 5.54
C PRO E 268 -32.88 4.09 6.05
N GLY E 269 -33.72 4.95 6.62
CA GLY E 269 -33.26 6.22 7.15
C GLY E 269 -34.27 7.34 6.91
N VAL E 270 -35.45 7.21 7.51
CA VAL E 270 -36.51 8.21 7.33
C VAL E 270 -37.10 8.65 8.66
N LEU E 271 -37.26 9.96 8.81
CA LEU E 271 -37.78 10.56 10.02
C LEU E 271 -39.27 10.85 9.96
N LYS E 272 -39.93 10.72 11.11
CA LYS E 272 -41.35 11.02 11.25
C LYS E 272 -41.52 11.88 12.49
N VAL E 273 -41.93 13.13 12.29
CA VAL E 273 -42.14 14.05 13.41
C VAL E 273 -43.64 14.34 13.49
N ASP E 274 -44.27 13.88 14.57
CA ASP E 274 -45.70 14.05 14.73
C ASP E 274 -46.13 14.67 16.07
N PRO E 275 -46.88 15.78 16.03
CA PRO E 275 -47.31 16.50 14.82
C PRO E 275 -46.33 17.63 14.54
N PHE E 276 -46.21 18.04 13.28
CA PHE E 276 -45.28 19.11 12.93
C PHE E 276 -45.46 19.49 11.46
N PRO E 277 -45.30 20.79 11.13
CA PRO E 277 -44.99 21.94 11.98
C PRO E 277 -46.21 22.56 12.64
N ASP E 278 -47.33 21.83 12.63
CA ASP E 278 -48.57 22.29 13.22
C ASP E 278 -49.31 21.08 13.76
N PRO E 279 -50.14 21.27 14.81
CA PRO E 279 -50.88 20.15 15.38
C PRO E 279 -51.70 19.37 14.35
N THR E 280 -52.00 20.02 13.22
CA THR E 280 -52.79 19.38 12.17
C THR E 280 -51.92 18.72 11.09
N LEU E 281 -50.61 18.70 11.31
CA LEU E 281 -49.70 18.14 10.31
C LEU E 281 -48.70 17.13 10.85
N THR E 282 -48.08 16.39 9.93
CA THR E 282 -47.05 15.40 10.26
C THR E 282 -45.93 15.59 9.24
N GLN E 283 -44.69 15.63 9.72
CA GLN E 283 -43.56 15.81 8.81
C GLN E 283 -42.76 14.52 8.67
N PHE E 284 -42.41 14.19 7.43
CA PHE E 284 -41.64 13.00 7.10
C PHE E 284 -40.37 13.45 6.36
N GLU E 285 -39.20 12.96 6.77
CA GLU E 285 -37.96 13.35 6.12
C GLU E 285 -37.10 12.18 5.68
N TRP E 286 -36.59 12.27 4.46
CA TRP E 286 -35.68 11.26 3.91
C TRP E 286 -34.34 11.95 3.68
N TYR E 287 -33.26 11.16 3.77
CA TYR E 287 -31.90 11.63 3.57
C TYR E 287 -31.32 10.57 2.63
N VAL E 288 -31.67 10.67 1.37
CA VAL E 288 -31.25 9.72 0.35
C VAL E 288 -29.83 9.96 -0.12
N PRO E 289 -28.97 8.93 0.01
CA PRO E 289 -27.59 9.07 -0.44
C PRO E 289 -27.52 9.32 -1.95
N ILE E 290 -26.70 10.27 -2.38
CA ILE E 290 -26.50 10.55 -3.80
C ILE E 290 -25.13 9.92 -4.09
N ASP E 291 -24.13 10.36 -3.33
CA ASP E 291 -22.78 9.80 -3.38
C ASP E 291 -22.28 9.93 -1.95
N GLU E 292 -21.00 9.64 -1.69
CA GLU E 292 -20.54 9.73 -0.30
C GLU E 292 -20.52 11.11 0.32
N GLY E 293 -20.53 12.16 -0.50
CA GLY E 293 -20.50 13.51 0.05
C GLY E 293 -21.79 14.31 -0.06
N HIS E 294 -22.85 13.70 -0.60
CA HIS E 294 -24.13 14.40 -0.78
C HIS E 294 -25.37 13.54 -0.57
N HIS E 295 -26.45 14.16 -0.11
CA HIS E 295 -27.70 13.45 0.04
C HIS E 295 -28.86 14.30 -0.40
N LEU E 296 -29.95 13.63 -0.76
CA LEU E 296 -31.16 14.32 -1.20
C LEU E 296 -32.03 14.46 0.05
N TYR E 297 -32.20 15.70 0.51
CA TYR E 297 -33.02 15.98 1.69
C TYR E 297 -34.46 16.17 1.22
N LEU E 298 -35.29 15.17 1.47
CA LEU E 298 -36.70 15.18 1.06
C LEU E 298 -37.61 15.48 2.26
N GLN E 299 -38.33 16.59 2.17
CA GLN E 299 -39.24 17.03 3.24
C GLN E 299 -40.71 16.89 2.79
N MET E 300 -41.44 15.98 3.42
CA MET E 300 -42.84 15.76 3.08
C MET E 300 -43.74 16.17 4.25
N LEU E 301 -44.86 16.81 3.95
CA LEU E 301 -45.82 17.19 4.97
C LEU E 301 -47.15 16.51 4.66
N GLY E 302 -47.70 15.80 5.64
CA GLY E 302 -48.96 15.10 5.41
C GLY E 302 -50.08 15.57 6.32
N ARG E 303 -51.30 15.55 5.79
CA ARG E 303 -52.49 15.95 6.55
C ARG E 303 -53.66 15.03 6.22
N ARG E 304 -54.29 14.50 7.26
CA ARG E 304 -55.44 13.62 7.06
C ARG E 304 -56.54 14.47 6.44
N VAL E 305 -57.08 14.01 5.31
CA VAL E 305 -58.12 14.73 4.61
C VAL E 305 -59.35 13.86 4.39
N GLY E 306 -60.50 14.49 4.21
CA GLY E 306 -61.73 13.74 4.01
C GLY E 306 -62.51 14.16 2.77
N SER E 307 -61.97 15.09 1.99
CA SER E 307 -62.64 15.55 0.80
C SER E 307 -61.71 16.30 -0.14
N GLU E 308 -62.04 16.30 -1.43
CA GLU E 308 -61.25 16.98 -2.44
C GLU E 308 -61.15 18.46 -2.10
N GLU E 309 -62.10 18.94 -1.31
CA GLU E 309 -62.11 20.34 -0.91
C GLU E 309 -60.99 20.59 0.09
N GLU E 310 -60.86 19.68 1.06
CA GLU E 310 -59.82 19.80 2.07
C GLU E 310 -58.45 19.56 1.43
N ALA E 311 -58.38 18.55 0.57
CA ALA E 311 -57.13 18.22 -0.12
C ALA E 311 -56.66 19.45 -0.86
N ARG E 312 -57.56 20.07 -1.61
CA ARG E 312 -57.21 21.27 -2.37
C ARG E 312 -56.80 22.39 -1.42
N SER E 313 -57.40 22.39 -0.22
CA SER E 313 -57.09 23.41 0.77
C SER E 313 -55.65 23.25 1.26
N PHE E 314 -55.33 22.07 1.79
CA PHE E 314 -53.99 21.80 2.28
C PHE E 314 -52.94 22.14 1.22
N GLU E 315 -53.20 21.70 -0.01
CA GLU E 315 -52.27 21.95 -1.12
C GLU E 315 -51.94 23.44 -1.19
N ALA E 316 -52.94 24.29 -1.03
CA ALA E 316 -52.75 25.74 -1.10
C ALA E 316 -51.97 26.26 0.11
N GLU E 317 -52.30 25.74 1.28
CA GLU E 317 -51.63 26.15 2.51
C GLU E 317 -50.16 25.73 2.51
N PHE E 318 -49.88 24.56 1.94
CA PHE E 318 -48.52 24.05 1.83
C PHE E 318 -47.66 25.03 1.03
N ARG E 319 -48.14 25.38 -0.15
CA ARG E 319 -47.44 26.30 -1.05
C ARG E 319 -47.31 27.73 -0.55
N GLU E 320 -48.42 28.28 -0.06
CA GLU E 320 -48.45 29.67 0.39
C GLU E 320 -47.98 29.94 1.81
N LYS E 321 -47.87 28.89 2.63
CA LYS E 321 -47.48 29.11 4.01
C LYS E 321 -46.35 28.22 4.55
N TRP E 322 -46.63 26.92 4.66
CA TRP E 322 -45.68 25.96 5.22
C TRP E 322 -44.29 25.84 4.59
N VAL E 323 -44.21 25.90 3.26
CA VAL E 323 -42.91 25.79 2.61
C VAL E 323 -41.91 26.81 3.13
N GLU E 324 -42.24 28.09 3.02
CA GLU E 324 -41.33 29.14 3.49
C GLU E 324 -41.28 29.31 5.00
N LEU E 325 -42.39 29.00 5.67
CA LEU E 325 -42.46 29.16 7.12
C LEU E 325 -41.77 28.05 7.92
N ALA E 326 -41.97 26.80 7.50
CA ALA E 326 -41.38 25.68 8.22
C ALA E 326 -40.27 24.94 7.46
N LEU E 327 -40.62 24.33 6.34
CA LEU E 327 -39.64 23.57 5.55
C LEU E 327 -38.34 24.35 5.33
N ASN E 328 -38.45 25.66 5.14
CA ASN E 328 -37.28 26.52 4.96
C ASN E 328 -37.01 27.34 6.21
N GLY E 329 -38.06 27.99 6.72
CA GLY E 329 -37.91 28.83 7.89
C GLY E 329 -37.43 28.12 9.15
N PHE E 330 -37.76 26.84 9.27
CA PHE E 330 -37.35 26.08 10.44
C PHE E 330 -36.14 25.18 10.15
N ASN E 331 -36.25 24.34 9.11
CA ASN E 331 -35.17 23.41 8.76
C ASN E 331 -33.92 23.95 8.10
N ASP E 332 -33.96 25.17 7.57
CA ASP E 332 -32.76 25.73 6.96
C ASP E 332 -31.58 25.71 7.94
N ASP E 333 -31.86 25.89 9.23
CA ASP E 333 -30.79 25.88 10.24
C ASP E 333 -30.18 24.50 10.44
N ASP E 334 -30.91 23.45 10.06
CA ASP E 334 -30.41 22.10 10.21
C ASP E 334 -29.28 21.83 9.22
N ILE E 335 -29.30 22.54 8.09
CA ILE E 335 -28.28 22.36 7.06
C ILE E 335 -26.87 22.65 7.58
N LEU E 336 -26.71 23.74 8.32
CA LEU E 336 -25.40 24.11 8.86
C LEU E 336 -24.85 22.99 9.76
N ALA E 337 -25.73 22.42 10.59
CA ALA E 337 -25.33 21.35 11.48
C ALA E 337 -24.76 20.17 10.71
N ARG E 338 -25.43 19.79 9.63
CA ARG E 338 -24.98 18.65 8.82
C ARG E 338 -23.64 18.96 8.16
N ARG E 339 -23.53 20.15 7.59
CA ARG E 339 -22.29 20.56 6.93
C ARG E 339 -21.13 20.69 7.90
N SER E 340 -21.42 21.16 9.12
CA SER E 340 -20.36 21.33 10.11
C SER E 340 -19.90 20.01 10.72
N MET E 341 -20.81 19.05 10.84
CA MET E 341 -20.43 17.74 11.39
C MET E 341 -19.72 16.91 10.31
N GLU E 342 -20.11 17.12 9.05
CA GLU E 342 -19.56 16.38 7.92
C GLU E 342 -18.07 16.05 7.98
N PRO E 343 -17.18 17.06 8.04
CA PRO E 343 -15.75 16.73 8.10
C PRO E 343 -15.29 15.91 9.29
N PHE E 344 -15.95 16.07 10.43
CA PHE E 344 -15.60 15.33 11.64
C PHE E 344 -15.85 13.83 11.41
N TYR E 345 -16.92 13.51 10.70
CA TYR E 345 -17.27 12.12 10.45
C TYR E 345 -16.87 11.56 9.07
N ALA E 346 -16.49 12.44 8.14
CA ALA E 346 -16.14 11.99 6.79
C ALA E 346 -15.02 10.95 6.77
N ASP E 347 -14.04 11.06 7.67
CA ASP E 347 -12.95 10.11 7.68
C ASP E 347 -13.06 9.06 8.79
N ASP E 348 -14.27 8.87 9.32
CA ASP E 348 -14.53 7.89 10.36
C ASP E 348 -13.99 8.22 11.75
N ARG E 349 -13.25 9.31 11.89
CA ARG E 349 -12.70 9.68 13.19
C ARG E 349 -13.79 10.12 14.19
N GLY E 350 -14.80 10.81 13.69
CA GLY E 350 -15.86 11.28 14.56
C GLY E 350 -16.56 10.21 15.36
N TRP E 351 -16.81 9.05 14.74
CA TRP E 351 -17.48 7.96 15.44
C TRP E 351 -16.73 7.53 16.69
N ARG E 352 -15.43 7.77 16.72
CA ARG E 352 -14.61 7.39 17.87
C ARG E 352 -14.32 8.55 18.80
N GLU E 353 -14.18 9.74 18.24
CA GLU E 353 -13.83 10.93 19.02
C GLU E 353 -14.97 11.76 19.60
N GLU E 354 -16.18 11.58 19.10
CA GLU E 354 -17.33 12.33 19.59
C GLU E 354 -17.47 12.08 21.10
N VAL E 355 -17.98 13.07 21.82
CA VAL E 355 -18.23 12.92 23.26
C VAL E 355 -19.73 13.13 23.43
N LEU E 356 -20.46 12.03 23.48
CA LEU E 356 -21.91 12.08 23.59
C LEU E 356 -22.43 12.33 25.00
N PHE E 357 -23.67 12.80 25.12
CA PHE E 357 -24.25 12.97 26.45
C PHE E 357 -25.65 12.36 26.50
N GLU E 358 -26.33 12.52 27.62
CA GLU E 358 -27.64 11.91 27.83
C GLU E 358 -28.65 11.84 26.69
N SER E 359 -28.95 12.97 26.05
CA SER E 359 -29.92 12.96 24.97
C SER E 359 -29.50 12.21 23.71
N ASP E 360 -28.24 11.76 23.66
CA ASP E 360 -27.75 11.03 22.50
C ASP E 360 -28.09 9.54 22.55
N ARG E 361 -28.82 9.13 23.59
CA ARG E 361 -29.20 7.72 23.71
C ARG E 361 -30.03 7.28 22.51
N ALA E 362 -30.92 8.15 22.04
CA ALA E 362 -31.78 7.79 20.91
C ALA E 362 -30.97 7.51 19.63
N ILE E 363 -30.01 8.35 19.30
CA ILE E 363 -29.23 8.14 18.09
C ILE E 363 -28.43 6.85 18.19
N ILE E 364 -27.93 6.54 19.38
CA ILE E 364 -27.17 5.32 19.60
C ILE E 364 -28.06 4.11 19.33
N GLU E 365 -29.32 4.20 19.75
CA GLU E 365 -30.27 3.11 19.51
C GLU E 365 -30.51 2.98 18.00
N TRP E 366 -30.52 4.12 17.31
CA TRP E 366 -30.72 4.08 15.87
C TRP E 366 -29.52 3.42 15.19
N ARG E 367 -28.31 3.80 15.60
CA ARG E 367 -27.11 3.23 15.01
C ARG E 367 -27.08 1.71 15.20
N ARG E 368 -27.49 1.24 16.38
CA ARG E 368 -27.51 -0.18 16.66
C ARG E 368 -28.56 -0.89 15.82
N LEU E 369 -29.76 -0.33 15.78
CA LEU E 369 -30.85 -0.93 15.01
C LEU E 369 -30.51 -0.93 13.52
N ALA E 370 -30.04 0.20 13.01
CA ALA E 370 -29.69 0.31 11.59
C ALA E 370 -28.60 -0.71 11.24
N SER E 371 -27.59 -0.83 12.10
CA SER E 371 -26.48 -1.76 11.86
C SER E 371 -26.92 -3.22 11.80
N GLN E 372 -27.81 -3.59 12.71
CA GLN E 372 -28.27 -4.97 12.76
C GLN E 372 -29.35 -5.34 11.75
N TYR E 373 -30.27 -4.43 11.48
CA TYR E 373 -31.36 -4.76 10.58
C TYR E 373 -31.34 -4.29 9.13
N ASN E 374 -30.34 -3.52 8.73
CA ASN E 374 -30.29 -3.08 7.34
C ASN E 374 -30.14 -4.32 6.46
N ARG E 375 -30.66 -4.26 5.24
CA ARG E 375 -30.61 -5.40 4.33
C ARG E 375 -29.37 -5.43 3.43
N GLY E 376 -28.32 -4.73 3.83
CA GLY E 376 -27.10 -4.74 3.04
C GLY E 376 -26.38 -3.40 3.00
N ILE E 377 -25.06 -3.45 2.95
CA ILE E 377 -24.24 -2.25 2.90
C ILE E 377 -23.93 -1.94 1.43
N GLN E 378 -24.36 -0.79 0.94
CA GLN E 378 -24.09 -0.42 -0.45
C GLN E 378 -22.58 -0.17 -0.61
N THR E 379 -21.98 -0.71 -1.65
CA THR E 379 -20.55 -0.51 -1.88
C THR E 379 -20.28 -0.11 -3.32
N ARG E 380 -19.06 0.36 -3.56
CA ARG E 380 -18.65 0.77 -4.90
C ARG E 380 -18.27 -0.48 -5.68
N ALA F 8 19.44 7.18 -5.84
CA ALA F 8 20.75 7.90 -5.93
C ALA F 8 21.32 8.18 -4.54
N GLY F 9 22.36 7.45 -4.18
CA GLY F 9 22.98 7.65 -2.88
C GLY F 9 23.57 9.04 -2.77
N ILE F 10 23.83 9.64 -3.93
CA ILE F 10 24.38 10.99 -4.00
C ILE F 10 23.41 12.00 -3.37
N ALA F 11 22.12 11.83 -3.67
CA ALA F 11 21.09 12.71 -3.14
C ALA F 11 20.92 12.55 -1.63
N GLU F 12 20.91 11.31 -1.16
CA GLU F 12 20.77 11.02 0.26
C GLU F 12 21.88 11.71 1.05
N ARG F 13 23.11 11.57 0.57
CA ARG F 13 24.25 12.19 1.24
C ARG F 13 24.17 13.69 1.20
N ARG F 14 23.66 14.24 0.10
CA ARG F 14 23.56 15.68 -0.04
C ARG F 14 22.45 16.32 0.81
N THR F 15 21.33 15.64 0.97
CA THR F 15 20.21 16.18 1.74
C THR F 15 20.14 15.68 3.18
N ARG F 16 21.03 14.75 3.51
CA ARG F 16 21.07 14.14 4.84
C ARG F 16 20.89 15.13 5.99
N ALA F 17 21.67 16.21 5.98
CA ALA F 17 21.61 17.20 7.04
C ALA F 17 20.31 18.02 7.09
N TRP F 18 19.42 17.87 6.11
CA TRP F 18 18.17 18.63 6.12
C TRP F 18 16.91 17.76 6.03
N ALA F 19 17.05 16.46 6.28
CA ALA F 19 15.90 15.57 6.20
C ALA F 19 14.70 16.05 7.02
N PRO F 20 14.93 16.53 8.25
CA PRO F 20 13.81 17.01 9.07
C PRO F 20 13.07 18.19 8.42
N TYR F 21 13.83 19.09 7.83
CA TYR F 21 13.28 20.26 7.16
C TYR F 21 12.43 19.83 5.97
N ILE F 22 12.91 18.82 5.24
CA ILE F 22 12.19 18.30 4.09
C ILE F 22 10.84 17.71 4.49
N ASP F 23 10.76 17.15 5.70
CA ASP F 23 9.50 16.57 6.17
C ASP F 23 8.59 17.60 6.84
N ALA F 24 9.11 18.79 7.13
CA ALA F 24 8.34 19.83 7.82
C ALA F 24 7.40 20.64 6.94
N LYS F 25 6.52 19.97 6.23
CA LYS F 25 5.58 20.64 5.35
C LYS F 25 4.56 21.49 6.10
N LEU F 26 4.35 21.17 7.38
CA LEU F 26 3.38 21.90 8.20
C LEU F 26 4.07 22.79 9.23
N GLY F 27 5.37 22.96 9.09
CA GLY F 27 6.09 23.80 10.02
C GLY F 27 6.62 23.09 11.25
N PHE F 28 7.13 23.86 12.19
CA PHE F 28 7.70 23.32 13.41
C PHE F 28 6.81 23.50 14.63
N ARG F 29 6.59 22.41 15.35
CA ARG F 29 5.77 22.42 16.54
C ARG F 29 6.62 22.92 17.72
N ASN F 30 5.94 23.42 18.76
CA ASN F 30 6.58 23.94 19.96
C ASN F 30 7.31 25.26 19.77
N HIS F 31 6.70 26.17 19.01
CA HIS F 31 7.25 27.49 18.75
C HIS F 31 6.11 28.51 18.75
N TRP F 32 6.46 29.78 18.91
CA TRP F 32 5.48 30.86 18.89
C TRP F 32 5.31 31.34 17.46
N TYR F 33 4.08 31.66 17.10
CA TYR F 33 3.74 32.14 15.76
C TYR F 33 2.73 33.27 15.81
N PRO F 34 2.93 34.32 15.02
CA PRO F 34 1.99 35.44 15.00
C PRO F 34 0.84 35.05 14.06
N VAL F 35 -0.40 35.34 14.44
CA VAL F 35 -1.53 34.96 13.60
C VAL F 35 -2.43 36.10 13.12
N ARG F 36 -2.50 37.19 13.89
CA ARG F 36 -3.33 38.34 13.54
C ARG F 36 -2.76 39.62 14.13
N LEU F 37 -3.18 40.74 13.56
CA LEU F 37 -2.77 42.06 14.06
C LEU F 37 -3.69 42.31 15.25
N SER F 38 -3.18 42.98 16.28
CA SER F 38 -3.97 43.27 17.47
C SER F 38 -5.33 43.88 17.14
N ALA F 39 -5.36 44.80 16.19
CA ALA F 39 -6.59 45.46 15.78
C ALA F 39 -7.64 44.51 15.21
N GLU F 40 -7.19 43.37 14.71
CA GLU F 40 -8.11 42.39 14.14
C GLU F 40 -8.81 41.55 15.19
N VAL F 41 -8.29 41.58 16.42
CA VAL F 41 -8.88 40.81 17.51
C VAL F 41 -9.45 41.80 18.54
N ALA F 42 -10.66 42.30 18.26
CA ALA F 42 -11.31 43.27 19.13
C ALA F 42 -12.10 42.65 20.28
N GLU F 43 -12.43 43.48 21.27
CA GLU F 43 -13.17 43.07 22.45
C GLU F 43 -14.48 42.39 22.05
N ALA F 44 -14.76 41.25 22.67
CA ALA F 44 -15.98 40.49 22.41
C ALA F 44 -16.32 40.32 20.93
N SER F 45 -15.31 40.11 20.09
CA SER F 45 -15.55 39.92 18.66
C SER F 45 -14.67 38.76 18.18
N PRO F 46 -15.08 37.51 18.47
CA PRO F 46 -14.38 36.28 18.10
C PRO F 46 -13.93 36.18 16.64
N VAL F 47 -12.68 35.78 16.44
CA VAL F 47 -12.14 35.64 15.08
C VAL F 47 -11.42 34.30 14.92
N PRO F 48 -11.83 33.51 13.93
CA PRO F 48 -11.21 32.20 13.70
C PRO F 48 -9.96 32.33 12.84
N VAL F 49 -8.96 31.49 13.12
CA VAL F 49 -7.72 31.47 12.36
C VAL F 49 -7.25 30.03 12.22
N GLN F 50 -6.30 29.79 11.33
CA GLN F 50 -5.74 28.46 11.15
C GLN F 50 -4.24 28.60 10.97
N LEU F 51 -3.48 27.84 11.74
CA LEU F 51 -2.03 27.87 11.63
C LEU F 51 -1.53 26.45 11.86
N LEU F 52 -0.52 26.05 11.10
CA LEU F 52 0.04 24.71 11.22
C LEU F 52 -1.05 23.63 11.12
N GLY F 53 -2.08 23.91 10.32
CA GLY F 53 -3.16 22.97 10.14
C GLY F 53 -4.17 22.90 11.27
N GLU F 54 -3.98 23.69 12.33
CA GLU F 54 -4.89 23.69 13.45
C GLU F 54 -5.88 24.87 13.41
N LYS F 55 -7.16 24.58 13.66
CA LYS F 55 -8.18 25.61 13.65
C LYS F 55 -8.37 26.18 15.06
N VAL F 56 -8.12 27.47 15.21
CA VAL F 56 -8.21 28.14 16.51
C VAL F 56 -9.22 29.28 16.47
N LEU F 57 -9.81 29.57 17.63
CA LEU F 57 -10.78 30.65 17.75
C LEU F 57 -10.25 31.67 18.76
N LEU F 58 -10.09 32.91 18.34
CA LEU F 58 -9.57 33.96 19.21
C LEU F 58 -10.67 34.91 19.70
N ASN F 59 -10.42 35.56 20.83
CA ASN F 59 -11.36 36.53 21.37
C ASN F 59 -10.66 37.36 22.45
N ARG F 60 -11.05 38.63 22.55
CA ARG F 60 -10.49 39.51 23.55
C ARG F 60 -11.56 39.75 24.61
N VAL F 61 -11.28 39.32 25.84
CA VAL F 61 -12.20 39.47 26.96
C VAL F 61 -11.52 40.34 28.00
N ASP F 62 -12.12 41.50 28.29
CA ASP F 62 -11.55 42.44 29.24
C ASP F 62 -10.12 42.79 28.81
N GLY F 63 -9.96 43.07 27.53
CA GLY F 63 -8.66 43.45 26.99
C GLY F 63 -7.64 42.34 26.78
N VAL F 64 -7.90 41.15 27.32
CA VAL F 64 -6.97 40.03 27.19
C VAL F 64 -7.38 39.03 26.10
N VAL F 65 -6.44 38.74 25.20
CA VAL F 65 -6.70 37.79 24.10
C VAL F 65 -6.59 36.34 24.57
N HIS F 66 -7.60 35.56 24.22
CA HIS F 66 -7.64 34.15 24.58
C HIS F 66 -7.74 33.32 23.30
N ALA F 67 -7.28 32.07 23.35
CA ALA F 67 -7.31 31.21 22.17
C ALA F 67 -7.71 29.78 22.54
N ILE F 68 -8.72 29.27 21.84
CA ILE F 68 -9.21 27.92 22.08
C ILE F 68 -9.36 27.16 20.77
N ALA F 69 -9.34 25.84 20.85
CA ALA F 69 -9.52 25.01 19.66
C ALA F 69 -10.89 25.36 19.12
N ASP F 70 -10.99 25.54 17.80
CA ASP F 70 -12.24 25.91 17.17
C ASP F 70 -13.08 24.69 16.77
N ARG F 71 -13.38 23.83 17.73
CA ARG F 71 -14.18 22.63 17.48
C ARG F 71 -14.84 22.15 18.76
N CYS F 72 -16.15 21.95 18.70
CA CYS F 72 -16.89 21.49 19.88
C CYS F 72 -16.54 20.03 20.18
N LEU F 73 -16.45 19.70 21.45
CA LEU F 73 -16.12 18.34 21.88
C LEU F 73 -17.26 17.35 21.68
N HIS F 74 -18.49 17.88 21.60
CA HIS F 74 -19.68 17.06 21.44
C HIS F 74 -19.76 16.32 20.11
N ARG F 75 -20.17 17.03 19.05
CA ARG F 75 -20.28 16.41 17.73
C ARG F 75 -19.23 16.95 16.76
N GLY F 76 -18.20 17.58 17.32
CA GLY F 76 -17.11 18.11 16.51
C GLY F 76 -17.39 19.23 15.52
N VAL F 77 -18.46 20.01 15.72
CA VAL F 77 -18.75 21.10 14.80
C VAL F 77 -17.76 22.23 15.02
N THR F 78 -17.65 23.12 14.03
CA THR F 78 -16.77 24.27 14.15
C THR F 78 -17.53 25.37 14.88
N LEU F 79 -17.05 25.74 16.06
CA LEU F 79 -17.71 26.77 16.87
C LEU F 79 -17.94 28.09 16.11
N SER F 80 -16.90 28.53 15.40
CA SER F 80 -16.98 29.79 14.67
C SER F 80 -17.94 29.82 13.49
N ASP F 81 -18.60 28.69 13.18
CA ASP F 81 -19.56 28.69 12.08
C ASP F 81 -20.77 29.56 12.48
N LYS F 82 -20.96 29.72 13.79
CA LYS F 82 -22.04 30.55 14.32
C LYS F 82 -21.72 30.87 15.77
N VAL F 83 -20.95 31.94 15.97
CA VAL F 83 -20.53 32.36 17.29
C VAL F 83 -21.69 32.85 18.16
N GLU F 84 -21.81 32.29 19.35
CA GLU F 84 -22.86 32.67 20.28
C GLU F 84 -22.27 32.72 21.69
N CYS F 85 -22.31 33.91 22.30
CA CYS F 85 -21.78 34.09 23.65
C CYS F 85 -22.89 34.66 24.55
N TYR F 86 -23.16 33.96 25.66
CA TYR F 86 -24.21 34.38 26.58
C TYR F 86 -23.73 34.84 27.95
N SER F 87 -22.41 34.89 28.12
CA SER F 87 -21.79 35.37 29.34
C SER F 87 -20.46 35.93 28.85
N LYS F 88 -19.94 36.94 29.56
CA LYS F 88 -18.70 37.58 29.16
C LYS F 88 -17.52 36.62 29.01
N ALA F 89 -17.39 35.67 29.93
CA ALA F 89 -16.27 34.75 29.94
C ALA F 89 -16.43 33.45 29.14
N THR F 90 -17.57 33.25 28.49
CA THR F 90 -17.79 32.01 27.77
C THR F 90 -18.31 32.14 26.34
N ILE F 91 -18.35 31.00 25.66
CA ILE F 91 -18.88 30.87 24.33
C ILE F 91 -19.71 29.59 24.39
N SER F 92 -20.87 29.60 23.76
CA SER F 92 -21.75 28.43 23.78
C SER F 92 -21.87 27.89 22.36
N CYS F 93 -21.66 26.58 22.21
CA CYS F 93 -21.77 25.97 20.88
C CYS F 93 -23.19 26.20 20.36
N TRP F 94 -23.28 26.59 19.10
CA TRP F 94 -24.55 26.86 18.45
C TRP F 94 -25.45 25.65 18.20
N TYR F 95 -24.94 24.45 18.45
CA TYR F 95 -25.74 23.26 18.18
C TYR F 95 -26.51 22.75 19.41
N HIS F 96 -25.80 22.42 20.48
CA HIS F 96 -26.45 21.92 21.69
C HIS F 96 -26.07 22.73 22.93
N GLY F 97 -25.53 23.92 22.70
CA GLY F 97 -25.17 24.79 23.81
C GLY F 97 -24.09 24.39 24.80
N TRP F 98 -23.16 23.51 24.42
CA TRP F 98 -22.08 23.17 25.35
C TRP F 98 -21.36 24.51 25.51
N THR F 99 -21.11 24.91 26.76
CA THR F 99 -20.51 26.21 27.04
C THR F 99 -19.11 26.13 27.66
N TYR F 100 -18.15 26.79 27.02
CA TYR F 100 -16.77 26.78 27.47
C TYR F 100 -16.23 28.15 27.83
N ARG F 101 -15.34 28.21 28.80
CA ARG F 101 -14.72 29.48 29.20
C ARG F 101 -13.58 29.75 28.24
N TRP F 102 -13.39 31.02 27.87
CA TRP F 102 -12.31 31.38 26.98
C TRP F 102 -10.93 31.21 27.63
N ASP F 103 -10.82 31.54 28.91
CA ASP F 103 -9.52 31.45 29.58
C ASP F 103 -8.93 30.06 29.84
N ASN F 104 -9.76 29.05 30.05
CA ASN F 104 -9.21 27.71 30.29
C ASN F 104 -9.92 26.62 29.49
N GLY F 105 -10.80 27.04 28.58
CA GLY F 105 -11.52 26.09 27.75
C GLY F 105 -12.43 25.09 28.45
N LYS F 106 -12.53 25.17 29.77
CA LYS F 106 -13.36 24.22 30.51
C LYS F 106 -14.86 24.25 30.17
N LEU F 107 -15.46 23.08 30.11
CA LEU F 107 -16.88 22.95 29.82
C LEU F 107 -17.59 23.22 31.16
N VAL F 108 -18.02 24.46 31.36
CA VAL F 108 -18.66 24.84 32.63
C VAL F 108 -20.18 24.70 32.67
N ASP F 109 -20.82 24.63 31.52
CA ASP F 109 -22.27 24.50 31.46
C ASP F 109 -22.72 23.88 30.15
N ILE F 110 -23.95 23.36 30.15
CA ILE F 110 -24.57 22.80 28.96
C ILE F 110 -26.00 23.33 28.99
N LEU F 111 -26.22 24.41 28.26
CA LEU F 111 -27.50 25.09 28.19
C LEU F 111 -28.71 24.21 27.89
N THR F 112 -28.52 23.17 27.08
CA THR F 112 -29.62 22.28 26.72
C THR F 112 -29.85 21.16 27.72
N ASN F 113 -29.03 21.09 28.74
CA ASN F 113 -29.17 20.08 29.78
C ASN F 113 -28.25 20.35 30.96
N PRO F 114 -28.66 21.25 31.85
CA PRO F 114 -27.87 21.62 33.04
C PRO F 114 -27.59 20.48 34.02
N THR F 115 -28.23 19.33 33.83
CA THR F 115 -28.01 18.21 34.73
C THR F 115 -27.00 17.21 34.18
N SER F 116 -26.56 17.40 32.94
CA SER F 116 -25.61 16.49 32.31
C SER F 116 -24.38 16.19 33.15
N VAL F 117 -24.01 14.92 33.24
CA VAL F 117 -22.85 14.52 34.00
C VAL F 117 -21.56 14.89 33.26
N GLN F 118 -21.68 15.34 32.01
CA GLN F 118 -20.51 15.72 31.23
C GLN F 118 -19.96 17.08 31.66
N ILE F 119 -20.82 17.91 32.25
CA ILE F 119 -20.42 19.23 32.69
C ILE F 119 -19.23 19.17 33.65
N GLY F 120 -18.25 20.03 33.43
CA GLY F 120 -17.08 20.07 34.29
C GLY F 120 -16.07 18.95 34.10
N ARG F 121 -16.36 18.00 33.22
CA ARG F 121 -15.44 16.88 33.00
C ARG F 121 -14.56 17.01 31.76
N HIS F 122 -14.72 18.09 31.02
CA HIS F 122 -13.95 18.28 29.80
C HIS F 122 -13.47 19.70 29.62
N ALA F 123 -12.56 19.89 28.68
CA ALA F 123 -12.02 21.21 28.39
C ALA F 123 -11.46 21.24 26.98
N LEU F 124 -11.74 22.33 26.28
CA LEU F 124 -11.23 22.53 24.93
C LEU F 124 -9.74 22.78 25.10
N LYS F 125 -8.94 22.47 24.09
CA LYS F 125 -7.52 22.75 24.21
C LYS F 125 -7.38 24.25 24.08
N THR F 126 -6.47 24.83 24.87
CA THR F 126 -6.24 26.26 24.83
C THR F 126 -4.80 26.48 24.33
N TYR F 127 -4.55 27.63 23.74
CA TYR F 127 -3.23 27.96 23.22
C TYR F 127 -2.64 29.14 23.98
N PRO F 128 -1.39 29.00 24.46
CA PRO F 128 -0.78 30.12 25.17
C PRO F 128 -0.74 31.32 24.23
N VAL F 129 -0.99 32.51 24.79
CA VAL F 129 -0.99 33.73 23.97
C VAL F 129 -0.02 34.77 24.51
N ARG F 130 0.50 35.57 23.59
CA ARG F 130 1.41 36.66 23.90
C ARG F 130 1.07 37.74 22.88
N GLU F 131 0.88 38.97 23.36
CA GLU F 131 0.56 40.06 22.46
C GLU F 131 1.66 41.11 22.59
N GLU F 132 2.40 41.31 21.51
CA GLU F 132 3.50 42.27 21.50
C GLU F 132 3.65 42.89 20.13
N LYS F 133 4.07 44.15 20.10
CA LYS F 133 4.29 44.87 18.87
C LYS F 133 3.12 44.84 17.90
N GLY F 134 1.91 44.89 18.43
CA GLY F 134 0.72 44.88 17.60
C GLY F 134 0.39 43.54 16.96
N LEU F 135 0.90 42.47 17.54
CA LEU F 135 0.67 41.14 17.02
C LEU F 135 0.21 40.15 18.09
N VAL F 136 -0.64 39.22 17.68
CA VAL F 136 -1.12 38.19 18.58
C VAL F 136 -0.31 36.94 18.25
N PHE F 137 0.50 36.48 19.20
CA PHE F 137 1.31 35.28 18.99
C PHE F 137 0.67 34.11 19.73
N LEU F 138 0.70 32.95 19.09
CA LEU F 138 0.16 31.73 19.69
C LEU F 138 1.27 30.70 19.78
N PHE F 139 1.29 29.95 20.88
CA PHE F 139 2.28 28.90 21.03
C PHE F 139 1.59 27.61 20.60
N VAL F 140 2.14 26.95 19.58
CA VAL F 140 1.58 25.70 19.10
C VAL F 140 2.52 24.59 19.52
N GLY F 141 2.11 23.82 20.52
CA GLY F 141 2.96 22.75 21.00
C GLY F 141 2.36 22.04 22.19
N ASP F 142 3.07 21.05 22.71
CA ASP F 142 2.59 20.28 23.83
C ASP F 142 3.38 20.56 25.11
N GLN F 143 4.53 21.20 24.96
CA GLN F 143 5.37 21.50 26.13
C GLN F 143 5.17 22.91 26.66
N GLU F 144 5.77 23.15 27.83
CA GLU F 144 5.70 24.45 28.48
C GLU F 144 6.39 25.43 27.55
N PRO F 145 5.79 26.60 27.33
CA PRO F 145 6.37 27.60 26.43
C PRO F 145 7.65 28.26 26.95
N HIS F 146 8.57 28.55 26.03
CA HIS F 146 9.81 29.23 26.36
C HIS F 146 9.49 30.70 26.06
N ASP F 147 10.41 31.60 26.36
CA ASP F 147 10.17 33.02 26.11
C ASP F 147 9.95 33.30 24.63
N LEU F 148 9.03 34.22 24.35
CA LEU F 148 8.72 34.60 22.98
C LEU F 148 9.98 35.11 22.30
N ALA F 149 10.82 35.79 23.08
CA ALA F 149 12.07 36.35 22.57
C ALA F 149 12.91 35.34 21.80
N GLU F 150 12.79 34.07 22.15
CA GLU F 150 13.56 33.04 21.45
C GLU F 150 13.04 32.71 20.06
N ASP F 151 11.81 33.11 19.74
CA ASP F 151 11.21 32.83 18.44
C ASP F 151 10.99 34.04 17.54
N VAL F 152 11.64 35.16 17.87
CA VAL F 152 11.53 36.37 17.05
C VAL F 152 12.95 36.88 16.81
N PRO F 153 13.17 37.64 15.74
CA PRO F 153 14.52 38.15 15.45
C PRO F 153 15.06 39.08 16.54
N PRO F 154 16.39 39.13 16.70
CA PRO F 154 16.98 40.00 17.72
C PRO F 154 16.50 41.43 17.48
N GLY F 155 16.16 42.12 18.56
CA GLY F 155 15.71 43.51 18.44
C GLY F 155 14.23 43.74 18.17
N PHE F 156 13.51 42.71 17.75
CA PHE F 156 12.09 42.88 17.46
C PHE F 156 11.28 43.34 18.68
N LEU F 157 11.70 42.89 19.87
CA LEU F 157 10.98 43.24 21.08
C LEU F 157 11.58 44.43 21.84
N ASP F 158 12.49 45.18 21.21
CA ASP F 158 13.07 46.35 21.87
C ASP F 158 11.96 47.32 22.26
N ALA F 159 12.04 47.83 23.48
CA ALA F 159 11.04 48.75 24.01
C ALA F 159 10.78 49.97 23.13
N ASP F 160 11.83 50.53 22.55
CA ASP F 160 11.70 51.72 21.71
C ASP F 160 11.33 51.46 20.25
N LEU F 161 11.03 50.20 19.91
CA LEU F 161 10.69 49.86 18.53
C LEU F 161 9.20 49.94 18.23
N ALA F 162 8.81 50.92 17.40
CA ALA F 162 7.42 51.08 17.01
C ALA F 162 7.24 50.14 15.82
N VAL F 163 6.20 49.31 15.87
CA VAL F 163 5.95 48.35 14.80
C VAL F 163 4.56 48.41 14.19
N HIS F 164 4.51 48.22 12.87
CA HIS F 164 3.27 48.19 12.10
C HIS F 164 3.47 47.17 11.00
N GLY F 165 2.38 46.59 10.49
CA GLY F 165 2.53 45.61 9.43
C GLY F 165 1.24 45.20 8.76
N GLN F 166 1.34 44.25 7.84
CA GLN F 166 0.21 43.72 7.11
C GLN F 166 0.49 42.26 6.77
N HIS F 167 -0.56 41.51 6.43
CA HIS F 167 -0.37 40.11 6.07
C HIS F 167 -1.28 39.73 4.91
N ARG F 168 -0.92 38.65 4.22
CA ARG F 168 -1.69 38.16 3.10
C ARG F 168 -1.51 36.64 3.05
N VAL F 169 -2.42 35.96 2.38
CA VAL F 169 -2.33 34.51 2.24
C VAL F 169 -1.61 34.27 0.92
N VAL F 170 -0.60 33.42 0.95
CA VAL F 170 0.15 33.09 -0.25
C VAL F 170 -0.11 31.63 -0.63
N ASP F 171 -0.38 31.38 -1.90
CA ASP F 171 -0.65 30.03 -2.37
C ASP F 171 0.61 29.19 -2.56
N ALA F 172 1.33 28.94 -1.48
CA ALA F 172 2.52 28.12 -1.53
C ALA F 172 2.84 27.64 -0.13
N ASN F 173 3.61 26.57 -0.03
CA ASN F 173 4.00 26.06 1.27
C ASN F 173 4.85 27.13 1.96
N TRP F 174 4.84 27.17 3.29
CA TRP F 174 5.59 28.16 4.03
C TRP F 174 7.09 28.15 3.72
N ARG F 175 7.63 26.99 3.38
CA ARG F 175 9.05 26.90 3.07
C ARG F 175 9.41 27.71 1.83
N MET F 176 8.48 27.82 0.88
CA MET F 176 8.74 28.61 -0.31
C MET F 176 8.89 30.08 0.12
N GLY F 177 8.16 30.47 1.15
CA GLY F 177 8.24 31.82 1.66
C GLY F 177 9.61 32.07 2.30
N VAL F 178 10.03 31.17 3.17
CA VAL F 178 11.33 31.35 3.84
C VAL F 178 12.52 31.17 2.89
N GLU F 179 12.39 30.27 1.91
CA GLU F 179 13.47 30.06 0.94
C GLU F 179 13.63 31.31 0.09
N ASN F 180 12.50 31.90 -0.30
CA ASN F 180 12.49 33.12 -1.09
C ASN F 180 13.01 34.30 -0.25
N GLY F 181 12.57 34.37 1.00
CA GLY F 181 12.98 35.46 1.88
C GLY F 181 14.46 35.50 2.25
N PHE F 182 15.07 34.35 2.49
CA PHE F 182 16.47 34.29 2.87
C PHE F 182 17.43 33.96 1.70
N ASP F 183 16.90 33.95 0.49
CA ASP F 183 17.68 33.67 -0.71
C ASP F 183 18.71 34.79 -0.90
N ALA F 184 19.94 34.54 -0.49
CA ALA F 184 21.03 35.53 -0.55
C ALA F 184 21.24 36.31 -1.86
N GLY F 185 21.13 35.65 -3.01
CA GLY F 185 21.36 36.38 -4.24
C GLY F 185 20.18 36.50 -5.20
N HIS F 186 19.06 37.07 -4.73
CA HIS F 186 17.89 37.19 -5.59
C HIS F 186 17.41 38.59 -5.98
N VAL F 187 18.20 39.62 -5.71
CA VAL F 187 17.82 41.01 -6.05
C VAL F 187 17.43 41.22 -7.52
N PHE F 188 17.87 40.33 -8.40
CA PHE F 188 17.54 40.43 -9.83
C PHE F 188 16.03 40.51 -10.07
N ILE F 189 15.26 39.78 -9.26
CA ILE F 189 13.81 39.76 -9.39
C ILE F 189 13.16 41.10 -9.02
N HIS F 190 13.92 41.95 -8.32
CA HIS F 190 13.42 43.25 -7.88
C HIS F 190 13.95 44.43 -8.72
N LYS F 191 14.63 44.16 -9.82
CA LYS F 191 15.22 45.21 -10.66
C LYS F 191 14.27 46.26 -11.23
N SER F 192 12.96 45.99 -11.23
CA SER F 192 12.01 46.95 -11.78
C SER F 192 11.10 47.55 -10.71
N SER F 193 11.37 47.26 -9.44
CA SER F 193 10.54 47.77 -8.36
C SER F 193 10.45 49.29 -8.32
N ILE F 194 9.24 49.80 -8.07
CA ILE F 194 9.01 51.23 -7.98
C ILE F 194 9.75 51.83 -6.79
N LEU F 195 10.21 50.96 -5.89
CA LEU F 195 10.93 51.40 -4.70
C LEU F 195 12.33 51.92 -5.04
N LEU F 196 12.89 51.46 -6.15
CA LEU F 196 14.24 51.88 -6.54
C LEU F 196 14.37 53.38 -6.73
N ASP F 197 13.64 53.95 -7.69
CA ASP F 197 13.71 55.40 -7.90
C ASP F 197 12.79 56.07 -6.88
N GLY F 198 11.92 55.28 -6.25
CA GLY F 198 10.99 55.83 -5.28
C GLY F 198 11.63 56.22 -3.96
N ASN F 199 12.70 55.54 -3.59
CA ASN F 199 13.40 55.87 -2.36
C ASN F 199 14.89 56.01 -2.63
N ASP F 200 15.23 56.17 -3.90
CA ASP F 200 16.61 56.34 -4.33
C ASP F 200 17.54 55.31 -3.71
N ILE F 201 17.20 54.04 -3.91
CA ILE F 201 17.97 52.95 -3.35
C ILE F 201 18.88 52.30 -4.39
N ALA F 202 20.09 51.93 -3.95
CA ALA F 202 21.04 51.28 -4.84
C ALA F 202 20.67 49.79 -4.85
N LEU F 203 20.68 49.19 -6.02
CA LEU F 203 20.37 47.76 -6.11
C LEU F 203 21.11 47.12 -7.26
N PRO F 204 22.12 46.30 -6.97
CA PRO F 204 22.86 45.65 -8.05
C PRO F 204 21.98 44.55 -8.64
N LEU F 205 22.49 43.89 -9.68
CA LEU F 205 21.76 42.80 -10.33
C LEU F 205 22.05 41.48 -9.64
N GLY F 206 23.16 41.45 -8.91
CA GLY F 206 23.55 40.24 -8.20
C GLY F 206 24.89 40.42 -7.54
N PHE F 207 25.53 39.32 -7.14
CA PHE F 207 26.81 39.37 -6.47
C PHE F 207 27.73 38.24 -6.87
N ALA F 208 29.03 38.53 -6.90
CA ALA F 208 30.03 37.52 -7.22
C ALA F 208 30.57 37.14 -5.83
N PRO F 209 30.05 36.05 -5.24
CA PRO F 209 30.43 35.57 -3.91
C PRO F 209 31.93 35.34 -3.67
N GLY F 210 32.35 35.62 -2.45
CA GLY F 210 33.73 35.40 -2.08
C GLY F 210 33.84 33.97 -1.58
N ASP F 211 34.75 33.74 -0.64
CA ASP F 211 34.96 32.41 -0.07
C ASP F 211 33.70 31.88 0.63
N PRO F 212 33.27 30.66 0.24
CA PRO F 212 32.09 30.00 0.81
C PRO F 212 31.99 30.05 2.34
N GLU F 213 33.12 29.80 3.01
CA GLU F 213 33.14 29.78 4.46
C GLU F 213 32.96 31.14 5.13
N GLN F 214 32.98 32.21 4.35
CA GLN F 214 32.80 33.54 4.92
C GLN F 214 31.45 34.15 4.56
N LEU F 215 30.63 33.41 3.81
CA LEU F 215 29.34 33.92 3.37
C LEU F 215 28.25 33.90 4.45
N THR F 216 28.46 33.13 5.51
CA THR F 216 27.45 33.05 6.56
C THR F 216 28.02 32.91 7.97
N ARG F 217 27.16 33.15 8.95
CA ARG F 217 27.48 33.01 10.35
C ARG F 217 26.20 32.49 11.02
N SER F 218 26.32 31.41 11.77
CA SER F 218 25.15 30.83 12.44
C SER F 218 25.21 31.07 13.95
N VAL F 219 24.05 31.33 14.54
CA VAL F 219 23.93 31.57 15.99
C VAL F 219 23.13 30.39 16.54
N THR F 220 23.80 29.60 17.37
CA THR F 220 23.22 28.37 17.92
C THR F 220 23.10 28.28 19.45
N GLY F 221 23.39 29.37 20.15
CA GLY F 221 23.33 29.36 21.60
C GLY F 221 21.96 29.24 22.25
N GLU F 222 21.93 28.70 23.46
CA GLU F 222 20.69 28.53 24.22
C GLU F 222 20.24 29.85 24.82
N GLY F 223 18.95 29.95 25.12
CA GLY F 223 18.40 31.15 25.73
C GLY F 223 18.26 32.35 24.81
N ALA F 224 18.53 32.15 23.53
CA ALA F 224 18.41 33.24 22.57
C ALA F 224 17.95 32.68 21.23
N PRO F 225 17.41 33.54 20.35
CA PRO F 225 16.95 33.07 19.04
C PRO F 225 18.09 32.44 18.25
N LYS F 226 17.80 31.37 17.52
CA LYS F 226 18.80 30.68 16.72
C LYS F 226 18.56 30.97 15.24
N GLY F 227 19.60 31.35 14.53
CA GLY F 227 19.44 31.66 13.13
C GLY F 227 20.73 31.78 12.33
N VAL F 228 20.61 32.29 11.12
CA VAL F 228 21.75 32.45 10.23
C VAL F 228 21.84 33.87 9.68
N PHE F 229 23.05 34.42 9.64
CA PHE F 229 23.27 35.75 9.09
C PHE F 229 23.80 35.58 7.67
N ASP F 230 23.22 36.32 6.74
CA ASP F 230 23.65 36.28 5.35
C ASP F 230 24.71 37.37 5.20
N LEU F 231 25.96 36.97 4.97
CA LEU F 231 27.06 37.92 4.85
C LEU F 231 27.56 38.12 3.41
N LEU F 232 26.71 37.79 2.43
CA LEU F 232 27.10 37.94 1.02
C LEU F 232 27.55 39.39 0.79
N GLY F 233 26.91 40.31 1.52
CA GLY F 233 27.24 41.72 1.41
C GLY F 233 28.71 42.04 1.68
N GLU F 234 29.24 41.59 2.80
CA GLU F 234 30.66 41.87 3.14
C GLU F 234 31.64 41.05 2.31
N HIS F 235 31.20 39.95 1.73
CA HIS F 235 32.13 39.12 0.97
C HIS F 235 31.73 38.81 -0.46
N SER F 236 31.74 39.83 -1.31
CA SER F 236 31.39 39.65 -2.72
C SER F 236 31.59 40.93 -3.51
N VAL F 237 31.50 40.79 -4.83
CA VAL F 237 31.62 41.92 -5.74
C VAL F 237 30.25 42.10 -6.38
N PRO F 238 29.58 43.24 -6.11
CA PRO F 238 28.27 43.49 -6.69
C PRO F 238 28.31 43.61 -8.21
N ILE F 239 27.30 43.05 -8.87
CA ILE F 239 27.22 43.09 -10.32
C ILE F 239 26.23 44.16 -10.78
N PHE F 240 26.75 45.19 -11.43
CA PHE F 240 25.92 46.29 -11.93
C PHE F 240 25.77 46.26 -13.44
N GLU F 241 26.65 45.54 -14.11
CA GLU F 241 26.58 45.44 -15.57
C GLU F 241 26.74 43.98 -15.98
N ALA F 242 25.63 43.37 -16.37
CA ALA F 242 25.64 41.97 -16.77
C ALA F 242 25.80 41.82 -18.28
N THR F 243 26.45 40.75 -18.69
CA THR F 243 26.66 40.50 -20.11
C THR F 243 26.21 39.09 -20.49
N ILE F 244 26.02 38.90 -21.79
CA ILE F 244 25.64 37.60 -22.33
C ILE F 244 26.56 37.31 -23.50
N GLU F 245 27.33 36.24 -23.38
CA GLU F 245 28.27 35.84 -24.42
C GLU F 245 29.17 37.01 -24.84
N GLY F 246 29.63 37.77 -23.84
CA GLY F 246 30.52 38.89 -24.08
C GLY F 246 29.89 40.24 -24.36
N GLN F 247 28.59 40.27 -24.67
CA GLN F 247 27.92 41.52 -24.98
C GLN F 247 27.09 42.09 -23.84
N PRO F 248 26.95 43.43 -23.78
CA PRO F 248 26.17 44.06 -22.71
C PRO F 248 24.75 43.50 -22.77
N ALA F 249 24.16 43.22 -21.61
CA ALA F 249 22.81 42.66 -21.59
C ALA F 249 21.85 43.53 -20.79
N ILE F 250 22.22 43.81 -19.54
CA ILE F 250 21.36 44.62 -18.68
C ILE F 250 22.23 45.22 -17.56
N GLN F 251 21.75 46.28 -16.93
CA GLN F 251 22.49 46.93 -15.87
C GLN F 251 21.68 47.15 -14.60
N GLY F 252 22.38 47.30 -13.47
CA GLY F 252 21.75 47.51 -12.19
C GLY F 252 21.27 48.93 -11.97
N HIS F 253 21.01 49.26 -10.70
CA HIS F 253 20.51 50.59 -10.36
C HIS F 253 21.31 51.25 -9.25
N MET F 254 21.85 52.44 -9.52
CA MET F 254 22.62 53.16 -8.51
C MET F 254 21.69 54.04 -7.69
N GLY F 255 22.10 54.34 -6.46
CA GLY F 255 21.28 55.18 -5.61
C GLY F 255 22.07 55.64 -4.40
N SER F 256 21.55 56.65 -3.70
CA SER F 256 22.22 57.19 -2.53
C SER F 256 22.06 56.34 -1.27
N LYS F 257 20.98 55.58 -1.19
CA LYS F 257 20.72 54.78 0.00
C LYS F 257 21.10 53.31 -0.09
N MET F 258 21.78 52.84 0.97
CA MET F 258 22.21 51.45 1.07
C MET F 258 21.27 50.76 2.05
N VAL F 259 20.56 49.73 1.58
CA VAL F 259 19.64 49.01 2.44
C VAL F 259 19.96 47.52 2.43
N ALA F 260 19.31 46.77 3.32
CA ALA F 260 19.52 45.33 3.43
C ALA F 260 21.00 45.02 3.62
N ILE F 261 21.63 45.75 4.55
CA ILE F 261 23.05 45.56 4.84
C ILE F 261 23.20 44.28 5.66
N SER F 262 22.24 44.03 6.53
CA SER F 262 22.26 42.85 7.37
C SER F 262 20.97 42.06 7.19
N ILE F 263 21.10 40.82 6.73
CA ILE F 263 19.94 39.95 6.53
C ILE F 263 20.14 38.67 7.33
N SER F 264 19.12 38.29 8.09
CA SER F 264 19.19 37.09 8.90
C SER F 264 17.84 36.39 8.99
N VAL F 265 17.86 35.08 9.19
CA VAL F 265 16.64 34.30 9.33
C VAL F 265 16.74 33.54 10.63
N TRP F 266 15.61 33.39 11.32
CA TRP F 266 15.59 32.73 12.61
C TRP F 266 14.44 31.73 12.77
N LEU F 267 14.67 30.67 13.55
CA LEU F 267 13.62 29.70 13.81
C LEU F 267 12.52 30.47 14.55
N PRO F 268 11.26 30.09 14.34
CA PRO F 268 10.75 28.99 13.51
C PRO F 268 10.73 29.29 12.00
N GLY F 269 11.14 30.49 11.62
CA GLY F 269 11.15 30.86 10.21
C GLY F 269 10.74 32.31 10.02
N VAL F 270 11.58 33.22 10.51
CA VAL F 270 11.28 34.64 10.41
C VAL F 270 12.52 35.41 9.97
N LEU F 271 12.32 36.31 9.03
CA LEU F 271 13.38 37.11 8.45
C LEU F 271 13.53 38.51 9.06
N LYS F 272 14.75 39.01 9.05
CA LYS F 272 15.06 40.35 9.54
C LYS F 272 15.98 40.99 8.49
N VAL F 273 15.52 42.08 7.89
CA VAL F 273 16.28 42.80 6.87
C VAL F 273 16.55 44.18 7.45
N ASP F 274 17.82 44.47 7.71
CA ASP F 274 18.20 45.72 8.33
C ASP F 274 19.36 46.43 7.64
N PRO F 275 19.15 47.69 7.21
CA PRO F 275 17.91 48.46 7.31
C PRO F 275 17.11 48.31 6.01
N PHE F 276 15.78 48.39 6.10
CA PHE F 276 14.94 48.24 4.92
C PHE F 276 13.49 48.57 5.28
N PRO F 277 12.74 49.18 4.35
CA PRO F 277 13.12 49.61 3.00
C PRO F 277 13.85 50.96 2.96
N ASP F 278 14.18 51.47 4.14
CA ASP F 278 14.87 52.76 4.26
C ASP F 278 15.89 52.67 5.39
N PRO F 279 16.95 53.47 5.33
CA PRO F 279 17.97 53.45 6.39
C PRO F 279 17.40 53.62 7.79
N THR F 280 16.23 54.24 7.88
CA THR F 280 15.61 54.47 9.18
C THR F 280 14.63 53.36 9.58
N LEU F 281 14.53 52.31 8.78
CA LEU F 281 13.60 51.22 9.08
C LEU F 281 14.22 49.82 9.10
N THR F 282 13.47 48.88 9.66
CA THR F 282 13.88 47.48 9.73
C THR F 282 12.65 46.64 9.37
N GLN F 283 12.84 45.68 8.48
CA GLN F 283 11.73 44.82 8.07
C GLN F 283 11.84 43.41 8.63
N PHE F 284 10.73 42.89 9.15
CA PHE F 284 10.66 41.55 9.72
C PHE F 284 9.54 40.81 9.00
N GLU F 285 9.82 39.60 8.54
CA GLU F 285 8.81 38.81 7.83
C GLU F 285 8.62 37.42 8.41
N TRP F 286 7.37 36.97 8.45
CA TRP F 286 7.01 35.64 8.92
C TRP F 286 6.32 34.93 7.76
N TYR F 287 6.44 33.61 7.73
CA TYR F 287 5.81 32.79 6.69
C TYR F 287 5.14 31.70 7.51
N VAL F 288 4.03 32.05 8.13
CA VAL F 288 3.31 31.13 8.99
C VAL F 288 2.52 30.09 8.21
N PRO F 289 2.79 28.80 8.49
CA PRO F 289 2.07 27.73 7.80
C PRO F 289 0.58 27.79 8.14
N ILE F 290 -0.28 27.71 7.11
CA ILE F 290 -1.71 27.68 7.34
C ILE F 290 -2.05 26.19 7.18
N ASP F 291 -1.69 25.64 6.02
CA ASP F 291 -1.86 24.21 5.75
C ASP F 291 -0.73 23.89 4.78
N GLU F 292 -0.71 22.67 4.24
CA GLU F 292 0.38 22.29 3.34
C GLU F 292 0.60 23.17 2.12
N GLY F 293 -0.47 23.75 1.57
CA GLY F 293 -0.32 24.57 0.38
C GLY F 293 -0.40 26.08 0.53
N HIS F 294 -0.52 26.59 1.76
CA HIS F 294 -0.63 28.03 1.98
C HIS F 294 0.08 28.52 3.23
N HIS F 295 0.52 29.77 3.19
CA HIS F 295 1.14 30.37 4.36
C HIS F 295 0.70 31.81 4.51
N LEU F 296 0.80 32.32 5.72
CA LEU F 296 0.44 33.70 6.02
C LEU F 296 1.74 34.51 5.91
N TYR F 297 1.82 35.36 4.90
CA TYR F 297 3.00 36.20 4.71
C TYR F 297 2.77 37.49 5.50
N LEU F 298 3.45 37.59 6.63
CA LEU F 298 3.35 38.73 7.53
C LEU F 298 4.56 39.67 7.36
N GLN F 299 4.30 40.92 6.99
CA GLN F 299 5.36 41.91 6.80
C GLN F 299 5.27 43.01 7.83
N MET F 300 6.26 43.10 8.72
CA MET F 300 6.28 44.12 9.76
C MET F 300 7.42 45.11 9.53
N LEU F 301 7.15 46.39 9.77
CA LEU F 301 8.15 47.44 9.63
C LEU F 301 8.33 48.09 10.99
N GLY F 302 9.58 48.24 11.42
CA GLY F 302 9.83 48.86 12.71
C GLY F 302 10.80 50.03 12.64
N ARG F 303 10.61 51.00 13.52
CA ARG F 303 11.47 52.18 13.59
C ARG F 303 11.64 52.58 15.05
N ARG F 304 12.88 52.80 15.47
CA ARG F 304 13.13 53.22 16.84
C ARG F 304 12.49 54.59 17.05
N VAL F 305 11.70 54.72 18.10
CA VAL F 305 11.00 55.96 18.40
C VAL F 305 11.28 56.42 19.82
N GLY F 306 11.43 57.74 19.99
CA GLY F 306 11.71 58.29 21.31
C GLY F 306 10.63 59.18 21.87
N SER F 307 9.52 59.31 21.14
CA SER F 307 8.41 60.13 21.59
C SER F 307 7.13 59.68 20.91
N GLU F 308 6.00 59.90 21.58
CA GLU F 308 4.70 59.52 21.02
C GLU F 308 4.43 60.28 19.73
N GLU F 309 5.08 61.43 19.59
CA GLU F 309 4.90 62.24 18.38
C GLU F 309 5.52 61.58 17.16
N GLU F 310 6.76 61.12 17.29
CA GLU F 310 7.40 60.46 16.17
C GLU F 310 6.85 59.06 15.97
N ALA F 311 6.12 58.57 16.98
CA ALA F 311 5.49 57.26 16.91
C ALA F 311 4.27 57.43 16.02
N ARG F 312 3.55 58.52 16.24
CA ARG F 312 2.37 58.83 15.45
C ARG F 312 2.82 59.22 14.04
N SER F 313 4.04 59.72 13.95
CA SER F 313 4.62 60.13 12.67
C SER F 313 4.95 58.91 11.82
N PHE F 314 5.53 57.89 12.46
CA PHE F 314 5.88 56.67 11.75
C PHE F 314 4.60 55.98 11.25
N GLU F 315 3.60 55.91 12.13
CA GLU F 315 2.33 55.29 11.79
C GLU F 315 1.75 55.86 10.49
N ALA F 316 1.85 57.17 10.34
CA ALA F 316 1.32 57.84 9.15
C ALA F 316 2.17 57.55 7.91
N GLU F 317 3.48 57.54 8.07
CA GLU F 317 4.38 57.26 6.96
C GLU F 317 4.21 55.81 6.53
N PHE F 318 4.00 54.92 7.50
CA PHE F 318 3.79 53.51 7.20
C PHE F 318 2.62 53.34 6.25
N ARG F 319 1.45 53.85 6.65
CA ARG F 319 0.24 53.74 5.83
C ARG F 319 0.24 54.54 4.54
N GLU F 320 0.74 55.77 4.62
CA GLU F 320 0.73 56.66 3.46
C GLU F 320 1.83 56.44 2.44
N LYS F 321 2.92 55.79 2.83
CA LYS F 321 4.02 55.62 1.90
C LYS F 321 4.59 54.20 1.75
N TRP F 322 5.15 53.68 2.83
CA TRP F 322 5.79 52.38 2.82
C TRP F 322 4.97 51.16 2.40
N VAL F 323 3.71 51.11 2.80
CA VAL F 323 2.87 49.99 2.44
C VAL F 323 2.82 49.76 0.93
N GLU F 324 2.52 50.81 0.18
CA GLU F 324 2.43 50.68 -1.27
C GLU F 324 3.77 50.74 -1.98
N LEU F 325 4.69 51.56 -1.48
CA LEU F 325 6.00 51.70 -2.10
C LEU F 325 6.89 50.48 -1.92
N ALA F 326 6.91 49.92 -0.72
CA ALA F 326 7.77 48.78 -0.43
C ALA F 326 7.06 47.45 -0.19
N LEU F 327 6.27 47.36 0.86
CA LEU F 327 5.58 46.12 1.19
C LEU F 327 4.89 45.51 -0.01
N ASN F 328 4.29 46.36 -0.86
CA ASN F 328 3.66 45.87 -2.07
C ASN F 328 4.57 46.17 -3.26
N GLY F 329 5.03 47.41 -3.34
CA GLY F 329 5.89 47.83 -4.44
C GLY F 329 7.16 47.02 -4.63
N PHE F 330 7.75 46.55 -3.54
CA PHE F 330 8.97 45.77 -3.63
C PHE F 330 8.67 44.27 -3.54
N ASN F 331 8.01 43.87 -2.46
CA ASN F 331 7.70 42.45 -2.24
C ASN F 331 6.66 41.74 -3.11
N ASP F 332 5.79 42.47 -3.79
CA ASP F 332 4.80 41.79 -4.64
C ASP F 332 5.47 40.88 -5.66
N ASP F 333 6.66 41.26 -6.11
CA ASP F 333 7.39 40.44 -7.08
C ASP F 333 7.90 39.13 -6.49
N ASP F 334 7.96 39.03 -5.16
CA ASP F 334 8.44 37.80 -4.52
C ASP F 334 7.38 36.69 -4.59
N ILE F 335 6.11 37.08 -4.67
CA ILE F 335 5.02 36.11 -4.71
C ILE F 335 5.12 35.12 -5.87
N LEU F 336 5.47 35.62 -7.05
CA LEU F 336 5.60 34.77 -8.23
C LEU F 336 6.68 33.72 -7.98
N ALA F 337 7.78 34.12 -7.36
CA ALA F 337 8.88 33.20 -7.07
C ALA F 337 8.38 32.04 -6.21
N ARG F 338 7.65 32.36 -5.16
CA ARG F 338 7.12 31.33 -4.25
C ARG F 338 6.15 30.39 -4.98
N ARG F 339 5.26 30.95 -5.78
CA ARG F 339 4.28 30.15 -6.51
C ARG F 339 4.91 29.28 -7.58
N SER F 340 5.93 29.80 -8.24
CA SER F 340 6.58 29.04 -9.32
C SER F 340 7.48 27.93 -8.79
N MET F 341 8.08 28.11 -7.62
CA MET F 341 8.92 27.06 -7.05
C MET F 341 8.02 26.01 -6.40
N GLU F 342 6.88 26.44 -5.88
CA GLU F 342 5.95 25.55 -5.18
C GLU F 342 5.80 24.12 -5.73
N PRO F 343 5.38 23.96 -7.00
CA PRO F 343 5.22 22.59 -7.53
C PRO F 343 6.51 21.76 -7.59
N PHE F 344 7.64 22.43 -7.80
CA PHE F 344 8.93 21.74 -7.88
C PHE F 344 9.28 21.09 -6.55
N TYR F 345 8.90 21.74 -5.46
CA TYR F 345 9.21 21.24 -4.12
C TYR F 345 8.05 20.56 -3.39
N ALA F 346 6.83 20.77 -3.86
CA ALA F 346 5.65 20.19 -3.22
C ALA F 346 5.69 18.67 -3.05
N ASP F 347 6.28 17.97 -4.02
CA ASP F 347 6.36 16.52 -3.94
C ASP F 347 7.72 16.01 -3.45
N ASP F 348 8.52 16.91 -2.90
CA ASP F 348 9.84 16.58 -2.37
C ASP F 348 10.94 16.38 -3.41
N ARG F 349 10.58 16.32 -4.69
CA ARG F 349 11.58 16.12 -5.73
C ARG F 349 12.58 17.27 -5.83
N GLY F 350 12.08 18.50 -5.67
CA GLY F 350 12.93 19.68 -5.76
C GLY F 350 14.17 19.65 -4.90
N TRP F 351 14.07 19.20 -3.66
CA TRP F 351 15.20 19.15 -2.76
C TRP F 351 16.37 18.34 -3.30
N ARG F 352 16.08 17.37 -4.15
CA ARG F 352 17.13 16.53 -4.72
C ARG F 352 17.50 16.92 -6.15
N GLU F 353 16.56 17.55 -6.87
CA GLU F 353 16.82 17.92 -8.25
C GLU F 353 17.32 19.34 -8.50
N GLU F 354 17.14 20.23 -7.53
CA GLU F 354 17.59 21.62 -7.67
C GLU F 354 19.10 21.62 -7.97
N VAL F 355 19.56 22.61 -8.73
CA VAL F 355 20.99 22.75 -9.01
C VAL F 355 21.38 24.09 -8.40
N LEU F 356 21.91 24.04 -7.18
CA LEU F 356 22.27 25.26 -6.48
C LEU F 356 23.62 25.81 -6.89
N PHE F 357 23.83 27.11 -6.65
CA PHE F 357 25.13 27.69 -6.96
C PHE F 357 25.66 28.47 -5.77
N GLU F 358 26.76 29.20 -5.98
CA GLU F 358 27.43 29.93 -4.91
C GLU F 358 26.63 30.72 -3.88
N SER F 359 25.71 31.57 -4.31
CA SER F 359 24.92 32.36 -3.36
C SER F 359 23.94 31.56 -2.53
N ASP F 360 23.77 30.27 -2.85
CA ASP F 360 22.83 29.42 -2.11
C ASP F 360 23.41 28.87 -0.82
N ARG F 361 24.64 29.25 -0.48
CA ARG F 361 25.25 28.77 0.76
C ARG F 361 24.41 29.16 1.98
N ALA F 362 23.88 30.38 1.97
CA ALA F 362 23.06 30.88 3.07
C ALA F 362 21.84 30.00 3.34
N ILE F 363 21.07 29.69 2.29
CA ILE F 363 19.88 28.88 2.49
C ILE F 363 20.24 27.47 2.98
N ILE F 364 21.35 26.92 2.49
CA ILE F 364 21.78 25.60 2.93
C ILE F 364 22.07 25.62 4.43
N GLU F 365 22.67 26.71 4.91
CA GLU F 365 22.97 26.84 6.34
C GLU F 365 21.68 26.94 7.13
N TRP F 366 20.66 27.57 6.55
CA TRP F 366 19.36 27.69 7.21
C TRP F 366 18.70 26.31 7.31
N ARG F 367 18.74 25.55 6.21
CA ARG F 367 18.14 24.22 6.19
C ARG F 367 18.78 23.32 7.25
N ARG F 368 20.10 23.41 7.37
CA ARG F 368 20.83 22.60 8.35
C ARG F 368 20.46 23.02 9.77
N LEU F 369 20.50 24.32 10.04
CA LEU F 369 20.18 24.82 11.38
C LEU F 369 18.74 24.54 11.76
N ALA F 370 17.83 24.78 10.83
CA ALA F 370 16.41 24.55 11.09
C ALA F 370 16.16 23.07 11.40
N SER F 371 16.80 22.20 10.63
CA SER F 371 16.64 20.76 10.82
C SER F 371 17.12 20.31 12.19
N GLN F 372 18.29 20.80 12.59
CA GLN F 372 18.87 20.41 13.85
C GLN F 372 18.22 21.02 15.10
N TYR F 373 17.91 22.31 15.04
CA TYR F 373 17.37 23.00 16.21
C TYR F 373 15.87 23.26 16.35
N ASN F 374 15.05 22.84 15.39
CA ASN F 374 13.61 23.08 15.52
C ASN F 374 13.13 22.24 16.71
N ARG F 375 12.08 22.69 17.38
CA ARG F 375 11.58 21.98 18.55
C ARG F 375 10.53 20.91 18.26
N GLY F 376 10.42 20.50 17.00
CA GLY F 376 9.44 19.47 16.67
C GLY F 376 8.85 19.63 15.27
N ILE F 377 8.59 18.51 14.61
CA ILE F 377 8.01 18.55 13.28
C ILE F 377 6.50 18.42 13.42
N GLN F 378 5.78 19.45 12.98
CA GLN F 378 4.32 19.42 13.06
C GLN F 378 3.77 18.37 12.10
N THR F 379 2.86 17.53 12.60
CA THR F 379 2.24 16.50 11.79
C THR F 379 0.74 16.56 12.04
N ARG F 380 -0.05 15.95 11.17
CA ARG F 380 -1.49 15.95 11.36
C ARG F 380 -2.02 14.51 11.43
#